data_8YAB
#
_entry.id   8YAB
#
_cell.length_a   1.00
_cell.length_b   1.00
_cell.length_c   1.00
_cell.angle_alpha   90.00
_cell.angle_beta   90.00
_cell.angle_gamma   90.00
#
_symmetry.space_group_name_H-M   'P 1'
#
loop_
_entity.id
_entity.type
_entity.pdbx_description
1 polymer 'AP-5 complex subunit zeta-1'
2 polymer 'AP-5 complex subunit beta-1'
3 polymer 'AP-5 complex subunit sigma-1'
4 polymer 'AP-5 complex subunit mu-1'
5 polymer Spatacsin
#
loop_
_entity_poly.entity_id
_entity_poly.type
_entity_poly.pdbx_seq_one_letter_code
_entity_poly.pdbx_strand_id
1 'polypeptide(L)'
;MAFSAGAESLLHQAREIQDEELRRFCSRVTKLLQEAPGPATVDALQRLFLIVSATKYPRRLEKMCVDLLQTTLCLPASPE
QLQVLCAAILREMSPFNDLALSCDHTPNTRQLSLVASVLLAQGDRKGEIRCVSQRIFKILENRQPEGPSVRPLLPILSKV
IGLAPGILMEDQTNLLSKRLVDWLRYASIQQGLPYSGGFFSTPRTRQPGPITEVDGAVASDFFTVLSTGQHFTEDQWVNM
QAFSMLRKWLLHSGPEDPCSPDADDKSELEGSTLSVLSAASTASRLLPPRERLREVAFEYCQRLLEQSNRRALRKGDSDL
QKACLVEAVSVLDVLCRQDPSFLYRTLSCLKALHRRLGEDPGSERALVPLAQFFLNHGEAAAMDAEAVYGQLLRGLPSER
FHSPTLAFEVIHFCTHNLALFDSHFLSLLRLSFPSLFKFLAWNSPPLTAEFVVLLPALVDAGTAVEMLHALLDLPCLTAA
LDLQLRSTQTPSERLLWDISLRVPSCLEAFQDPQFQGLFRHLLRTKASGSTERLTPLHQVLKPMASCARVTQCAEAVPVL
LQAFFSAVTQTADGALINQLALLLLERSDSLYPVPQYEARVHGVLSSQLLVLCKLKPSLVVELSRELLEFVGSVSSIHSR
ASVFTCVVWAIGEYLSVTWDKRCTAEQINKFFEALEALLFEVTQSRPLADLPCCPPEVVTALMTTLTKLASRSQDLIPRV
SLFLSKMRTLAQNPATSSVHSEEGAESIRTRASELLTLLKMPSVAQFVFTPPAGVCQPRYHRDTNVALPLALRTVSRLVE
KEAGLLPG
;
A
2 'polypeptide(L)'
;MGPLSRDAWAQRLGAFRASPSAFMAGPEGEDLGRDLLSDLRSEKLSEQTKVSLLALSMEYPAQLWPDASAAEVAATSLLD
TLVLLPPRPSALRRPLLLAATTALAAGGALGPTSGASCRLLPLLLGLAAGSDLGRGFVPASEQRPLQATACECLRELESC
KPGLLGGSLGLLRGLLGQEGPVQPLSLLLALALRNTLVLQSRVGAGLGGLLTDKVSPTGGGPWDWTLVEEGDGRLQPQAP
SWPAAEEGEGERSLTAREHSPEEARELRAAVIQLLDTSYLLTPVAQAQLLWLLGWALRGLQGQPPALFKPQLVRLLGTAQ
LTLLHAMLALKAAFGEALFTAQDEALLLRRLTLAAQHPALPPPTHLFYLHCVLSFPENWPLGPEGEEAAPLLLGPQLCRG
LLPSLLHDPMALLARLHLLCLLCAEEEEEEKGQLPSPRHYLEELLAGLRQRAALDGGPRALATLCFQASYLVACCLAGQP
TVLTPLIHGLAQLYQARPMLAPHFVDLLDQVDSELREPLKVVLRQVVVSRPGRDEALCWHLQMLAKVADGDAQSATLNFL
QAAAAHCTNWDLQQGLLRVCRALLRAGVRGGLVDLLQVLARQLEDPDGRDHARLYYILLAHLAAPKLGVALGPSLAAPAL
ASSLVAENQGFVAALMVQEAPALVRLSLGSHRVKGPLPVLKLQPEALEPIYSLELRFRVEGQLYAPLEAVHVPCLCPGRP
ARPLLLPLQPRCPAPARLDVHALYTTSTGLTCHAHLPPLFVNFADLFLPFPQPPEGAGLGFFEELWDSCLPEGAESRVWC
PLGPQGLEGLVSRHLEPFVVVAQPPTSYCVAIHLPPDSKLLLRLEAALADGVPVALRTDDWAVLPLAGDYLRGLAAAV
;
B
3 'polypeptide(L)'
;MVHAFLIHTLRAPNTEDTGLCRVLYSCVFGAEKSPDDPRPHGAERDRLLRKEQILAVARQVESMCRLQQQASGRPPMDLQ
PQSSDEQVPLHEAPRGAFRLAAENPFQEPRTVVWLGVLSLGFALVLDAHENLLLAEGTLRLLTRLLLDHLRLLAPSTSLL
LRADRIEGILTRFLPHGQLLFLNDQFVQGLEKEFSAAWPR
;
C
4 'polypeptide(L)'
;MALRAVWLIRHEPGTPLGGTVRFSRRYPTVEKRAKAFNGMTYVPVPEDGPFLRALLFQLRLLDDDKDFMERRDGCSRINK
TSIYGLSVGGEELWPVIAFLRDSMIYASVPLVEQALSPRPPLISISGVSQGLELLLGIQDFLYSSQKNDTDLHTKLSQLP
DLLLQACPLGTLLDANLQNSLNSINSVSVTQPQKQPAWKVGAYKGKAQISISITETVKCMQYGKQDIADTWQVAGTVACK
CDLEGVMPAVTISLSLPTNGSPLQDIIVHPCVTSLDSAILTSSSIDTMDDSAFSGPYKFPFTPPLESFNLCHYTSQVPVP
PILGSYHMKEEGVQLKVTVNFKLHESVRNNFEVCEAHIPFYNRGPITHLEYKASFGQLEVFREKSLLVWIIGQKFPKSME
ISLSGTLTFGVKGHNKQPFDHICIGNTAYIKLNFRIADYTLTGCYADQHSVQVFASGKPKISAYRKLISSDYYIWNSKAP
APVTYASLLP
;
E
5 'polypeptide(L)'
;MAAEEGVASAASAGGSWGTAAMGRVLPMLLVPVPAEAMGQLGSRAQLRTQPEALGSLTAAGSLQVLSLTPGSRGGGRCCL
EGPFWHFLWEDSRNSSTPTEKPKLLALGENYELLIYEFNLKDGRCDATILYSCSREALQKLIDDQDISISLLSLRILSFH
NNTSLLFINKCVILHIIFPERDAAIRVLNCFTLPLPAQAVDMIIDTQLCRGILFVLSSLGWIYIFDVVDGTYVAHVDLAL
HKEDMCNEQQQEPAKISSFTSLKVSQDLDVAVIVSSSNSAVALNLNLYFRQHPGHLLCERILEDLPIQGPKGVDEDDPVN
SAYNMKLAKFSFQIDRSWKAQLSSLNETIKNSKLEVSCCAPWFQDILHLESPESGNHSTSVQSWAFIPQDIMHGQYNVLQ
KDHAKTSDPGRSWKIMHISEQEEPIELKCVSVTGFTALFTWEVERMGYTITLWDLETQGMQCFSLGTKCIPVDSSGDQQL
CFVLTENGLSLILFGLTQEEFLNRLMIHGSASTVDTLCHLNGWGR
;
D
#
# COMPACT_ATOMS: atom_id res chain seq x y z
N ALA A 2 -25.88 -22.75 -28.91
CA ALA A 2 -25.17 -21.63 -28.30
C ALA A 2 -23.89 -22.10 -27.62
N PHE A 3 -23.88 -22.03 -26.28
CA PHE A 3 -22.71 -22.39 -25.48
C PHE A 3 -23.12 -23.46 -24.48
N SER A 4 -22.87 -24.72 -24.83
CA SER A 4 -23.17 -25.84 -23.96
C SER A 4 -21.91 -26.31 -23.23
N ALA A 5 -22.09 -26.71 -21.97
CA ALA A 5 -20.97 -27.25 -21.21
C ALA A 5 -20.37 -28.47 -21.88
N GLY A 6 -21.18 -29.22 -22.63
CA GLY A 6 -20.65 -30.31 -23.44
C GLY A 6 -19.70 -29.81 -24.51
N ALA A 7 -20.02 -28.67 -25.12
CA ALA A 7 -19.11 -28.08 -26.10
C ALA A 7 -17.78 -27.68 -25.46
N GLU A 8 -17.84 -27.07 -24.27
CA GLU A 8 -16.63 -26.71 -23.56
C GLU A 8 -15.81 -27.96 -23.21
N SER A 9 -16.49 -29.02 -22.79
CA SER A 9 -15.80 -30.27 -22.48
C SER A 9 -15.12 -30.83 -23.73
N LEU A 10 -15.80 -30.78 -24.88
CA LEU A 10 -15.20 -31.26 -26.11
C LEU A 10 -13.96 -30.47 -26.46
N LEU A 11 -14.04 -29.14 -26.32
CA LEU A 11 -12.86 -28.31 -26.61
C LEU A 11 -11.71 -28.62 -25.67
N HIS A 12 -12.00 -28.78 -24.37
CA HIS A 12 -10.95 -29.08 -23.40
C HIS A 12 -10.33 -30.44 -23.69
N GLN A 13 -11.14 -31.42 -24.09
CA GLN A 13 -10.61 -32.73 -24.46
C GLN A 13 -9.75 -32.64 -25.71
N ALA A 14 -10.18 -31.83 -26.69
CA ALA A 14 -9.40 -31.69 -27.91
C ALA A 14 -8.06 -31.01 -27.63
N ARG A 15 -8.04 -30.09 -26.67
CA ARG A 15 -6.80 -29.38 -26.36
C ARG A 15 -5.83 -30.28 -25.60
N GLU A 16 -6.31 -31.03 -24.61
CA GLU A 16 -5.46 -31.77 -23.68
C GLU A 16 -5.47 -33.27 -23.96
N ILE A 17 -5.52 -33.67 -25.23
CA ILE A 17 -5.44 -35.08 -25.58
C ILE A 17 -4.03 -35.58 -25.31
N GLN A 18 -3.92 -36.73 -24.65
CA GLN A 18 -2.63 -37.26 -24.24
C GLN A 18 -1.79 -37.67 -25.45
N ASP A 19 -0.47 -37.63 -25.27
CA ASP A 19 0.44 -38.02 -26.34
C ASP A 19 0.27 -39.48 -26.73
N GLU A 20 0.14 -40.36 -25.72
CA GLU A 20 -0.14 -41.76 -26.01
C GLU A 20 -1.52 -41.92 -26.65
N GLU A 21 -2.51 -41.19 -26.15
CA GLU A 21 -3.82 -41.21 -26.78
C GLU A 21 -3.75 -40.66 -28.21
N LEU A 22 -2.91 -39.64 -28.42
CA LEU A 22 -2.71 -39.11 -29.77
C LEU A 22 -2.11 -40.17 -30.69
N ARG A 23 -1.12 -40.92 -30.19
CA ARG A 23 -0.53 -41.98 -30.99
C ARG A 23 -1.55 -43.07 -31.31
N ARG A 24 -2.39 -43.42 -30.33
CA ARG A 24 -3.43 -44.40 -30.57
C ARG A 24 -4.44 -43.90 -31.60
N PHE A 25 -4.80 -42.61 -31.53
CA PHE A 25 -5.72 -42.06 -32.50
C PHE A 25 -5.11 -42.01 -33.90
N CYS A 26 -3.81 -41.70 -33.98
CA CYS A 26 -3.14 -41.76 -35.28
C CYS A 26 -3.13 -43.17 -35.84
N SER A 27 -2.90 -44.16 -34.99
CA SER A 27 -2.94 -45.55 -35.43
C SER A 27 -4.35 -45.93 -35.90
N ARG A 28 -5.37 -45.47 -35.17
CA ARG A 28 -6.74 -45.72 -35.59
C ARG A 28 -7.02 -45.08 -36.94
N VAL A 29 -6.52 -43.86 -37.15
CA VAL A 29 -6.67 -43.20 -38.43
C VAL A 29 -5.97 -44.01 -39.52
N THR A 30 -4.81 -44.56 -39.21
CA THR A 30 -4.11 -45.38 -40.20
C THR A 30 -4.93 -46.60 -40.58
N LYS A 31 -5.39 -47.35 -39.58
CA LYS A 31 -6.17 -48.56 -39.83
C LYS A 31 -7.57 -48.29 -40.34
N LEU A 32 -8.02 -47.03 -40.30
CA LEU A 32 -9.38 -46.68 -40.69
C LEU A 32 -9.47 -45.94 -42.01
N LEU A 33 -8.40 -45.28 -42.44
CA LEU A 33 -8.36 -44.61 -43.73
C LEU A 33 -7.94 -45.54 -44.84
N GLN A 34 -6.93 -46.38 -44.60
CA GLN A 34 -6.52 -47.38 -45.58
C GLN A 34 -7.62 -48.41 -45.80
N GLU A 35 -8.48 -48.61 -44.81
CA GLU A 35 -9.56 -49.57 -44.90
C GLU A 35 -10.70 -48.97 -45.73
N ALA A 36 -11.86 -49.61 -45.71
CA ALA A 36 -13.02 -49.07 -46.38
C ALA A 36 -13.50 -47.82 -45.65
N PRO A 37 -13.28 -46.63 -46.20
CA PRO A 37 -13.67 -45.40 -45.48
C PRO A 37 -15.17 -45.15 -45.58
N GLY A 38 -15.86 -45.39 -44.48
CA GLY A 38 -17.28 -45.15 -44.42
C GLY A 38 -17.60 -44.01 -43.48
N PRO A 39 -18.75 -44.08 -42.81
CA PRO A 39 -19.06 -43.06 -41.79
C PRO A 39 -18.04 -43.00 -40.67
N ALA A 40 -17.31 -44.08 -40.41
CA ALA A 40 -16.23 -44.02 -39.44
C ALA A 40 -15.14 -43.04 -39.88
N THR A 41 -14.92 -42.93 -41.18
CA THR A 41 -13.91 -42.00 -41.69
C THR A 41 -14.22 -40.57 -41.25
N VAL A 42 -15.44 -40.10 -41.51
CA VAL A 42 -15.81 -38.75 -41.11
C VAL A 42 -15.91 -38.64 -39.60
N ASP A 43 -16.42 -39.68 -38.93
CA ASP A 43 -16.59 -39.63 -37.48
C ASP A 43 -15.26 -39.58 -36.75
N ALA A 44 -14.16 -39.98 -37.39
CA ALA A 44 -12.83 -39.78 -36.83
C ALA A 44 -12.14 -38.53 -37.34
N LEU A 45 -12.36 -38.15 -38.60
CA LEU A 45 -11.74 -36.95 -39.14
C LEU A 45 -12.25 -35.69 -38.44
N GLN A 46 -13.53 -35.67 -38.06
CA GLN A 46 -14.05 -34.53 -37.33
C GLN A 46 -13.32 -34.35 -36.01
N ARG A 47 -13.11 -35.45 -35.28
CA ARG A 47 -12.40 -35.37 -34.02
C ARG A 47 -10.95 -34.98 -34.23
N LEU A 48 -10.34 -35.46 -35.32
CA LEU A 48 -8.96 -35.06 -35.62
C LEU A 48 -8.88 -33.56 -35.89
N PHE A 49 -9.83 -33.02 -36.66
CA PHE A 49 -9.83 -31.58 -36.92
C PHE A 49 -10.02 -30.79 -35.64
N LEU A 50 -10.91 -31.25 -34.76
CA LEU A 50 -11.12 -30.54 -33.50
C LEU A 50 -9.86 -30.57 -32.64
N ILE A 51 -9.18 -31.71 -32.59
CA ILE A 51 -8.01 -31.81 -31.71
C ILE A 51 -6.80 -31.09 -32.29
N VAL A 52 -6.75 -30.87 -33.59
CA VAL A 52 -5.66 -30.09 -34.17
C VAL A 52 -5.94 -28.59 -34.12
N SER A 53 -7.19 -28.20 -34.40
CA SER A 53 -7.52 -26.78 -34.50
C SER A 53 -7.45 -26.08 -33.16
N ALA A 54 -7.96 -26.71 -32.12
CA ALA A 54 -8.09 -26.06 -30.81
C ALA A 54 -6.82 -26.09 -30.01
N THR A 55 -5.67 -26.31 -30.64
CA THR A 55 -4.38 -26.37 -29.95
C THR A 55 -3.45 -25.33 -30.58
N LYS A 56 -3.13 -24.28 -29.82
CA LYS A 56 -2.24 -23.24 -30.32
C LYS A 56 -0.83 -23.78 -30.53
N TYR A 57 -0.28 -24.44 -29.52
CA TYR A 57 1.04 -25.02 -29.63
C TYR A 57 1.02 -26.12 -30.69
N PRO A 58 2.15 -26.37 -31.37
CA PRO A 58 2.15 -27.32 -32.49
C PRO A 58 1.81 -28.73 -32.05
N ARG A 59 1.12 -29.45 -32.92
CA ARG A 59 0.78 -30.86 -32.72
C ARG A 59 1.30 -31.63 -33.93
N ARG A 60 2.58 -32.01 -33.87
CA ARG A 60 3.21 -32.82 -34.91
C ARG A 60 3.06 -34.27 -34.49
N LEU A 61 1.97 -34.89 -34.93
CA LEU A 61 1.65 -36.27 -34.55
C LEU A 61 2.49 -37.22 -35.40
N GLU A 62 2.14 -38.50 -35.35
CA GLU A 62 2.86 -39.50 -36.13
C GLU A 62 2.80 -39.15 -37.62
N LYS A 63 3.92 -39.37 -38.32
CA LYS A 63 3.99 -38.99 -39.72
C LYS A 63 2.94 -39.71 -40.54
N MET A 64 2.73 -41.00 -40.28
CA MET A 64 1.85 -41.81 -41.11
C MET A 64 0.50 -41.15 -41.31
N CYS A 65 -0.04 -40.51 -40.26
CA CYS A 65 -1.30 -39.79 -40.41
C CYS A 65 -1.16 -38.65 -41.42
N VAL A 66 -0.05 -37.92 -41.36
CA VAL A 66 0.15 -36.78 -42.25
C VAL A 66 0.23 -37.24 -43.70
N ASP A 67 1.04 -38.28 -43.96
CA ASP A 67 1.12 -38.78 -45.33
C ASP A 67 -0.20 -39.38 -45.78
N LEU A 68 -0.95 -39.99 -44.86
CA LEU A 68 -2.26 -40.51 -45.23
C LEU A 68 -3.19 -39.38 -45.66
N LEU A 69 -3.19 -38.28 -44.92
CA LEU A 69 -4.05 -37.15 -45.28
C LEU A 69 -3.63 -36.55 -46.61
N GLN A 70 -2.31 -36.36 -46.81
CA GLN A 70 -1.82 -35.81 -48.07
C GLN A 70 -2.20 -36.69 -49.25
N THR A 71 -2.01 -38.01 -49.10
CA THR A 71 -2.35 -38.94 -50.17
C THR A 71 -3.85 -38.99 -50.40
N THR A 72 -4.66 -38.90 -49.34
CA THR A 72 -6.10 -38.85 -49.50
C THR A 72 -6.50 -37.63 -50.33
N LEU A 73 -5.89 -36.48 -50.04
CA LEU A 73 -6.06 -35.33 -50.92
C LEU A 73 -5.63 -35.67 -52.34
N CYS A 74 -4.59 -36.48 -52.47
CA CYS A 74 -4.14 -36.93 -53.78
C CYS A 74 -4.90 -38.14 -54.29
N LEU A 75 -5.84 -38.67 -53.50
CA LEU A 75 -6.61 -39.84 -53.89
C LEU A 75 -7.95 -39.39 -54.45
N PRO A 76 -8.20 -39.54 -55.75
CA PRO A 76 -9.41 -38.94 -56.35
C PRO A 76 -10.71 -39.62 -55.94
N ALA A 77 -10.68 -40.86 -55.46
CA ALA A 77 -11.92 -41.56 -55.12
C ALA A 77 -12.58 -41.01 -53.87
N SER A 78 -11.90 -40.14 -53.12
CA SER A 78 -12.46 -39.63 -51.87
C SER A 78 -13.67 -38.75 -52.16
N PRO A 79 -14.66 -38.75 -51.27
CA PRO A 79 -15.84 -37.91 -51.49
C PRO A 79 -15.54 -36.45 -51.21
N GLU A 80 -16.52 -35.60 -51.52
CA GLU A 80 -16.35 -34.16 -51.31
C GLU A 80 -16.17 -33.84 -49.84
N GLN A 81 -16.93 -34.51 -48.96
CA GLN A 81 -16.85 -34.22 -47.54
C GLN A 81 -15.45 -34.50 -47.00
N LEU A 82 -14.93 -35.69 -47.29
CA LEU A 82 -13.61 -36.06 -46.79
C LEU A 82 -12.52 -35.19 -47.40
N GLN A 83 -12.63 -34.89 -48.70
CA GLN A 83 -11.63 -34.05 -49.34
C GLN A 83 -11.61 -32.65 -48.72
N VAL A 84 -12.78 -32.08 -48.46
CA VAL A 84 -12.85 -30.76 -47.84
C VAL A 84 -12.26 -30.80 -46.43
N LEU A 85 -12.61 -31.82 -45.65
CA LEU A 85 -12.10 -31.90 -44.29
C LEU A 85 -10.59 -32.08 -44.26
N CYS A 86 -10.05 -32.88 -45.19
CA CYS A 86 -8.60 -33.05 -45.27
C CYS A 86 -7.92 -31.75 -45.71
N ALA A 87 -8.54 -31.02 -46.65
CA ALA A 87 -8.00 -29.74 -47.07
C ALA A 87 -7.95 -28.77 -45.90
N ALA A 88 -8.99 -28.78 -45.07
CA ALA A 88 -8.95 -27.98 -43.84
C ALA A 88 -7.84 -28.45 -42.91
N ILE A 89 -7.64 -29.78 -42.84
CA ILE A 89 -6.59 -30.32 -41.98
C ILE A 89 -5.23 -29.78 -42.39
N LEU A 90 -4.98 -29.74 -43.70
CA LEU A 90 -3.69 -29.28 -44.21
C LEU A 90 -3.60 -27.77 -44.36
N ARG A 91 -4.73 -27.06 -44.30
CA ARG A 91 -4.72 -25.61 -44.28
C ARG A 91 -4.79 -25.03 -42.88
N GLU A 92 -4.89 -25.87 -41.85
CA GLU A 92 -4.81 -25.40 -40.48
C GLU A 92 -3.51 -25.82 -39.80
N MET A 93 -3.02 -27.03 -40.06
CA MET A 93 -1.77 -27.48 -39.46
C MET A 93 -0.55 -26.72 -39.96
N SER A 94 -0.72 -25.92 -41.02
CA SER A 94 0.36 -25.13 -41.56
C SER A 94 0.83 -24.10 -40.54
N PRO A 95 2.07 -23.63 -40.65
CA PRO A 95 3.09 -23.95 -41.65
C PRO A 95 4.11 -24.97 -41.17
N PHE A 96 4.37 -25.99 -41.98
CA PHE A 96 5.34 -27.03 -41.67
C PHE A 96 6.41 -27.04 -42.74
N ASN A 97 7.65 -27.31 -42.34
CA ASN A 97 8.76 -27.38 -43.27
C ASN A 97 8.81 -28.72 -44.01
N ASP A 98 7.90 -29.64 -43.70
CA ASP A 98 7.87 -30.98 -44.27
C ASP A 98 6.80 -31.09 -45.35
N LEU A 99 6.68 -30.09 -46.21
CA LEU A 99 5.58 -30.01 -47.16
C LEU A 99 5.74 -31.04 -48.26
N ALA A 100 5.41 -32.30 -47.93
CA ALA A 100 5.45 -33.37 -48.93
C ALA A 100 4.41 -33.18 -50.02
N LEU A 101 3.45 -32.29 -49.84
CA LEU A 101 2.42 -32.05 -50.84
C LEU A 101 3.05 -31.52 -52.13
N SER A 102 2.23 -31.52 -53.17
CA SER A 102 2.63 -30.98 -54.46
C SER A 102 1.51 -30.13 -55.02
N CYS A 103 1.86 -29.29 -55.98
CA CYS A 103 0.94 -28.32 -56.56
C CYS A 103 0.25 -28.82 -57.82
N ASP A 104 0.50 -30.06 -58.23
CA ASP A 104 -0.14 -30.64 -59.40
C ASP A 104 -0.53 -32.09 -59.12
N HIS A 105 -1.11 -32.35 -57.96
CA HIS A 105 -1.37 -33.71 -57.51
C HIS A 105 -2.83 -34.14 -57.66
N THR A 106 -3.72 -33.25 -58.08
CA THR A 106 -5.12 -33.64 -58.18
C THR A 106 -5.74 -32.94 -59.37
N PRO A 107 -6.42 -33.66 -60.27
CA PRO A 107 -6.94 -33.03 -61.49
C PRO A 107 -8.22 -32.24 -61.29
N ASN A 108 -8.99 -32.59 -60.26
CA ASN A 108 -10.30 -31.98 -60.07
C ASN A 108 -10.13 -30.51 -59.72
N THR A 109 -10.94 -29.65 -60.35
CA THR A 109 -10.80 -28.22 -60.17
C THR A 109 -11.16 -27.80 -58.75
N ARG A 110 -12.24 -28.36 -58.19
CA ARG A 110 -12.56 -28.08 -56.80
C ARG A 110 -11.48 -28.65 -55.88
N GLN A 111 -10.99 -29.84 -56.20
CA GLN A 111 -9.85 -30.36 -55.47
C GLN A 111 -8.61 -29.50 -55.70
N LEU A 112 -8.49 -28.89 -56.87
CA LEU A 112 -7.39 -27.96 -57.10
C LEU A 112 -7.52 -26.74 -56.20
N SER A 113 -8.75 -26.24 -56.00
CA SER A 113 -8.98 -25.17 -55.05
C SER A 113 -8.60 -25.60 -53.64
N LEU A 114 -8.95 -26.82 -53.26
CA LEU A 114 -8.57 -27.33 -51.96
C LEU A 114 -7.05 -27.40 -51.82
N VAL A 115 -6.36 -27.85 -52.87
CA VAL A 115 -4.90 -27.94 -52.85
C VAL A 115 -4.29 -26.54 -52.73
N ALA A 116 -4.86 -25.57 -53.43
CA ALA A 116 -4.36 -24.20 -53.32
C ALA A 116 -4.53 -23.68 -51.90
N SER A 117 -5.70 -23.95 -51.30
CA SER A 117 -5.92 -23.53 -49.91
C SER A 117 -4.95 -24.22 -48.98
N VAL A 118 -4.56 -25.45 -49.30
CA VAL A 118 -3.55 -26.14 -48.52
C VAL A 118 -2.20 -25.44 -48.67
N LEU A 119 -1.85 -25.07 -49.89
CA LEU A 119 -0.49 -24.60 -50.18
C LEU A 119 -0.28 -23.17 -49.69
N LEU A 120 -1.24 -22.28 -49.92
CA LEU A 120 -1.05 -20.86 -49.68
C LEU A 120 -0.92 -20.53 -48.20
N ALA A 121 -1.35 -21.41 -47.32
CA ALA A 121 -1.26 -21.17 -45.88
C ALA A 121 0.11 -21.47 -45.32
N GLN A 122 1.13 -21.57 -46.16
CA GLN A 122 2.49 -21.88 -45.71
C GLN A 122 3.31 -20.63 -45.44
N GLY A 123 3.45 -19.77 -46.43
CA GLY A 123 4.31 -18.61 -46.34
C GLY A 123 5.50 -18.71 -47.29
N ASP A 124 6.26 -17.63 -47.33
CA ASP A 124 7.41 -17.52 -48.22
C ASP A 124 8.67 -18.11 -47.62
N ARG A 125 8.54 -18.98 -46.61
CA ARG A 125 9.71 -19.60 -46.00
C ARG A 125 10.45 -20.54 -46.95
N LYS A 126 9.75 -21.08 -47.96
CA LYS A 126 10.39 -21.96 -48.93
C LYS A 126 9.96 -21.61 -50.35
N GLY A 127 9.74 -20.32 -50.63
CA GLY A 127 9.34 -19.89 -51.95
C GLY A 127 8.03 -20.49 -52.42
N GLU A 128 7.10 -20.70 -51.49
CA GLU A 128 5.90 -21.46 -51.80
C GLU A 128 4.94 -20.69 -52.70
N ILE A 129 4.67 -19.41 -52.37
CA ILE A 129 3.60 -18.67 -53.02
C ILE A 129 3.86 -18.59 -54.52
N ARG A 130 5.11 -18.37 -54.91
CA ARG A 130 5.45 -18.35 -56.34
C ARG A 130 5.12 -19.69 -56.99
N CYS A 131 5.47 -20.79 -56.31
CA CYS A 131 5.19 -22.12 -56.86
C CYS A 131 3.70 -22.34 -57.04
N VAL A 132 2.90 -21.96 -56.03
CA VAL A 132 1.45 -22.15 -56.14
C VAL A 132 0.87 -21.28 -57.25
N SER A 133 1.34 -20.04 -57.37
CA SER A 133 0.84 -19.17 -58.42
C SER A 133 1.17 -19.72 -59.80
N GLN A 134 2.41 -20.16 -59.99
CA GLN A 134 2.81 -20.72 -61.28
C GLN A 134 2.03 -21.99 -61.59
N ARG A 135 1.86 -22.85 -60.59
CA ARG A 135 1.10 -24.08 -60.81
C ARG A 135 -0.34 -23.79 -61.15
N ILE A 136 -0.95 -22.81 -60.48
CA ILE A 136 -2.32 -22.43 -60.80
C ILE A 136 -2.41 -21.91 -62.23
N PHE A 137 -1.44 -21.09 -62.64
CA PHE A 137 -1.44 -20.59 -64.01
C PHE A 137 -1.32 -21.73 -65.01
N LYS A 138 -0.43 -22.69 -64.73
CA LYS A 138 -0.24 -23.81 -65.65
C LYS A 138 -1.49 -24.68 -65.71
N ILE A 139 -2.14 -24.91 -64.57
CA ILE A 139 -3.37 -25.71 -64.55
C ILE A 139 -4.49 -24.98 -65.26
N LEU A 140 -4.48 -23.64 -65.21
CA LEU A 140 -5.50 -22.87 -65.93
C LEU A 140 -5.13 -22.65 -67.39
N GLU A 141 -3.91 -23.00 -67.80
CA GLU A 141 -3.50 -22.76 -69.18
C GLU A 141 -4.37 -23.49 -70.19
N ASN A 142 -4.94 -24.63 -69.82
CA ASN A 142 -5.84 -25.35 -70.70
C ASN A 142 -7.23 -24.71 -70.64
N ARG A 143 -8.22 -25.37 -71.24
CA ARG A 143 -9.58 -24.87 -71.20
C ARG A 143 -10.09 -24.88 -69.75
N GLN A 144 -10.73 -23.79 -69.36
CA GLN A 144 -11.23 -23.66 -67.99
C GLN A 144 -12.61 -23.00 -67.98
N SER A 149 -14.36 -25.02 -63.85
CA SER A 149 -13.84 -24.07 -64.83
C SER A 149 -12.86 -23.10 -64.19
N VAL A 150 -12.68 -21.94 -64.82
CA VAL A 150 -11.84 -20.90 -64.24
C VAL A 150 -12.56 -20.15 -63.13
N ARG A 151 -13.90 -20.08 -63.18
CA ARG A 151 -14.66 -19.42 -62.13
C ARG A 151 -14.38 -19.99 -60.75
N PRO A 152 -14.33 -21.31 -60.54
CA PRO A 152 -14.02 -21.80 -59.18
C PRO A 152 -12.67 -21.38 -58.66
N LEU A 153 -11.65 -21.25 -59.52
CA LEU A 153 -10.30 -20.98 -59.05
C LEU A 153 -9.96 -19.50 -59.02
N LEU A 154 -10.85 -18.64 -59.50
CA LEU A 154 -10.59 -17.21 -59.46
C LEU A 154 -10.36 -16.66 -58.05
N PRO A 155 -11.09 -17.08 -57.01
CA PRO A 155 -10.77 -16.59 -55.66
C PRO A 155 -9.34 -16.87 -55.23
N ILE A 156 -8.77 -18.01 -55.60
CA ILE A 156 -7.37 -18.28 -55.28
C ILE A 156 -6.48 -17.26 -55.97
N LEU A 157 -6.77 -16.96 -57.23
CA LEU A 157 -6.05 -15.90 -57.94
C LEU A 157 -6.12 -14.59 -57.18
N SER A 158 -7.33 -14.21 -56.74
CA SER A 158 -7.51 -12.94 -56.06
C SER A 158 -6.72 -12.89 -54.75
N LYS A 159 -6.78 -13.96 -53.96
CA LYS A 159 -6.04 -13.98 -52.71
C LYS A 159 -4.54 -13.95 -52.96
N VAL A 160 -4.07 -14.64 -54.01
CA VAL A 160 -2.65 -14.64 -54.33
C VAL A 160 -2.18 -13.22 -54.65
N ILE A 161 -2.90 -12.53 -55.53
CA ILE A 161 -2.51 -11.15 -55.81
C ILE A 161 -2.67 -10.28 -54.57
N GLY A 162 -3.57 -10.64 -53.67
CA GLY A 162 -3.63 -9.95 -52.39
C GLY A 162 -2.33 -10.08 -51.62
N LEU A 163 -1.77 -11.28 -51.61
CA LEU A 163 -0.53 -11.52 -50.87
C LEU A 163 0.73 -11.41 -51.74
N ALA A 164 0.59 -11.47 -53.06
CA ALA A 164 1.74 -11.36 -53.96
C ALA A 164 1.37 -10.48 -55.14
N PRO A 165 1.91 -9.25 -55.21
CA PRO A 165 1.37 -8.29 -56.19
C PRO A 165 1.92 -8.42 -57.59
N GLY A 166 3.06 -9.08 -57.80
CA GLY A 166 3.67 -9.07 -59.12
C GLY A 166 4.06 -10.40 -59.71
N ILE A 167 4.02 -11.47 -58.91
CA ILE A 167 4.50 -12.77 -59.39
C ILE A 167 3.69 -13.24 -60.58
N LEU A 168 2.46 -12.77 -60.72
CA LEU A 168 1.70 -13.00 -61.94
C LEU A 168 2.40 -12.26 -63.07
N MET A 169 3.07 -13.01 -63.94
CA MET A 169 3.91 -12.41 -64.97
C MET A 169 3.09 -11.53 -65.90
N GLU A 170 3.78 -10.64 -66.60
CA GLU A 170 3.09 -9.69 -67.48
C GLU A 170 2.24 -10.41 -68.51
N ASP A 171 2.76 -11.47 -69.12
CA ASP A 171 1.94 -12.28 -70.00
C ASP A 171 0.79 -12.91 -69.24
N GLN A 172 1.08 -13.48 -68.07
CA GLN A 172 0.01 -14.05 -67.25
C GLN A 172 -0.96 -12.97 -66.78
N THR A 173 -0.45 -11.79 -66.43
CA THR A 173 -1.31 -10.70 -66.00
C THR A 173 -2.26 -10.27 -67.11
N ASN A 174 -1.75 -10.14 -68.34
CA ASN A 174 -2.62 -9.77 -69.44
C ASN A 174 -3.58 -10.90 -69.81
N LEU A 175 -3.15 -12.15 -69.62
CA LEU A 175 -4.06 -13.27 -69.80
C LEU A 175 -5.23 -13.19 -68.81
N LEU A 176 -4.92 -12.89 -67.55
CA LEU A 176 -5.98 -12.73 -66.55
C LEU A 176 -6.87 -11.54 -66.90
N SER A 177 -6.27 -10.46 -67.39
CA SER A 177 -7.05 -9.28 -67.75
C SER A 177 -8.03 -9.59 -68.87
N LYS A 178 -7.56 -10.24 -69.94
CA LYS A 178 -8.46 -10.56 -71.04
C LYS A 178 -9.51 -11.58 -70.61
N ARG A 179 -9.13 -12.52 -69.75
CA ARG A 179 -10.10 -13.49 -69.25
C ARG A 179 -11.21 -12.79 -68.47
N LEU A 180 -10.84 -11.86 -67.58
CA LEU A 180 -11.86 -11.14 -66.82
C LEU A 180 -12.71 -10.26 -67.73
N VAL A 181 -12.10 -9.62 -68.73
CA VAL A 181 -12.86 -8.76 -69.63
C VAL A 181 -13.89 -9.57 -70.40
N ASP A 182 -13.47 -10.73 -70.93
CA ASP A 182 -14.44 -11.62 -71.57
C ASP A 182 -15.44 -12.18 -70.56
N TRP A 183 -15.05 -12.24 -69.29
CA TRP A 183 -15.90 -12.77 -68.23
C TRP A 183 -16.84 -11.72 -67.65
N LEU A 184 -16.74 -10.47 -68.09
CA LEU A 184 -17.59 -9.42 -67.54
C LEU A 184 -19.05 -9.68 -67.89
N ARG A 185 -19.33 -10.16 -69.10
CA ARG A 185 -20.69 -10.42 -69.53
C ARG A 185 -20.72 -11.55 -70.56
N PHE A 223 -25.52 -11.22 -66.13
CA PHE A 223 -26.08 -9.87 -66.17
C PHE A 223 -25.84 -9.16 -64.85
N THR A 224 -26.72 -8.22 -64.54
CA THR A 224 -26.66 -7.46 -63.30
C THR A 224 -27.58 -8.07 -62.25
N VAL A 225 -27.34 -7.69 -60.99
CA VAL A 225 -28.15 -8.21 -59.89
C VAL A 225 -29.60 -7.75 -60.04
N LEU A 226 -29.80 -6.48 -60.36
CA LEU A 226 -31.14 -5.93 -60.54
C LEU A 226 -31.78 -6.45 -61.82
N THR A 233 -27.36 -18.77 -65.23
CA THR A 233 -26.53 -19.11 -66.38
C THR A 233 -25.05 -19.04 -66.02
N GLU A 234 -24.23 -19.76 -66.79
CA GLU A 234 -22.79 -19.74 -66.55
C GLU A 234 -22.20 -18.36 -66.81
N ASP A 235 -22.71 -17.66 -67.83
CA ASP A 235 -22.18 -16.34 -68.16
C ASP A 235 -22.34 -15.38 -66.98
N GLN A 236 -23.57 -15.27 -66.46
CA GLN A 236 -23.79 -14.42 -65.29
C GLN A 236 -23.06 -14.97 -64.07
N TRP A 237 -22.86 -16.29 -64.02
CA TRP A 237 -22.12 -16.88 -62.91
C TRP A 237 -20.68 -16.37 -62.89
N VAL A 238 -20.05 -16.25 -64.05
CA VAL A 238 -18.72 -15.68 -64.07
C VAL A 238 -18.77 -14.16 -63.97
N ASN A 239 -19.89 -13.55 -64.36
CA ASN A 239 -20.04 -12.11 -64.16
C ASN A 239 -20.02 -11.75 -62.69
N MET A 240 -20.64 -12.58 -61.86
CA MET A 240 -20.64 -12.33 -60.42
C MET A 240 -19.22 -12.32 -59.85
N GLN A 241 -18.41 -13.31 -60.25
CA GLN A 241 -17.02 -13.34 -59.79
C GLN A 241 -16.22 -12.18 -60.38
N ALA A 242 -16.53 -11.78 -61.61
CA ALA A 242 -15.84 -10.63 -62.19
C ALA A 242 -16.12 -9.37 -61.41
N PHE A 243 -17.35 -9.21 -60.93
CA PHE A 243 -17.69 -8.04 -60.12
C PHE A 243 -17.15 -8.16 -58.70
N SER A 244 -17.02 -9.38 -58.17
CA SER A 244 -16.74 -9.59 -56.76
C SER A 244 -15.31 -9.25 -56.36
N MET A 245 -14.42 -8.97 -57.30
CA MET A 245 -13.05 -8.61 -56.94
C MET A 245 -12.49 -7.52 -57.85
N LEU A 246 -13.36 -6.72 -58.45
CA LEU A 246 -12.91 -5.74 -59.45
C LEU A 246 -11.97 -4.70 -58.84
N ARG A 247 -12.31 -4.18 -57.65
CA ARG A 247 -11.50 -3.13 -57.05
C ARG A 247 -10.10 -3.63 -56.69
N LYS A 248 -10.00 -4.82 -56.08
CA LYS A 248 -8.69 -5.37 -55.75
C LYS A 248 -7.88 -5.65 -57.01
N TRP A 249 -8.54 -6.16 -58.05
CA TRP A 249 -7.85 -6.43 -59.31
C TRP A 249 -7.29 -5.14 -59.90
N LEU A 250 -8.08 -4.07 -59.91
CA LEU A 250 -7.59 -2.81 -60.43
C LEU A 250 -6.46 -2.25 -59.59
N LEU A 251 -6.58 -2.34 -58.26
CA LEU A 251 -5.54 -1.79 -57.39
C LEU A 251 -4.22 -2.54 -57.54
N HIS A 252 -4.27 -3.87 -57.52
CA HIS A 252 -3.04 -4.64 -57.61
C HIS A 252 -2.41 -4.56 -58.99
N SER A 253 -3.23 -4.67 -60.03
CA SER A 253 -2.74 -4.60 -61.40
C SER A 253 -2.75 -3.16 -61.91
N PRO A 289 -11.03 -5.44 -77.26
CA PRO A 289 -11.47 -5.87 -75.93
C PRO A 289 -11.47 -4.74 -74.92
N ARG A 290 -10.35 -4.02 -74.82
CA ARG A 290 -10.27 -2.91 -73.88
C ARG A 290 -11.22 -1.77 -74.25
N GLU A 291 -11.43 -1.53 -75.54
CA GLU A 291 -12.49 -0.63 -75.95
C GLU A 291 -13.85 -1.19 -75.55
N ARG A 292 -14.07 -2.48 -75.80
CA ARG A 292 -15.27 -3.13 -75.30
C ARG A 292 -15.29 -3.16 -73.78
N LEU A 293 -14.11 -3.20 -73.16
CA LEU A 293 -14.05 -3.12 -71.70
C LEU A 293 -14.61 -1.78 -71.22
N ARG A 294 -14.17 -0.68 -71.83
CA ARG A 294 -14.73 0.62 -71.49
C ARG A 294 -16.21 0.70 -71.82
N GLU A 295 -16.65 -0.01 -72.86
CA GLU A 295 -18.06 0.01 -73.24
C GLU A 295 -18.94 -0.69 -72.20
N VAL A 296 -18.47 -1.81 -71.64
CA VAL A 296 -19.32 -2.64 -70.81
C VAL A 296 -18.83 -2.70 -69.36
N ALA A 297 -17.61 -3.20 -69.16
CA ALA A 297 -17.14 -3.49 -67.80
C ALA A 297 -16.81 -2.22 -67.03
N PHE A 298 -16.29 -1.20 -67.73
CA PHE A 298 -15.98 0.06 -67.05
C PHE A 298 -17.25 0.73 -66.52
N GLU A 299 -18.34 0.65 -67.27
CA GLU A 299 -19.63 1.11 -66.76
C GLU A 299 -20.30 0.11 -65.84
N TYR A 300 -19.82 -1.14 -65.81
CA TYR A 300 -20.36 -2.12 -64.88
C TYR A 300 -20.12 -1.75 -63.42
N CYS A 301 -19.12 -0.91 -63.15
CA CYS A 301 -18.90 -0.44 -61.77
C CYS A 301 -20.14 0.29 -61.27
N GLN A 302 -20.65 1.25 -62.05
CA GLN A 302 -21.89 1.91 -61.68
C GLN A 302 -23.09 1.01 -61.93
N ARG A 303 -23.00 0.09 -62.90
CA ARG A 303 -24.09 -0.85 -63.16
C ARG A 303 -24.34 -1.78 -61.99
N LEU A 304 -23.36 -1.96 -61.10
CA LEU A 304 -23.63 -2.59 -59.82
C LEU A 304 -24.67 -1.80 -59.03
N LEU A 305 -24.84 -0.52 -59.36
CA LEU A 305 -25.81 0.35 -58.70
C LEU A 305 -26.78 1.04 -59.65
N GLU A 306 -26.28 1.58 -60.78
CA GLU A 306 -27.08 2.47 -61.61
C GLU A 306 -27.41 1.88 -62.97
N GLN A 307 -26.40 1.46 -63.73
CA GLN A 307 -26.60 0.99 -65.09
C GLN A 307 -26.99 -0.48 -65.14
N ASP A 317 -32.97 -6.62 -53.29
CA ASP A 317 -32.64 -5.41 -54.04
C ASP A 317 -32.65 -4.18 -53.15
N SER A 318 -32.70 -4.42 -51.83
CA SER A 318 -32.67 -3.34 -50.85
C SER A 318 -31.41 -3.37 -50.00
N ASP A 319 -31.14 -4.49 -49.30
CA ASP A 319 -29.92 -4.57 -48.51
C ASP A 319 -28.71 -4.78 -49.40
N LEU A 320 -28.82 -5.64 -50.42
CA LEU A 320 -27.75 -5.81 -51.38
C LEU A 320 -27.53 -4.53 -52.19
N GLN A 321 -28.59 -3.76 -52.41
CA GLN A 321 -28.41 -2.46 -53.07
C GLN A 321 -27.54 -1.54 -52.25
N LYS A 322 -27.75 -1.50 -50.93
CA LYS A 322 -26.89 -0.72 -50.07
C LYS A 322 -25.47 -1.28 -50.07
N ALA A 323 -25.34 -2.60 -50.00
CA ALA A 323 -24.01 -3.22 -50.01
C ALA A 323 -23.28 -3.00 -51.33
N CYS A 324 -24.00 -2.71 -52.42
CA CYS A 324 -23.39 -2.53 -53.73
C CYS A 324 -23.14 -1.07 -54.09
N LEU A 325 -23.91 -0.14 -53.52
CA LEU A 325 -23.64 1.28 -53.79
C LEU A 325 -22.24 1.66 -53.35
N VAL A 326 -21.84 1.21 -52.15
CA VAL A 326 -20.52 1.54 -51.63
C VAL A 326 -19.44 0.93 -52.50
N GLU A 327 -19.64 -0.30 -52.96
CA GLU A 327 -18.68 -0.91 -53.85
C GLU A 327 -18.56 -0.15 -55.16
N ALA A 328 -19.69 0.32 -55.69
CA ALA A 328 -19.67 1.08 -56.93
C ALA A 328 -18.89 2.37 -56.77
N VAL A 329 -19.14 3.10 -55.67
CA VAL A 329 -18.44 4.36 -55.46
C VAL A 329 -16.95 4.12 -55.24
N SER A 330 -16.61 3.07 -54.48
CA SER A 330 -15.20 2.77 -54.24
C SER A 330 -14.49 2.37 -55.53
N VAL A 331 -15.16 1.61 -56.39
CA VAL A 331 -14.57 1.25 -57.68
C VAL A 331 -14.41 2.47 -58.56
N LEU A 332 -15.37 3.39 -58.51
CA LEU A 332 -15.24 4.63 -59.26
C LEU A 332 -14.03 5.43 -58.78
N ASP A 333 -13.84 5.52 -57.46
CA ASP A 333 -12.69 6.23 -56.92
C ASP A 333 -11.39 5.53 -57.30
N VAL A 334 -11.40 4.20 -57.34
CA VAL A 334 -10.22 3.46 -57.79
C VAL A 334 -9.90 3.80 -59.24
N LEU A 335 -10.94 3.92 -60.07
CA LEU A 335 -10.74 4.33 -61.45
C LEU A 335 -10.17 5.74 -61.54
N CYS A 336 -10.62 6.63 -60.64
CA CYS A 336 -10.03 7.96 -60.57
C CYS A 336 -8.54 7.88 -60.23
N ARG A 337 -8.19 7.02 -59.27
CA ARG A 337 -6.80 6.88 -58.87
C ARG A 337 -5.94 6.35 -60.02
N GLN A 338 -6.41 5.30 -60.69
CA GLN A 338 -5.68 4.74 -61.81
C GLN A 338 -5.81 5.56 -63.08
N ASP A 339 -6.83 6.40 -63.16
CA ASP A 339 -7.03 7.25 -64.34
C ASP A 339 -7.46 8.64 -63.90
N PRO A 340 -6.60 9.65 -64.09
CA PRO A 340 -6.95 11.00 -63.64
C PRO A 340 -8.21 11.56 -64.26
N SER A 341 -8.52 11.17 -65.51
CA SER A 341 -9.74 11.64 -66.15
C SER A 341 -10.99 11.08 -65.48
N PHE A 342 -10.88 9.95 -64.79
CA PHE A 342 -12.05 9.35 -64.14
C PHE A 342 -12.47 10.11 -62.89
N LEU A 343 -11.59 10.97 -62.34
CA LEU A 343 -11.97 11.76 -61.18
C LEU A 343 -13.14 12.68 -61.50
N TYR A 344 -13.07 13.36 -62.64
CA TYR A 344 -14.17 14.23 -63.05
C TYR A 344 -15.44 13.44 -63.31
N ARG A 345 -15.31 12.26 -63.92
CA ARG A 345 -16.48 11.42 -64.19
C ARG A 345 -17.16 11.00 -62.90
N THR A 346 -16.37 10.57 -61.90
CA THR A 346 -16.96 10.15 -60.63
C THR A 346 -17.54 11.35 -59.88
N LEU A 347 -16.89 12.51 -59.98
CA LEU A 347 -17.45 13.71 -59.36
C LEU A 347 -18.79 14.07 -59.97
N SER A 348 -18.89 13.98 -61.30
CA SER A 348 -20.17 14.25 -61.98
C SER A 348 -21.21 13.22 -61.59
N CYS A 349 -20.80 11.95 -61.46
CA CYS A 349 -21.74 10.91 -61.03
C CYS A 349 -22.26 11.19 -59.63
N LEU A 350 -21.38 11.61 -58.72
CA LEU A 350 -21.80 11.95 -57.38
C LEU A 350 -22.72 13.16 -57.38
N LYS A 351 -22.42 14.16 -58.21
CA LYS A 351 -23.28 15.34 -58.31
C LYS A 351 -24.67 14.96 -58.81
N ALA A 352 -24.74 14.07 -59.79
CA ALA A 352 -26.03 13.59 -60.27
C ALA A 352 -26.75 12.79 -59.18
N LEU A 353 -26.00 11.97 -58.44
CA LEU A 353 -26.60 11.20 -57.35
C LEU A 353 -27.10 12.09 -56.23
N HIS A 354 -26.54 13.30 -56.10
CA HIS A 354 -26.92 14.21 -55.03
C HIS A 354 -28.40 14.55 -55.03
N ARG A 355 -29.14 14.19 -56.07
CA ARG A 355 -30.58 14.41 -56.07
C ARG A 355 -31.27 13.57 -54.99
N ARG A 356 -30.80 12.34 -54.80
CA ARG A 356 -31.39 11.42 -53.83
C ARG A 356 -30.44 11.07 -52.68
N LEU A 357 -29.14 10.92 -52.96
CA LEU A 357 -28.19 10.56 -51.91
C LEU A 357 -28.21 11.58 -50.78
N GLY A 358 -28.51 12.84 -51.08
CA GLY A 358 -28.71 13.85 -50.07
C GLY A 358 -30.13 13.95 -49.56
N GLU A 359 -31.04 13.11 -50.06
CA GLU A 359 -32.44 13.19 -49.64
C GLU A 359 -33.10 11.82 -49.44
N ASP A 360 -32.33 10.74 -49.43
CA ASP A 360 -32.92 9.40 -49.26
C ASP A 360 -32.47 8.80 -47.94
N PRO A 361 -33.33 8.77 -46.91
CA PRO A 361 -32.95 8.15 -45.65
C PRO A 361 -32.65 6.66 -45.82
N GLY A 362 -31.71 6.17 -45.02
CA GLY A 362 -31.23 4.82 -45.14
C GLY A 362 -30.12 4.65 -46.16
N SER A 363 -29.74 5.71 -46.87
CA SER A 363 -28.67 5.67 -47.87
C SER A 363 -27.56 6.66 -47.54
N GLU A 364 -27.45 7.07 -46.28
CA GLU A 364 -26.49 8.10 -45.92
C GLU A 364 -25.06 7.57 -45.91
N ARG A 365 -24.88 6.26 -45.83
CA ARG A 365 -23.54 5.68 -45.72
C ARG A 365 -22.77 5.79 -47.03
N ALA A 366 -23.46 5.97 -48.15
CA ALA A 366 -22.78 6.03 -49.44
C ALA A 366 -22.05 7.34 -49.67
N LEU A 367 -22.27 8.35 -48.82
CA LEU A 367 -21.58 9.62 -48.99
C LEU A 367 -20.16 9.59 -48.44
N VAL A 368 -19.88 8.73 -47.44
CA VAL A 368 -18.53 8.63 -46.92
C VAL A 368 -17.51 8.28 -47.99
N PRO A 369 -17.73 7.27 -48.85
CA PRO A 369 -16.84 7.12 -50.01
C PRO A 369 -16.93 8.28 -50.97
N LEU A 370 -18.09 8.92 -51.10
CA LEU A 370 -18.19 10.11 -51.94
C LEU A 370 -17.36 11.25 -51.36
N ALA A 371 -17.41 11.42 -50.04
CA ALA A 371 -16.57 12.43 -49.39
C ALA A 371 -15.09 12.12 -49.58
N GLN A 372 -14.71 10.85 -49.47
CA GLN A 372 -13.32 10.47 -49.71
C GLN A 372 -12.91 10.76 -51.15
N PHE A 373 -13.79 10.46 -52.10
CA PHE A 373 -13.49 10.75 -53.50
C PHE A 373 -13.33 12.25 -53.74
N PHE A 374 -14.19 13.06 -53.12
CA PHE A 374 -14.07 14.51 -53.22
C PHE A 374 -12.79 15.04 -52.58
N LEU A 375 -12.40 14.49 -51.43
CA LEU A 375 -11.15 14.91 -50.78
C LEU A 375 -9.95 14.56 -51.64
N ASN A 376 -9.87 13.31 -52.10
CA ASN A 376 -8.78 12.90 -52.97
C ASN A 376 -8.95 13.39 -54.40
N HIS A 377 -10.14 13.86 -54.77
CA HIS A 377 -10.39 14.34 -56.11
C HIS A 377 -11.61 15.26 -56.12
N ALA A 382 -12.74 18.24 -52.85
CA ALA A 382 -13.67 18.71 -51.83
C ALA A 382 -15.09 18.79 -52.36
N MET A 383 -16.04 18.24 -51.60
CA MET A 383 -17.44 18.25 -51.99
C MET A 383 -18.08 19.57 -51.57
N ASP A 384 -19.39 19.67 -51.73
CA ASP A 384 -20.11 20.89 -51.37
C ASP A 384 -19.91 21.21 -49.90
N ALA A 385 -19.25 22.33 -49.61
CA ALA A 385 -18.94 22.70 -48.24
C ALA A 385 -20.20 22.94 -47.42
N GLU A 386 -21.30 23.32 -48.08
CA GLU A 386 -22.55 23.59 -47.39
C GLU A 386 -23.48 22.37 -47.38
N ALA A 387 -23.75 21.79 -48.54
CA ALA A 387 -24.68 20.68 -48.62
C ALA A 387 -24.00 19.35 -48.29
N VAL A 388 -23.06 18.92 -49.13
CA VAL A 388 -22.51 17.57 -49.01
C VAL A 388 -21.56 17.49 -47.82
N TYR A 389 -20.46 18.26 -47.88
CA TYR A 389 -19.54 18.28 -46.74
C TYR A 389 -20.20 18.84 -45.50
N GLY A 390 -21.14 19.78 -45.67
CA GLY A 390 -21.87 20.29 -44.53
C GLY A 390 -22.64 19.22 -43.80
N GLN A 391 -23.33 18.35 -44.55
CA GLN A 391 -24.03 17.23 -43.92
C GLN A 391 -23.04 16.22 -43.37
N LEU A 392 -21.92 16.00 -44.06
CA LEU A 392 -20.94 15.03 -43.60
C LEU A 392 -20.31 15.45 -42.28
N LEU A 393 -20.15 16.75 -42.06
CA LEU A 393 -19.50 17.24 -40.85
C LEU A 393 -20.49 17.55 -39.73
N ARG A 394 -21.61 18.19 -40.05
CA ARG A 394 -22.56 18.64 -39.03
C ARG A 394 -24.01 18.26 -39.29
N GLY A 395 -24.39 17.94 -40.51
CA GLY A 395 -25.77 17.57 -40.79
C GLY A 395 -26.12 16.16 -40.36
N LEU A 396 -25.37 15.19 -40.86
CA LEU A 396 -25.58 13.79 -40.48
C LEU A 396 -25.47 13.56 -38.98
N PRO A 397 -24.44 14.03 -38.27
CA PRO A 397 -24.28 13.61 -36.87
C PRO A 397 -25.37 14.12 -35.94
N SER A 398 -26.16 15.09 -36.35
CA SER A 398 -27.24 15.61 -35.51
C SER A 398 -28.57 14.90 -35.75
N GLU A 399 -28.62 13.94 -36.67
CA GLU A 399 -29.87 13.25 -36.97
C GLU A 399 -29.71 11.74 -36.86
N ARG A 400 -28.54 11.22 -37.23
CA ARG A 400 -28.26 9.80 -37.26
C ARG A 400 -27.00 9.48 -36.48
N PHE A 401 -26.94 9.98 -35.25
CA PHE A 401 -25.82 9.69 -34.36
C PHE A 401 -26.00 8.39 -33.60
N HIS A 402 -27.07 7.64 -33.84
CA HIS A 402 -27.34 6.41 -33.12
C HIS A 402 -27.00 5.17 -33.93
N SER A 403 -26.29 5.32 -35.04
CA SER A 403 -25.83 4.17 -35.83
C SER A 403 -24.35 3.98 -35.59
N PRO A 404 -23.94 2.92 -34.88
CA PRO A 404 -22.53 2.81 -34.47
C PRO A 404 -21.56 2.50 -35.59
N THR A 405 -22.03 2.12 -36.77
CA THR A 405 -21.13 1.86 -37.89
C THR A 405 -21.02 3.05 -38.83
N LEU A 406 -22.09 3.84 -38.99
CA LEU A 406 -22.01 5.05 -39.79
C LEU A 406 -21.04 6.05 -39.18
N ALA A 407 -21.06 6.18 -37.85
CA ALA A 407 -20.18 7.12 -37.18
C ALA A 407 -18.71 6.75 -37.38
N PHE A 408 -18.41 5.44 -37.33
CA PHE A 408 -17.05 5.00 -37.60
C PHE A 408 -16.61 5.39 -39.00
N GLU A 409 -17.46 5.19 -39.99
CA GLU A 409 -17.12 5.59 -41.35
C GLU A 409 -16.82 7.07 -41.43
N VAL A 410 -17.68 7.90 -40.82
CA VAL A 410 -17.50 9.34 -40.94
C VAL A 410 -16.19 9.78 -40.30
N ILE A 411 -15.96 9.40 -39.04
CA ILE A 411 -14.76 9.89 -38.38
C ILE A 411 -13.51 9.25 -38.96
N HIS A 412 -13.60 8.04 -39.50
CA HIS A 412 -12.43 7.44 -40.12
C HIS A 412 -12.08 8.12 -41.44
N PHE A 413 -13.08 8.55 -42.21
CA PHE A 413 -12.79 9.41 -43.35
C PHE A 413 -12.11 10.69 -42.89
N CYS A 414 -12.55 11.22 -41.75
CA CYS A 414 -11.97 12.46 -41.25
C CYS A 414 -10.50 12.28 -40.83
N THR A 415 -10.15 11.14 -40.23
CA THR A 415 -8.79 10.94 -39.72
C THR A 415 -7.88 10.19 -40.68
N HIS A 416 -8.40 9.73 -41.81
CA HIS A 416 -7.56 8.99 -42.75
C HIS A 416 -7.10 9.86 -43.92
N ASN A 417 -7.65 11.04 -44.07
CA ASN A 417 -7.25 11.97 -45.11
C ASN A 417 -6.95 13.35 -44.52
N LEU A 418 -6.57 13.38 -43.23
CA LEU A 418 -6.13 14.63 -42.62
C LEU A 418 -4.78 15.05 -43.18
N ALA A 419 -3.99 14.11 -43.68
CA ALA A 419 -2.71 14.45 -44.28
C ALA A 419 -2.90 15.28 -45.54
N LEU A 420 -3.89 14.92 -46.37
CA LEU A 420 -4.18 15.64 -47.60
C LEU A 420 -5.23 16.73 -47.41
N PHE A 421 -5.34 17.28 -46.20
CA PHE A 421 -6.33 18.31 -45.94
C PHE A 421 -5.96 19.63 -46.60
N ASP A 422 -6.97 20.38 -47.01
CA ASP A 422 -6.80 21.69 -47.62
C ASP A 422 -7.19 22.78 -46.64
N SER A 423 -6.86 24.02 -47.00
CA SER A 423 -7.12 25.16 -46.11
C SER A 423 -8.62 25.35 -45.90
N HIS A 424 -9.41 25.31 -46.97
CA HIS A 424 -10.85 25.44 -46.84
C HIS A 424 -11.44 24.24 -46.08
N PHE A 425 -10.95 23.03 -46.39
CA PHE A 425 -11.37 21.86 -45.62
C PHE A 425 -10.95 21.97 -44.18
N LEU A 426 -9.76 22.51 -43.92
CA LEU A 426 -9.33 22.73 -42.54
C LEU A 426 -10.27 23.67 -41.81
N SER A 427 -10.67 24.76 -42.47
CA SER A 427 -11.62 25.68 -41.86
C SER A 427 -12.96 25.00 -41.60
N LEU A 428 -13.42 24.18 -42.55
CA LEU A 428 -14.69 23.49 -42.37
C LEU A 428 -14.65 22.55 -41.17
N LEU A 429 -13.64 21.69 -41.13
CA LEU A 429 -13.52 20.75 -40.01
C LEU A 429 -13.24 21.48 -38.70
N ARG A 430 -12.70 22.70 -38.76
CA ARG A 430 -12.52 23.51 -37.56
C ARG A 430 -13.78 24.26 -37.17
N LEU A 431 -14.78 24.32 -38.05
CA LEU A 431 -16.00 25.06 -37.75
C LEU A 431 -17.02 24.24 -36.95
N SER A 432 -17.21 22.97 -37.31
CA SER A 432 -18.32 22.17 -36.80
C SER A 432 -17.89 21.16 -35.75
N PHE A 433 -17.00 21.52 -34.83
CA PHE A 433 -16.54 20.54 -33.86
C PHE A 433 -17.56 20.19 -32.77
N PRO A 434 -18.43 21.09 -32.31
CA PRO A 434 -19.47 20.65 -31.35
C PRO A 434 -20.40 19.59 -31.91
N SER A 435 -20.69 19.64 -33.21
CA SER A 435 -21.54 18.60 -33.80
C SER A 435 -20.77 17.30 -33.98
N LEU A 436 -19.51 17.38 -34.41
CA LEU A 436 -18.68 16.18 -34.46
C LEU A 436 -18.56 15.53 -33.09
N PHE A 437 -18.69 16.33 -32.04
CA PHE A 437 -18.69 15.79 -30.68
C PHE A 437 -19.93 14.95 -30.38
N LYS A 438 -20.98 15.07 -31.19
CA LYS A 438 -22.18 14.25 -30.96
C LYS A 438 -21.86 12.78 -31.07
N PHE A 439 -21.07 12.41 -32.09
CA PHE A 439 -20.66 11.02 -32.27
C PHE A 439 -19.88 10.53 -31.07
N LEU A 440 -18.92 11.31 -30.58
CA LEU A 440 -18.18 10.92 -29.40
C LEU A 440 -19.09 10.80 -28.20
N ALA A 441 -20.17 11.57 -28.16
CA ALA A 441 -21.14 11.41 -27.09
C ALA A 441 -21.88 10.09 -27.22
N TRP A 442 -22.24 9.70 -28.44
CA TRP A 442 -23.10 8.56 -28.69
C TRP A 442 -22.33 7.29 -29.04
N ASN A 443 -21.23 7.41 -29.78
CA ASN A 443 -20.49 6.28 -30.34
C ASN A 443 -19.03 6.37 -29.93
N SER A 444 -18.78 6.58 -28.65
CA SER A 444 -17.42 6.86 -28.20
C SER A 444 -16.45 5.72 -28.40
N PRO A 445 -16.75 4.47 -28.03
CA PRO A 445 -15.71 3.42 -28.04
C PRO A 445 -15.04 3.25 -29.39
N PRO A 446 -15.76 3.27 -30.52
CA PRO A 446 -15.09 3.13 -31.81
C PRO A 446 -14.62 4.43 -32.46
N LEU A 447 -14.65 5.57 -31.74
CA LEU A 447 -14.31 6.85 -32.34
C LEU A 447 -13.38 7.72 -31.54
N THR A 448 -13.12 7.39 -30.27
CA THR A 448 -12.22 8.21 -29.46
C THR A 448 -10.76 7.99 -29.81
N ALA A 449 -10.39 6.76 -30.17
CA ALA A 449 -9.03 6.36 -30.53
C ALA A 449 -8.66 6.83 -31.85
N GLU A 450 -9.50 7.68 -32.31
CA GLU A 450 -9.56 8.34 -33.60
C GLU A 450 -9.63 9.85 -33.47
N PHE A 451 -10.42 10.36 -32.52
CA PHE A 451 -10.36 11.76 -32.17
C PHE A 451 -9.00 12.11 -31.58
N VAL A 452 -8.34 11.16 -30.92
CA VAL A 452 -7.03 11.47 -30.34
C VAL A 452 -6.06 11.89 -31.44
N VAL A 453 -6.22 11.35 -32.64
CA VAL A 453 -5.43 11.81 -33.78
C VAL A 453 -6.04 13.05 -34.41
N LEU A 454 -7.38 13.12 -34.45
CA LEU A 454 -8.02 14.23 -35.17
C LEU A 454 -7.82 15.57 -34.47
N LEU A 455 -7.90 15.62 -33.14
CA LEU A 455 -7.97 16.89 -32.42
C LEU A 455 -6.80 17.81 -32.72
N PRO A 456 -5.55 17.38 -32.66
CA PRO A 456 -4.45 18.28 -33.06
C PRO A 456 -4.45 18.65 -34.53
N ALA A 457 -5.44 18.23 -35.32
CA ALA A 457 -5.47 18.54 -36.74
C ALA A 457 -6.51 19.58 -37.11
N LEU A 458 -7.17 20.20 -36.14
CA LEU A 458 -8.12 21.27 -36.44
C LEU A 458 -8.02 22.40 -35.43
N VAL A 459 -6.83 22.63 -34.88
CA VAL A 459 -6.63 23.67 -33.88
C VAL A 459 -6.60 25.04 -34.57
N ASP A 460 -7.42 25.97 -34.09
CA ASP A 460 -7.47 27.33 -34.60
C ASP A 460 -6.89 28.29 -33.56
N ALA A 461 -6.87 29.58 -33.90
CA ALA A 461 -6.20 30.57 -33.07
C ALA A 461 -6.97 30.83 -31.78
N GLY A 462 -8.27 31.07 -31.89
CA GLY A 462 -9.04 31.50 -30.72
C GLY A 462 -10.11 30.55 -30.27
N THR A 463 -10.33 29.46 -31.01
CA THR A 463 -11.38 28.51 -30.66
C THR A 463 -11.09 27.77 -29.37
N ALA A 464 -9.85 27.78 -28.89
CA ALA A 464 -9.50 27.03 -27.69
C ALA A 464 -10.31 27.48 -26.49
N VAL A 465 -10.52 28.80 -26.36
CA VAL A 465 -11.24 29.35 -25.21
C VAL A 465 -12.67 28.85 -25.19
N GLU A 466 -13.22 28.47 -26.35
CA GLU A 466 -14.51 27.81 -26.40
C GLU A 466 -14.42 26.30 -26.53
N MET A 467 -13.35 25.80 -27.16
CA MET A 467 -13.19 24.36 -27.34
C MET A 467 -13.03 23.64 -26.00
N LEU A 468 -12.37 24.28 -25.04
CA LEU A 468 -12.29 23.66 -23.72
C LEU A 468 -13.67 23.48 -23.12
N HIS A 469 -14.54 24.47 -23.29
CA HIS A 469 -15.92 24.34 -22.78
C HIS A 469 -16.70 23.31 -23.56
N ALA A 470 -16.47 23.22 -24.87
CA ALA A 470 -17.14 22.19 -25.67
C ALA A 470 -16.76 20.80 -25.19
N LEU A 471 -15.47 20.59 -24.91
CA LEU A 471 -15.06 19.33 -24.30
C LEU A 471 -15.65 19.17 -22.90
N LEU A 472 -15.82 20.28 -22.19
CA LEU A 472 -16.28 20.19 -20.81
C LEU A 472 -17.74 19.79 -20.71
N ASP A 473 -18.57 20.16 -21.69
CA ASP A 473 -20.01 19.92 -21.66
C ASP A 473 -20.42 18.74 -22.52
N LEU A 474 -19.60 17.68 -22.60
CA LEU A 474 -19.87 16.58 -23.51
C LEU A 474 -20.88 15.57 -22.96
N PRO A 475 -20.74 15.11 -21.71
CA PRO A 475 -21.81 14.26 -21.15
C PRO A 475 -23.18 14.92 -21.16
N CYS A 476 -23.24 16.22 -20.90
CA CYS A 476 -24.51 16.93 -21.04
C CYS A 476 -24.98 16.95 -22.48
N LEU A 477 -24.06 16.95 -23.45
CA LEU A 477 -24.45 16.83 -24.85
C LEU A 477 -25.15 15.50 -25.09
N THR A 478 -24.59 14.42 -24.54
CA THR A 478 -25.23 13.12 -24.69
C THR A 478 -26.62 13.10 -24.05
N ALA A 479 -26.74 13.66 -22.86
CA ALA A 479 -28.04 13.68 -22.18
C ALA A 479 -29.06 14.51 -22.95
N ALA A 480 -28.64 15.64 -23.52
CA ALA A 480 -29.55 16.45 -24.31
C ALA A 480 -30.01 15.73 -25.55
N LEU A 481 -29.12 14.99 -26.22
CA LEU A 481 -29.55 14.20 -27.37
C LEU A 481 -30.52 13.11 -26.96
N ASP A 482 -30.32 12.50 -25.78
CA ASP A 482 -31.25 11.48 -25.31
C ASP A 482 -32.65 12.07 -25.09
N LEU A 483 -32.73 13.23 -24.43
CA LEU A 483 -34.03 13.90 -24.34
C LEU A 483 -34.59 14.20 -25.72
N GLN A 484 -33.75 14.62 -26.65
CA GLN A 484 -34.25 14.92 -28.00
C GLN A 484 -34.89 13.69 -28.61
N LEU A 485 -34.32 12.51 -28.37
CA LEU A 485 -34.94 11.28 -28.85
C LEU A 485 -36.26 11.02 -28.14
N ARG A 486 -36.32 11.21 -26.81
CA ARG A 486 -37.50 10.82 -26.06
C ARG A 486 -38.73 11.66 -26.43
N SER A 487 -38.54 12.83 -27.02
CA SER A 487 -39.61 13.77 -27.22
C SER A 487 -39.95 13.99 -28.69
N THR A 488 -39.52 13.11 -29.58
CA THR A 488 -39.84 13.27 -30.99
C THR A 488 -40.17 11.96 -31.71
N GLN A 489 -40.28 10.84 -30.99
CA GLN A 489 -40.34 9.54 -31.63
C GLN A 489 -41.74 8.95 -31.56
N THR A 490 -42.20 8.44 -32.70
CA THR A 490 -43.43 7.66 -32.72
C THR A 490 -43.22 6.37 -31.93
N PRO A 491 -44.18 5.96 -31.11
CA PRO A 491 -43.96 4.78 -30.25
C PRO A 491 -43.73 3.48 -31.02
N SER A 492 -44.09 3.42 -32.30
CA SER A 492 -43.99 2.18 -33.06
C SER A 492 -42.54 1.78 -33.30
N GLU A 493 -41.72 2.73 -33.77
CA GLU A 493 -40.35 2.45 -34.20
C GLU A 493 -39.36 2.72 -33.08
N ARG A 494 -39.83 3.11 -31.90
CA ARG A 494 -38.98 3.76 -30.90
C ARG A 494 -37.84 2.88 -30.38
N LEU A 495 -37.69 1.67 -30.94
CA LEU A 495 -36.63 0.80 -30.49
C LEU A 495 -35.23 1.36 -30.78
N LEU A 496 -35.10 2.29 -31.72
CA LEU A 496 -33.79 2.82 -32.11
C LEU A 496 -33.46 4.08 -31.30
N TRP A 497 -33.51 3.94 -29.98
CA TRP A 497 -33.30 5.03 -29.05
C TRP A 497 -33.22 4.51 -27.63
N ASP A 498 -33.18 5.39 -26.64
CA ASP A 498 -33.35 5.00 -25.25
C ASP A 498 -34.50 5.78 -24.65
N ILE A 499 -35.56 5.07 -24.29
CA ILE A 499 -36.71 5.67 -23.61
C ILE A 499 -36.98 4.86 -22.35
N SER A 500 -35.92 4.32 -21.74
CA SER A 500 -36.02 3.38 -20.64
C SER A 500 -35.38 3.89 -19.35
N LEU A 501 -35.57 5.16 -19.02
CA LEU A 501 -35.05 5.74 -17.78
C LEU A 501 -36.00 6.84 -17.32
N ARG A 502 -35.53 7.68 -16.39
CA ARG A 502 -36.37 8.68 -15.74
C ARG A 502 -36.72 9.82 -16.68
N VAL A 503 -37.92 9.77 -17.25
CA VAL A 503 -38.39 10.75 -18.23
C VAL A 503 -38.95 12.03 -17.61
N PRO A 504 -39.85 11.97 -16.62
CA PRO A 504 -40.83 13.07 -16.50
C PRO A 504 -40.24 14.42 -16.18
N SER A 505 -39.31 14.50 -15.22
CA SER A 505 -38.75 15.79 -14.83
C SER A 505 -38.01 16.43 -15.98
N CYS A 506 -37.14 15.67 -16.66
CA CYS A 506 -36.36 16.23 -17.76
C CYS A 506 -37.24 16.61 -18.94
N LEU A 507 -38.23 15.77 -19.27
CA LEU A 507 -39.14 16.11 -20.36
C LEU A 507 -39.95 17.35 -20.04
N GLU A 508 -40.41 17.49 -18.81
CA GLU A 508 -41.09 18.73 -18.42
C GLU A 508 -40.16 19.92 -18.54
N ALA A 509 -38.90 19.75 -18.13
CA ALA A 509 -37.94 20.85 -18.21
C ALA A 509 -37.59 21.20 -19.65
N PHE A 510 -37.73 20.25 -20.57
CA PHE A 510 -37.53 20.55 -21.98
C PHE A 510 -38.53 21.59 -22.47
N GLN A 511 -39.79 21.46 -22.07
CA GLN A 511 -40.83 22.40 -22.46
C GLN A 511 -40.88 23.63 -21.57
N ASP A 512 -40.08 23.67 -20.50
CA ASP A 512 -40.05 24.83 -19.62
C ASP A 512 -39.35 25.98 -20.31
N PRO A 513 -39.99 27.13 -20.50
CA PRO A 513 -39.37 28.21 -21.28
C PRO A 513 -38.15 28.83 -20.61
N GLN A 514 -37.84 28.47 -19.36
CA GLN A 514 -36.63 28.97 -18.73
C GLN A 514 -35.37 28.54 -19.46
N PHE A 515 -35.42 27.44 -20.22
CA PHE A 515 -34.25 26.81 -20.80
C PHE A 515 -34.43 26.52 -22.27
N GLN A 516 -34.99 27.48 -23.01
CA GLN A 516 -35.28 27.31 -24.43
C GLN A 516 -34.15 27.80 -25.33
N GLY A 517 -33.12 28.45 -24.78
CA GLY A 517 -32.04 28.95 -25.59
C GLY A 517 -30.71 28.31 -25.25
N LEU A 518 -30.53 27.94 -23.97
CA LEU A 518 -29.29 27.28 -23.58
C LEU A 518 -29.19 25.89 -24.18
N PHE A 519 -30.30 25.15 -24.25
CA PHE A 519 -30.29 23.85 -24.90
C PHE A 519 -29.98 23.98 -26.39
N ARG A 520 -30.50 25.03 -27.03
CA ARG A 520 -30.21 25.29 -28.43
C ARG A 520 -28.76 25.69 -28.66
N HIS A 521 -28.00 25.94 -27.60
CA HIS A 521 -26.56 26.15 -27.69
C HIS A 521 -25.75 24.91 -27.33
N LEU A 522 -26.20 24.12 -26.35
CA LEU A 522 -25.53 22.86 -26.05
C LEU A 522 -25.67 21.89 -27.21
N LEU A 523 -26.89 21.75 -27.74
CA LEU A 523 -27.18 20.90 -28.89
C LEU A 523 -26.86 21.56 -30.21
N ARG A 524 -26.05 22.61 -30.20
CA ARG A 524 -25.86 23.39 -31.42
C ARG A 524 -25.10 22.59 -32.47
N THR A 525 -25.31 22.96 -33.71
CA THR A 525 -24.52 22.44 -34.82
C THR A 525 -23.31 23.31 -35.10
N LYS A 526 -23.15 24.42 -34.37
CA LYS A 526 -22.04 25.33 -34.60
C LYS A 526 -21.68 26.03 -33.31
N ALA A 527 -20.47 26.60 -33.28
CA ALA A 527 -19.98 27.39 -32.16
C ALA A 527 -19.32 28.63 -32.74
N SER A 528 -20.03 29.75 -32.70
CA SER A 528 -19.56 31.03 -33.23
C SER A 528 -19.68 32.12 -32.18
N GLY A 529 -19.25 31.80 -30.97
CA GLY A 529 -19.35 32.73 -29.85
C GLY A 529 -19.66 31.99 -28.57
N SER A 530 -18.88 32.26 -27.52
CA SER A 530 -19.01 31.50 -26.28
C SER A 530 -20.36 31.72 -25.64
N THR A 531 -20.82 30.73 -24.90
CA THR A 531 -22.12 30.73 -24.25
C THR A 531 -21.94 30.75 -22.74
N GLU A 532 -23.06 30.63 -22.03
CA GLU A 532 -23.07 30.77 -20.59
C GLU A 532 -22.73 29.45 -19.90
N ARG A 533 -22.50 29.53 -18.61
CA ARG A 533 -22.17 28.35 -17.82
C ARG A 533 -23.34 27.37 -17.81
N LEU A 534 -23.02 26.08 -17.89
CA LEU A 534 -24.02 25.03 -17.96
C LEU A 534 -24.55 24.63 -16.60
N THR A 535 -24.37 25.46 -15.58
CA THR A 535 -24.91 25.14 -14.26
C THR A 535 -26.43 24.97 -14.27
N PRO A 536 -27.23 25.88 -14.85
CA PRO A 536 -28.68 25.65 -14.87
C PRO A 536 -29.07 24.34 -15.56
N LEU A 537 -28.55 24.12 -16.78
CA LEU A 537 -28.82 22.87 -17.48
C LEU A 537 -28.26 21.68 -16.74
N HIS A 538 -27.21 21.88 -15.95
CA HIS A 538 -26.70 20.79 -15.11
C HIS A 538 -27.72 20.41 -14.03
N GLN A 539 -28.34 21.41 -13.40
CA GLN A 539 -29.41 21.10 -12.45
C GLN A 539 -30.63 20.51 -13.15
N VAL A 540 -30.85 20.87 -14.42
CA VAL A 540 -31.96 20.26 -15.17
C VAL A 540 -31.73 18.77 -15.36
N LEU A 541 -30.51 18.39 -15.73
CA LEU A 541 -30.21 17.03 -16.16
C LEU A 541 -29.60 16.18 -15.05
N LYS A 542 -29.89 16.49 -13.79
CA LYS A 542 -29.59 15.56 -12.70
C LYS A 542 -30.10 14.14 -12.92
N PRO A 543 -31.37 13.91 -13.29
CA PRO A 543 -31.85 12.52 -13.34
C PRO A 543 -31.12 11.64 -14.34
N MET A 544 -30.66 12.18 -15.47
CA MET A 544 -30.13 11.35 -16.54
C MET A 544 -28.62 11.40 -16.65
N ALA A 545 -27.97 12.33 -15.95
CA ALA A 545 -26.52 12.49 -16.04
C ALA A 545 -25.75 11.25 -15.61
N SER A 546 -26.45 10.18 -15.22
CA SER A 546 -25.83 8.90 -14.92
C SER A 546 -26.27 7.79 -15.90
N CYS A 547 -26.63 8.16 -17.13
CA CYS A 547 -26.94 7.17 -18.13
C CYS A 547 -25.69 6.37 -18.50
N ALA A 548 -25.90 5.23 -19.15
CA ALA A 548 -24.77 4.44 -19.64
C ALA A 548 -24.04 5.16 -20.76
N ARG A 549 -24.78 5.79 -21.68
CA ARG A 549 -24.14 6.48 -22.80
C ARG A 549 -23.41 7.74 -22.34
N VAL A 550 -24.00 8.49 -21.42
CA VAL A 550 -23.33 9.66 -20.86
C VAL A 550 -22.07 9.25 -20.13
N THR A 551 -22.13 8.17 -19.36
CA THR A 551 -20.93 7.64 -18.70
C THR A 551 -19.91 7.17 -19.73
N GLN A 552 -20.35 6.66 -20.88
CA GLN A 552 -19.42 6.32 -21.95
C GLN A 552 -18.69 7.56 -22.46
N CYS A 553 -19.45 8.61 -22.77
CA CYS A 553 -18.86 9.83 -23.29
C CYS A 553 -17.96 10.51 -22.28
N ALA A 554 -18.23 10.32 -20.98
CA ALA A 554 -17.42 10.96 -19.96
C ALA A 554 -15.99 10.45 -19.91
N GLU A 555 -15.70 9.26 -20.45
CA GLU A 555 -14.38 8.67 -20.35
C GLU A 555 -13.48 9.01 -21.53
N ALA A 556 -13.98 9.70 -22.53
CA ALA A 556 -13.18 10.12 -23.67
C ALA A 556 -12.82 11.59 -23.64
N VAL A 557 -13.24 12.32 -22.62
CA VAL A 557 -12.94 13.75 -22.50
C VAL A 557 -11.54 13.99 -21.94
N PRO A 558 -11.06 13.27 -20.92
CA PRO A 558 -9.69 13.53 -20.45
C PRO A 558 -8.62 13.38 -21.52
N VAL A 559 -8.68 12.31 -22.30
CA VAL A 559 -7.63 12.08 -23.30
C VAL A 559 -7.72 13.12 -24.41
N LEU A 560 -8.94 13.49 -24.80
CA LEU A 560 -9.10 14.54 -25.80
C LEU A 560 -8.59 15.87 -25.28
N LEU A 561 -8.80 16.15 -23.99
CA LEU A 561 -8.25 17.35 -23.37
C LEU A 561 -6.74 17.36 -23.44
N GLN A 562 -6.12 16.22 -23.11
CA GLN A 562 -4.66 16.14 -23.18
C GLN A 562 -4.16 16.39 -24.59
N ALA A 563 -4.83 15.78 -25.58
CA ALA A 563 -4.44 16.03 -26.97
C ALA A 563 -4.55 17.50 -27.31
N PHE A 564 -5.66 18.15 -26.94
CA PHE A 564 -5.88 19.54 -27.29
C PHE A 564 -4.85 20.45 -26.64
N PHE A 565 -4.57 20.23 -25.35
CA PHE A 565 -3.58 21.05 -24.65
C PHE A 565 -2.19 20.85 -25.24
N SER A 566 -1.79 19.59 -25.44
CA SER A 566 -0.49 19.33 -26.04
C SER A 566 -0.39 19.90 -27.45
N ALA A 567 -1.53 20.12 -28.10
CA ALA A 567 -1.52 20.84 -29.37
C ALA A 567 -1.53 22.35 -29.21
N VAL A 568 -1.93 22.84 -28.03
CA VAL A 568 -1.94 24.28 -27.77
C VAL A 568 -0.81 24.71 -26.84
N THR A 569 -0.40 23.88 -25.89
CA THR A 569 0.74 24.20 -25.03
C THR A 569 1.98 24.50 -25.87
N GLN A 570 2.08 23.90 -27.05
CA GLN A 570 3.12 24.22 -28.00
C GLN A 570 2.69 25.25 -29.04
N THR A 571 1.49 25.80 -28.92
CA THR A 571 1.00 26.77 -29.91
C THR A 571 0.30 27.94 -29.22
N ALA A 572 0.92 28.50 -28.19
CA ALA A 572 0.27 29.50 -27.35
C ALA A 572 1.05 30.81 -27.33
N ASP A 573 0.32 31.91 -27.15
CA ASP A 573 0.89 33.23 -26.91
C ASP A 573 0.25 33.82 -25.65
N GLY A 574 0.51 35.11 -25.41
CA GLY A 574 0.13 35.72 -24.14
C GLY A 574 -1.38 35.77 -23.92
N ALA A 575 -2.11 36.21 -24.94
CA ALA A 575 -3.56 36.30 -24.80
C ALA A 575 -4.16 34.90 -24.59
N LEU A 576 -3.69 33.91 -25.34
CA LEU A 576 -4.18 32.55 -25.17
C LEU A 576 -3.86 32.04 -23.78
N ILE A 577 -2.65 32.33 -23.28
CA ILE A 577 -2.25 31.85 -21.96
C ILE A 577 -3.17 32.42 -20.89
N ASN A 578 -3.39 33.74 -20.93
CA ASN A 578 -4.23 34.37 -19.92
C ASN A 578 -5.67 33.89 -20.01
N GLN A 579 -6.19 33.75 -21.23
CA GLN A 579 -7.56 33.27 -21.40
C GLN A 579 -7.72 31.87 -20.84
N LEU A 580 -6.76 30.98 -21.12
CA LEU A 580 -6.84 29.62 -20.61
C LEU A 580 -6.77 29.58 -19.09
N ALA A 581 -5.90 30.42 -18.51
CA ALA A 581 -5.81 30.47 -17.06
C ALA A 581 -7.14 30.88 -16.45
N LEU A 582 -7.76 31.92 -17.02
CA LEU A 582 -9.06 32.36 -16.52
C LEU A 582 -10.11 31.26 -16.71
N LEU A 583 -10.05 30.55 -17.83
CA LEU A 583 -10.98 29.47 -18.11
C LEU A 583 -10.93 28.41 -17.02
N LEU A 584 -9.73 27.98 -16.66
CA LEU A 584 -9.61 26.96 -15.62
C LEU A 584 -10.05 27.51 -14.27
N LEU A 585 -9.63 28.73 -13.94
CA LEU A 585 -10.03 29.32 -12.67
C LEU A 585 -11.55 29.37 -12.53
N GLU A 586 -12.26 29.60 -13.64
CA GLU A 586 -13.71 29.55 -13.60
C GLU A 586 -14.21 28.12 -13.45
N ARG A 587 -13.89 27.25 -14.42
CA ARG A 587 -14.44 25.89 -14.51
C ARG A 587 -13.94 24.97 -13.44
N SER A 588 -13.17 25.43 -12.46
CA SER A 588 -12.68 24.53 -11.40
C SER A 588 -13.82 23.75 -10.74
N ASP A 589 -14.87 24.43 -10.31
CA ASP A 589 -15.98 23.79 -9.61
C ASP A 589 -17.31 24.18 -10.26
N SER A 590 -17.37 24.10 -11.59
CA SER A 590 -18.52 24.46 -12.38
C SER A 590 -18.80 23.41 -13.45
N LEU A 591 -18.79 22.14 -13.05
CA LEU A 591 -18.87 21.03 -13.99
C LEU A 591 -20.18 20.26 -13.84
N TYR A 592 -20.57 19.60 -14.92
CA TYR A 592 -21.71 18.69 -14.86
C TYR A 592 -21.40 17.52 -13.94
N PRO A 593 -22.27 17.18 -13.03
CA PRO A 593 -21.97 16.19 -12.01
C PRO A 593 -22.11 14.74 -12.48
N VAL A 594 -21.58 14.46 -13.66
CA VAL A 594 -21.50 13.07 -14.13
C VAL A 594 -20.45 12.34 -13.29
N PRO A 595 -20.74 11.14 -12.79
CA PRO A 595 -19.81 10.48 -11.87
C PRO A 595 -18.43 10.28 -12.50
N GLN A 596 -17.40 10.58 -11.71
CA GLN A 596 -16.00 10.41 -12.11
C GLN A 596 -15.71 11.18 -13.40
N TYR A 597 -16.12 12.44 -13.42
CA TYR A 597 -15.80 13.34 -14.52
C TYR A 597 -14.97 14.53 -14.08
N GLU A 598 -15.44 15.27 -13.06
CA GLU A 598 -14.69 16.43 -12.59
C GLU A 598 -13.36 16.02 -11.98
N ALA A 599 -13.27 14.80 -11.45
CA ALA A 599 -12.03 14.32 -10.87
C ALA A 599 -10.93 14.12 -11.91
N ARG A 600 -11.27 14.14 -13.19
CA ARG A 600 -10.30 14.02 -14.26
C ARG A 600 -10.03 15.34 -14.97
N VAL A 601 -11.09 16.11 -15.22
CA VAL A 601 -10.91 17.44 -15.80
C VAL A 601 -10.11 18.32 -14.84
N HIS A 602 -10.39 18.20 -13.54
CA HIS A 602 -9.58 18.90 -12.53
C HIS A 602 -8.11 18.57 -12.69
N GLY A 603 -7.79 17.27 -12.74
CA GLY A 603 -6.39 16.87 -12.82
C GLY A 603 -5.70 17.40 -14.05
N VAL A 604 -6.34 17.23 -15.21
CA VAL A 604 -5.72 17.69 -16.46
C VAL A 604 -5.53 19.20 -16.43
N LEU A 605 -6.59 19.94 -16.10
CA LEU A 605 -6.51 21.40 -16.16
C LEU A 605 -5.50 21.95 -15.17
N SER A 606 -5.48 21.43 -13.94
CA SER A 606 -4.51 21.92 -12.96
C SER A 606 -3.09 21.60 -13.37
N SER A 607 -2.82 20.32 -13.68
CA SER A 607 -1.46 19.94 -14.00
C SER A 607 -0.99 20.50 -15.33
N GLN A 608 -1.90 21.08 -16.12
CA GLN A 608 -1.46 21.76 -17.33
C GLN A 608 -1.43 23.27 -17.19
N LEU A 609 -2.17 23.85 -16.24
CA LEU A 609 -1.89 25.22 -15.84
C LEU A 609 -0.51 25.32 -15.25
N LEU A 610 -0.07 24.27 -14.54
CA LEU A 610 1.34 24.20 -14.16
C LEU A 610 2.24 24.31 -15.39
N VAL A 611 1.89 23.61 -16.46
CA VAL A 611 2.71 23.62 -17.67
C VAL A 611 2.73 25.01 -18.28
N LEU A 612 1.58 25.70 -18.25
CA LEU A 612 1.55 27.08 -18.75
C LEU A 612 2.42 27.99 -17.89
N CYS A 613 2.36 27.84 -16.56
CA CYS A 613 3.17 28.69 -15.68
C CYS A 613 4.65 28.44 -15.90
N LYS A 614 5.04 27.18 -16.12
CA LYS A 614 6.44 26.91 -16.46
C LYS A 614 6.78 27.36 -17.87
N LEU A 615 5.80 27.53 -18.74
CA LEU A 615 6.07 28.15 -20.03
C LEU A 615 6.30 29.64 -19.89
N LYS A 616 5.56 30.30 -19.00
CA LYS A 616 5.79 31.72 -18.75
C LYS A 616 5.69 32.00 -17.26
N PRO A 617 6.82 32.33 -16.62
CA PRO A 617 6.83 32.50 -15.16
C PRO A 617 5.98 33.67 -14.66
N SER A 618 5.68 34.65 -15.51
CA SER A 618 4.99 35.86 -15.09
C SER A 618 3.48 35.72 -15.00
N LEU A 619 2.96 34.49 -15.09
CA LEU A 619 1.52 34.30 -15.01
C LEU A 619 0.97 34.74 -13.66
N VAL A 620 1.66 34.39 -12.57
CA VAL A 620 1.21 34.80 -11.25
C VAL A 620 1.31 36.32 -11.11
N VAL A 621 2.32 36.93 -11.73
CA VAL A 621 2.50 38.38 -11.61
C VAL A 621 1.37 39.12 -12.31
N GLU A 622 1.04 38.71 -13.53
CA GLU A 622 -0.02 39.40 -14.26
C GLU A 622 -1.41 39.08 -13.74
N LEU A 623 -1.55 38.08 -12.87
CA LEU A 623 -2.85 37.62 -12.43
C LEU A 623 -3.08 37.91 -10.95
N SER A 624 -2.77 39.14 -10.54
CA SER A 624 -2.84 39.48 -9.11
C SER A 624 -4.25 39.33 -8.56
N ARG A 625 -5.24 39.95 -9.21
CA ARG A 625 -6.56 40.08 -8.60
C ARG A 625 -7.24 38.72 -8.45
N GLU A 626 -7.29 37.94 -9.53
CA GLU A 626 -8.04 36.69 -9.51
C GLU A 626 -7.43 35.70 -8.53
N LEU A 627 -6.11 35.52 -8.60
CA LEU A 627 -5.44 34.60 -7.68
C LEU A 627 -5.56 35.08 -6.25
N LEU A 628 -5.50 36.41 -6.04
CA LEU A 628 -5.61 36.94 -4.69
C LEU A 628 -6.99 36.65 -4.10
N GLU A 629 -8.04 36.89 -4.89
CA GLU A 629 -9.38 36.58 -4.42
C GLU A 629 -9.53 35.08 -4.15
N PHE A 630 -8.96 34.25 -5.03
CA PHE A 630 -9.08 32.80 -4.88
C PHE A 630 -8.41 32.34 -3.59
N VAL A 631 -7.17 32.79 -3.33
CA VAL A 631 -6.48 32.31 -2.14
C VAL A 631 -7.16 32.86 -0.89
N GLY A 632 -7.64 34.11 -0.95
CA GLY A 632 -8.27 34.72 0.21
C GLY A 632 -9.60 34.09 0.58
N SER A 633 -10.21 33.34 -0.32
CA SER A 633 -11.47 32.65 -0.05
C SER A 633 -11.17 31.28 0.54
N VAL A 634 -11.78 30.99 1.70
CA VAL A 634 -11.69 29.64 2.24
C VAL A 634 -12.43 28.65 1.34
N SER A 635 -13.53 29.10 0.72
CA SER A 635 -14.34 28.20 -0.10
C SER A 635 -13.54 27.61 -1.26
N SER A 636 -12.51 28.31 -1.73
CA SER A 636 -11.66 27.76 -2.78
C SER A 636 -10.98 26.48 -2.30
N ILE A 637 -10.44 26.48 -1.07
CA ILE A 637 -9.85 25.28 -0.51
C ILE A 637 -10.91 24.31 0.01
N HIS A 638 -12.14 24.78 0.18
CA HIS A 638 -13.22 23.93 0.65
C HIS A 638 -13.99 23.26 -0.47
N SER A 639 -13.70 23.60 -1.73
CA SER A 639 -14.33 22.94 -2.87
C SER A 639 -13.40 22.57 -4.00
N ARG A 640 -12.14 23.02 -3.99
CA ARG A 640 -11.18 22.69 -5.04
C ARG A 640 -9.92 22.09 -4.41
N ALA A 641 -10.10 21.10 -3.53
CA ALA A 641 -9.06 20.63 -2.64
C ALA A 641 -7.78 20.16 -3.34
N SER A 642 -7.79 20.00 -4.67
CA SER A 642 -6.62 19.53 -5.38
C SER A 642 -6.11 20.48 -6.45
N VAL A 643 -6.70 21.67 -6.59
CA VAL A 643 -6.18 22.68 -7.50
C VAL A 643 -5.57 23.81 -6.69
N PHE A 644 -6.03 23.97 -5.44
CA PHE A 644 -5.53 25.04 -4.59
C PHE A 644 -4.04 24.89 -4.32
N THR A 645 -3.59 23.65 -4.10
CA THR A 645 -2.17 23.39 -3.94
C THR A 645 -1.36 24.01 -5.08
N CYS A 646 -1.85 23.87 -6.31
CA CYS A 646 -1.10 24.35 -7.47
C CYS A 646 -0.97 25.87 -7.45
N VAL A 647 -2.07 26.57 -7.21
CA VAL A 647 -2.03 28.03 -7.29
C VAL A 647 -1.21 28.60 -6.14
N VAL A 648 -1.33 28.02 -4.94
CA VAL A 648 -0.55 28.53 -3.82
C VAL A 648 0.94 28.24 -4.02
N TRP A 649 1.28 27.07 -4.59
CA TRP A 649 2.68 26.80 -4.89
C TRP A 649 3.22 27.76 -5.94
N ALA A 650 2.45 28.02 -6.99
CA ALA A 650 2.90 28.94 -8.03
C ALA A 650 3.08 30.36 -7.48
N ILE A 651 2.15 30.80 -6.63
CA ILE A 651 2.28 32.13 -6.04
C ILE A 651 3.48 32.18 -5.11
N GLY A 652 3.70 31.14 -4.32
CA GLY A 652 4.82 31.13 -3.41
C GLY A 652 6.15 31.14 -4.12
N GLU A 653 6.23 30.48 -5.28
CA GLU A 653 7.51 30.40 -5.98
C GLU A 653 7.71 31.52 -6.99
N TYR A 654 6.65 31.98 -7.65
CA TYR A 654 6.79 32.93 -8.75
C TYR A 654 6.53 34.38 -8.33
N LEU A 655 6.85 34.72 -7.08
CA LEU A 655 6.96 36.12 -6.66
C LEU A 655 8.45 36.46 -6.66
N SER A 656 8.99 36.61 -7.87
CA SER A 656 10.43 36.70 -8.08
C SER A 656 10.84 38.15 -8.31
N VAL A 657 11.83 38.60 -7.54
CA VAL A 657 12.28 39.99 -7.67
C VAL A 657 12.93 40.22 -9.02
N THR A 658 13.66 39.23 -9.54
CA THR A 658 14.33 39.36 -10.83
C THR A 658 13.45 38.89 -11.98
N LYS A 661 9.45 43.45 -15.97
CA LYS A 661 9.61 44.85 -15.56
C LYS A 661 8.30 45.40 -15.03
N ARG A 662 7.26 44.58 -15.03
CA ARG A 662 5.95 44.99 -14.55
C ARG A 662 5.76 44.73 -13.06
N CYS A 663 6.73 44.10 -12.40
CA CYS A 663 6.62 43.83 -10.97
C CYS A 663 6.81 45.10 -10.15
N THR A 664 6.16 45.14 -9.00
CA THR A 664 6.32 46.21 -8.02
C THR A 664 6.54 45.59 -6.65
N ALA A 665 7.26 46.31 -5.79
CA ALA A 665 7.61 45.80 -4.48
C ALA A 665 6.39 45.58 -3.58
N GLU A 666 5.31 46.34 -3.78
CA GLU A 666 4.14 46.20 -2.94
C GLU A 666 3.25 45.02 -3.33
N GLN A 667 3.41 44.47 -4.53
CA GLN A 667 2.66 43.28 -4.92
C GLN A 667 2.99 42.11 -4.02
N ILE A 668 4.25 41.97 -3.65
CA ILE A 668 4.65 40.91 -2.73
C ILE A 668 3.92 41.06 -1.40
N ASN A 669 3.80 42.30 -0.92
CA ASN A 669 3.11 42.55 0.35
C ASN A 669 1.61 42.28 0.24
N LYS A 670 1.00 42.66 -0.89
CA LYS A 670 -0.43 42.39 -1.08
C LYS A 670 -0.70 40.90 -1.15
N PHE A 671 0.12 40.17 -1.92
CA PHE A 671 -0.03 38.72 -1.99
C PHE A 671 0.22 38.09 -0.63
N PHE A 672 1.19 38.61 0.12
CA PHE A 672 1.43 38.11 1.46
C PHE A 672 0.23 38.38 2.37
N GLU A 673 -0.45 39.50 2.17
CA GLU A 673 -1.67 39.77 2.93
C GLU A 673 -2.74 38.74 2.62
N ALA A 674 -2.94 38.45 1.33
CA ALA A 674 -3.91 37.42 0.96
C ALA A 674 -3.54 36.07 1.57
N LEU A 675 -2.26 35.70 1.48
CA LEU A 675 -1.82 34.42 2.02
C LEU A 675 -1.96 34.38 3.54
N GLU A 676 -1.64 35.47 4.22
CA GLU A 676 -1.78 35.50 5.67
C GLU A 676 -3.24 35.35 6.08
N ALA A 677 -4.14 36.04 5.39
CA ALA A 677 -5.56 35.89 5.69
C ALA A 677 -6.01 34.45 5.47
N LEU A 678 -5.59 33.86 4.35
CA LEU A 678 -5.97 32.48 4.06
C LEU A 678 -5.44 31.53 5.11
N LEU A 679 -4.18 31.69 5.50
CA LEU A 679 -3.59 30.79 6.49
C LEU A 679 -4.27 30.92 7.84
N PHE A 680 -4.60 32.15 8.24
CA PHE A 680 -5.30 32.36 9.49
C PHE A 680 -6.68 31.72 9.46
N GLU A 681 -7.42 31.91 8.36
CA GLU A 681 -8.78 31.40 8.28
C GLU A 681 -8.81 29.88 8.20
N VAL A 682 -7.97 29.30 7.33
CA VAL A 682 -7.98 27.85 7.12
C VAL A 682 -7.53 27.12 8.37
N THR A 683 -6.43 27.57 8.97
CA THR A 683 -5.96 26.97 10.21
C THR A 683 -6.59 27.67 11.41
N PRO A 692 -15.24 19.04 0.81
CA PRO A 692 -13.81 18.74 0.93
C PRO A 692 -12.99 19.96 1.32
N CYS A 693 -12.72 20.11 2.62
CA CYS A 693 -11.97 21.25 3.10
C CYS A 693 -10.51 21.17 2.64
N CYS A 694 -9.71 22.13 3.06
CA CYS A 694 -8.31 22.17 2.69
C CYS A 694 -7.62 20.90 3.19
N PRO A 695 -6.97 20.14 2.31
CA PRO A 695 -6.35 18.88 2.75
C PRO A 695 -5.03 19.14 3.43
N PRO A 696 -4.41 18.11 4.03
CA PRO A 696 -3.08 18.28 4.62
C PRO A 696 -2.01 18.71 3.62
N GLU A 697 -2.39 18.90 2.36
CA GLU A 697 -1.46 19.45 1.37
C GLU A 697 -1.54 20.98 1.32
N VAL A 698 -2.75 21.52 1.50
CA VAL A 698 -2.91 22.97 1.44
C VAL A 698 -2.19 23.65 2.59
N VAL A 699 -2.17 23.02 3.77
CA VAL A 699 -1.48 23.62 4.91
C VAL A 699 0.01 23.76 4.63
N THR A 700 0.63 22.68 4.14
CA THR A 700 2.07 22.71 3.89
C THR A 700 2.40 23.65 2.75
N ALA A 701 1.59 23.64 1.68
CA ALA A 701 1.83 24.58 0.59
C ALA A 701 1.65 26.01 1.04
N LEU A 702 0.70 26.26 1.95
CA LEU A 702 0.50 27.61 2.48
C LEU A 702 1.69 28.05 3.33
N MET A 703 2.20 27.16 4.18
CA MET A 703 3.42 27.48 4.93
C MET A 703 4.56 27.79 3.98
N THR A 704 4.73 26.95 2.95
CA THR A 704 5.80 27.16 1.99
C THR A 704 5.67 28.51 1.31
N THR A 705 4.46 28.83 0.83
CA THR A 705 4.24 30.09 0.13
C THR A 705 4.52 31.28 1.04
N LEU A 706 4.01 31.23 2.27
CA LEU A 706 4.23 32.35 3.19
C LEU A 706 5.71 32.54 3.50
N THR A 707 6.39 31.46 3.91
CA THR A 707 7.78 31.61 4.35
C THR A 707 8.73 31.86 3.17
N LYS A 708 8.37 31.44 1.96
CA LYS A 708 9.21 31.72 0.81
C LYS A 708 8.83 33.00 0.10
N LEU A 709 7.72 33.62 0.49
CA LEU A 709 7.34 34.93 -0.02
C LEU A 709 7.72 36.05 0.92
N ALA A 710 7.96 35.73 2.19
CA ALA A 710 8.44 36.70 3.16
C ALA A 710 9.96 36.73 3.28
N SER A 711 10.69 35.88 2.55
CA SER A 711 12.13 35.99 2.47
C SER A 711 12.60 36.80 1.27
N ARG A 712 11.68 37.29 0.44
CA ARG A 712 11.98 38.28 -0.58
C ARG A 712 11.68 39.69 -0.11
N SER A 713 11.11 39.86 1.08
CA SER A 713 10.83 41.15 1.66
C SER A 713 11.67 41.33 2.90
N GLN A 714 12.33 42.49 3.02
CA GLN A 714 13.26 42.72 4.12
C GLN A 714 12.53 42.70 5.48
N ASP A 715 11.39 43.39 5.55
CA ASP A 715 10.67 43.48 6.82
C ASP A 715 9.94 42.19 7.16
N LEU A 716 9.43 41.50 6.13
CA LEU A 716 8.57 40.34 6.38
C LEU A 716 9.32 39.18 7.01
N ILE A 717 10.65 39.22 7.07
CA ILE A 717 11.39 38.24 7.85
C ILE A 717 11.03 38.35 9.33
N PRO A 718 10.99 39.53 9.94
CA PRO A 718 10.49 39.62 11.31
C PRO A 718 9.04 39.17 11.43
N ARG A 719 8.24 39.44 10.41
CA ARG A 719 6.86 38.97 10.42
C ARG A 719 6.81 37.45 10.46
N VAL A 720 7.70 36.79 9.73
CA VAL A 720 7.83 35.34 9.82
C VAL A 720 8.25 34.93 11.23
N SER A 721 9.27 35.59 11.77
CA SER A 721 9.75 35.26 13.10
C SER A 721 8.67 35.45 14.15
N LEU A 722 7.65 36.26 13.85
CA LEU A 722 6.56 36.48 14.79
C LEU A 722 5.38 35.55 14.55
N PHE A 723 5.11 35.20 13.29
CA PHE A 723 3.89 34.51 12.92
C PHE A 723 4.14 33.13 12.33
N LEU A 724 5.07 33.00 11.38
CA LEU A 724 5.41 31.68 10.86
C LEU A 724 6.20 30.87 11.88
N SER A 725 7.02 31.55 12.69
CA SER A 725 7.62 30.89 13.83
C SER A 725 6.56 30.43 14.82
N LYS A 726 5.52 31.27 15.01
CA LYS A 726 4.41 30.88 15.87
C LYS A 726 3.68 29.67 15.30
N MET A 727 3.48 29.64 13.99
CA MET A 727 2.80 28.51 13.35
C MET A 727 3.63 27.25 13.47
N ARG A 728 4.94 27.36 13.31
CA ARG A 728 5.82 26.22 13.55
C ARG A 728 5.70 25.73 14.98
N THR A 729 5.74 26.65 15.95
CA THR A 729 5.70 26.28 17.35
C THR A 729 4.37 25.60 17.70
N LEU A 730 3.27 26.12 17.18
CA LEU A 730 1.98 25.46 17.36
C LEU A 730 1.97 24.09 16.70
N ALA A 731 2.55 24.00 15.49
CA ALA A 731 2.72 22.71 14.85
C ALA A 731 3.66 21.82 15.66
N GLN A 732 4.70 22.41 16.23
CA GLN A 732 5.61 21.68 17.10
C GLN A 732 4.91 21.32 18.41
N GLY A 744 -0.50 13.96 7.35
CA GLY A 744 -0.04 15.11 6.60
C GLY A 744 0.22 16.33 7.48
N ALA A 745 0.04 16.15 8.79
CA ALA A 745 0.33 17.24 9.72
C ALA A 745 1.83 17.38 9.95
N GLU A 746 2.54 16.25 10.00
CA GLU A 746 3.99 16.30 10.20
C GLU A 746 4.67 17.03 9.05
N SER A 747 4.23 16.79 7.81
CA SER A 747 4.77 17.51 6.67
C SER A 747 4.46 19.00 6.77
N ILE A 748 3.26 19.34 7.26
CA ILE A 748 2.90 20.74 7.45
C ILE A 748 3.84 21.40 8.46
N ARG A 749 4.14 20.69 9.54
CA ARG A 749 5.05 21.21 10.55
C ARG A 749 6.46 21.39 10.01
N THR A 750 6.94 20.41 9.23
CA THR A 750 8.35 20.39 8.83
C THR A 750 8.64 21.29 7.64
N ARG A 751 7.65 21.53 6.76
CA ARG A 751 7.94 22.17 5.48
C ARG A 751 8.49 23.58 5.66
N ALA A 752 7.92 24.36 6.60
CA ALA A 752 8.24 25.78 6.68
C ALA A 752 9.68 26.04 7.04
N SER A 753 10.38 25.04 7.57
CA SER A 753 11.77 25.23 7.97
C SER A 753 12.63 25.70 6.80
N GLU A 754 12.31 25.26 5.58
CA GLU A 754 13.12 25.54 4.40
C GLU A 754 13.14 27.01 4.02
N LEU A 755 12.29 27.84 4.62
CA LEU A 755 12.41 29.28 4.49
C LEU A 755 12.17 30.00 5.81
N LEU A 756 12.21 29.29 6.93
CA LEU A 756 12.41 29.92 8.24
C LEU A 756 13.87 29.86 8.67
N THR A 757 14.41 28.64 8.80
CA THR A 757 15.82 28.49 9.14
C THR A 757 16.72 28.83 7.95
N LEU A 758 16.29 28.44 6.75
CA LEU A 758 17.07 28.70 5.55
C LEU A 758 16.80 30.08 4.96
N LEU A 759 15.96 30.89 5.61
CA LEU A 759 15.82 32.29 5.25
C LEU A 759 16.16 33.23 6.40
N LYS A 760 16.46 32.70 7.59
CA LYS A 760 17.04 33.54 8.64
C LYS A 760 18.32 34.20 8.14
N MET A 761 19.20 33.43 7.51
CA MET A 761 20.39 33.98 6.87
C MET A 761 20.00 34.53 5.49
N PRO A 762 20.24 35.81 5.22
CA PRO A 762 19.69 36.41 3.99
C PRO A 762 20.49 36.13 2.73
N SER A 763 21.83 36.04 2.86
CA SER A 763 22.67 35.94 1.67
C SER A 763 22.39 34.65 0.90
N VAL A 764 22.32 33.52 1.60
CA VAL A 764 22.04 32.25 0.93
C VAL A 764 20.60 32.21 0.45
N ALA A 765 19.67 32.71 1.25
CA ALA A 765 18.25 32.62 0.90
C ALA A 765 17.87 33.55 -0.25
N GLN A 766 18.67 34.57 -0.54
CA GLN A 766 18.30 35.52 -1.57
C GLN A 766 18.28 34.88 -2.96
N PHE A 767 19.12 33.86 -3.18
CA PHE A 767 19.36 33.35 -4.52
C PHE A 767 18.76 31.97 -4.78
N VAL A 768 18.70 31.11 -3.77
CA VAL A 768 18.22 29.75 -3.98
C VAL A 768 16.79 29.77 -4.49
N PHE A 769 15.93 30.57 -3.84
CA PHE A 769 14.51 30.63 -4.18
C PHE A 769 14.26 31.34 -5.50
N THR A 770 15.27 31.93 -6.11
CA THR A 770 15.19 32.46 -7.47
C THR A 770 16.37 31.90 -8.26
N PRO A 771 16.35 30.62 -8.59
CA PRO A 771 17.51 29.97 -9.21
C PRO A 771 17.62 30.31 -10.68
N PRO A 772 18.77 30.05 -11.30
CA PRO A 772 18.91 30.34 -12.74
C PRO A 772 18.17 29.36 -13.61
N ALA A 773 18.35 29.47 -14.93
CA ALA A 773 17.63 28.64 -15.88
C ALA A 773 18.20 27.23 -16.00
N GLY A 774 19.34 26.95 -15.39
CA GLY A 774 20.00 25.66 -15.62
C GLY A 774 20.29 24.83 -14.39
N VAL A 775 19.38 24.83 -13.41
CA VAL A 775 19.50 23.91 -12.27
C VAL A 775 18.92 22.54 -12.59
N CYS A 776 18.27 22.39 -13.75
CA CYS A 776 17.56 21.17 -14.12
C CYS A 776 18.41 20.20 -14.92
N GLN A 777 19.05 20.67 -15.99
CA GLN A 777 19.92 19.80 -16.78
C GLN A 777 21.02 19.23 -15.89
N PRO A 778 21.39 17.96 -16.07
CA PRO A 778 22.22 17.28 -15.06
C PRO A 778 23.69 17.69 -15.05
N ARG A 779 24.13 18.53 -15.99
CA ARG A 779 25.50 19.03 -15.98
C ARG A 779 25.48 20.50 -16.35
N TYR A 780 25.37 21.35 -15.33
CA TYR A 780 25.51 22.79 -15.49
C TYR A 780 26.22 23.48 -14.33
N HIS A 781 26.69 22.75 -13.32
CA HIS A 781 27.20 23.40 -12.11
C HIS A 781 28.48 22.82 -11.53
N ARG A 782 29.01 21.70 -12.05
CA ARG A 782 30.19 21.08 -11.45
C ARG A 782 31.41 22.00 -11.48
N ASP A 783 31.40 23.01 -12.32
CA ASP A 783 32.45 24.02 -12.38
C ASP A 783 32.23 25.18 -11.43
N THR A 784 31.04 25.29 -10.82
CA THR A 784 30.74 26.40 -9.92
C THR A 784 31.34 26.22 -8.53
N ASN A 785 31.82 25.02 -8.21
CA ASN A 785 32.62 24.77 -7.02
C ASN A 785 34.09 24.58 -7.38
N VAL A 786 34.55 25.25 -8.43
CA VAL A 786 35.91 25.10 -8.94
C VAL A 786 36.63 26.41 -8.77
N ALA A 787 36.33 27.14 -7.70
CA ALA A 787 36.89 28.46 -7.47
C ALA A 787 37.87 28.54 -6.30
N LEU A 788 38.02 27.48 -5.52
CA LEU A 788 39.00 27.49 -4.44
C LEU A 788 40.41 27.73 -4.99
N ASP B 7 -40.76 19.48 40.38
CA ASP B 7 -39.75 20.01 39.48
C ASP B 7 -39.19 21.34 39.99
N ALA B 8 -39.28 21.54 41.31
CA ALA B 8 -38.78 22.77 41.90
C ALA B 8 -37.25 22.85 41.81
N TRP B 9 -36.57 21.77 42.21
CA TRP B 9 -35.12 21.75 42.23
C TRP B 9 -34.50 20.82 41.21
N ALA B 10 -35.29 19.96 40.57
CA ALA B 10 -34.73 19.01 39.61
C ALA B 10 -34.08 19.73 38.44
N GLN B 11 -34.81 20.65 37.81
CA GLN B 11 -34.23 21.47 36.76
C GLN B 11 -33.13 22.39 37.29
N ARG B 12 -33.13 22.66 38.59
CA ARG B 12 -32.06 23.48 39.17
C ARG B 12 -30.76 22.69 39.24
N LEU B 13 -30.82 21.43 39.69
CA LEU B 13 -29.62 20.61 39.79
C LEU B 13 -29.21 19.99 38.47
N GLY B 14 -30.09 19.96 37.48
CA GLY B 14 -29.72 19.40 36.18
C GLY B 14 -28.59 20.17 35.53
N ALA B 15 -28.71 21.50 35.52
CA ALA B 15 -27.68 22.33 34.91
C ALA B 15 -26.38 22.32 35.71
N PHE B 16 -26.41 21.92 36.98
CA PHE B 16 -25.17 21.85 37.74
C PHE B 16 -24.49 20.51 37.57
N ARG B 17 -25.25 19.42 37.67
CA ARG B 17 -24.65 18.11 37.47
C ARG B 17 -24.37 17.81 36.00
N ALA B 18 -24.84 18.64 35.09
CA ALA B 18 -24.31 18.60 33.74
C ALA B 18 -22.87 19.10 33.71
N SER B 19 -22.58 20.21 34.40
CA SER B 19 -21.23 20.73 34.50
C SER B 19 -21.08 21.62 35.73
N PRO B 20 -20.45 21.14 36.80
CA PRO B 20 -20.36 21.98 38.02
C PRO B 20 -19.60 23.28 37.80
N SER B 21 -18.37 23.20 37.30
CA SER B 21 -17.54 24.41 37.17
C SER B 21 -18.07 25.35 36.10
N ALA B 22 -18.77 24.83 35.08
CA ALA B 22 -19.32 25.71 34.06
C ALA B 22 -20.52 26.49 34.59
N PHE B 23 -21.44 25.82 35.28
CA PHE B 23 -22.62 26.50 35.78
C PHE B 23 -22.29 27.41 36.96
N MET B 24 -21.39 26.97 37.85
CA MET B 24 -20.98 27.83 38.96
C MET B 24 -20.23 29.06 38.49
N ALA B 25 -19.73 29.05 37.26
CA ALA B 25 -19.14 30.23 36.65
C ALA B 25 -20.16 31.06 35.88
N GLY B 26 -21.42 30.64 35.87
CA GLY B 26 -22.46 31.38 35.20
C GLY B 26 -23.13 32.41 36.10
N PRO B 27 -24.17 33.05 35.59
CA PRO B 27 -24.81 34.12 36.36
C PRO B 27 -25.73 33.59 37.45
N GLU B 28 -26.42 32.48 37.18
CA GLU B 28 -27.38 31.95 38.13
C GLU B 28 -26.71 31.24 39.30
N GLY B 29 -25.48 30.77 39.12
CA GLY B 29 -24.81 30.04 40.19
C GLY B 29 -24.25 30.90 41.29
N GLU B 30 -24.30 32.22 41.13
CA GLU B 30 -23.83 33.11 42.18
C GLU B 30 -24.65 32.94 43.46
N ASP B 31 -25.96 32.81 43.33
CA ASP B 31 -26.84 32.69 44.48
C ASP B 31 -27.34 31.27 44.71
N LEU B 32 -26.81 30.28 43.99
CA LEU B 32 -27.26 28.90 44.15
C LEU B 32 -26.98 28.40 45.57
N GLY B 33 -25.75 28.61 46.03
CA GLY B 33 -25.44 28.24 47.41
C GLY B 33 -26.29 29.00 48.41
N ARG B 34 -26.59 30.26 48.11
CA ARG B 34 -27.43 31.05 48.99
C ARG B 34 -28.82 30.43 49.12
N ASP B 35 -29.44 30.08 47.99
CA ASP B 35 -30.77 29.46 48.06
C ASP B 35 -30.69 28.14 48.82
N LEU B 36 -29.68 27.32 48.50
CA LEU B 36 -29.57 26.00 49.10
C LEU B 36 -29.43 26.09 50.62
N LEU B 37 -28.58 27.00 51.09
CA LEU B 37 -28.49 27.21 52.53
C LEU B 37 -29.78 27.79 53.10
N SER B 38 -30.48 28.61 52.32
CA SER B 38 -31.69 29.26 52.85
C SER B 38 -32.78 28.24 53.13
N ASP B 39 -33.11 27.38 52.18
CA ASP B 39 -34.26 26.50 52.33
C ASP B 39 -33.91 25.24 53.10
N LEU B 40 -32.78 25.26 53.80
CA LEU B 40 -32.38 24.10 54.59
C LEU B 40 -33.36 23.83 55.74
N ARG B 41 -33.78 24.89 56.44
CA ARG B 41 -34.71 24.77 57.55
C ARG B 41 -36.16 24.98 57.12
N SER B 42 -36.41 25.14 55.83
CA SER B 42 -37.76 25.42 55.34
C SER B 42 -38.65 24.18 55.48
N GLU B 43 -39.95 24.40 55.31
CA GLU B 43 -40.94 23.33 55.34
C GLU B 43 -41.66 23.15 54.01
N LYS B 44 -41.47 24.06 53.05
CA LYS B 44 -42.10 23.91 51.74
C LYS B 44 -41.40 22.90 50.85
N LEU B 45 -40.21 22.43 51.24
CA LEU B 45 -39.43 21.47 50.45
C LEU B 45 -39.71 20.07 50.95
N SER B 46 -40.03 19.16 50.02
CA SER B 46 -40.39 17.81 50.38
C SER B 46 -39.14 17.00 50.77
N GLU B 47 -39.37 15.72 51.08
CA GLU B 47 -38.27 14.85 51.48
C GLU B 47 -37.29 14.65 50.33
N GLN B 48 -37.80 14.36 49.14
CA GLN B 48 -36.94 14.04 48.01
C GLN B 48 -36.06 15.23 47.61
N THR B 49 -36.65 16.42 47.58
CA THR B 49 -35.87 17.61 47.20
C THR B 49 -34.76 17.88 48.20
N LYS B 50 -35.07 17.76 49.50
CA LYS B 50 -34.04 17.94 50.52
C LYS B 50 -32.94 16.90 50.37
N VAL B 51 -33.31 15.65 50.12
CA VAL B 51 -32.32 14.60 49.97
C VAL B 51 -31.39 14.89 48.80
N SER B 52 -31.96 15.26 47.66
CA SER B 52 -31.15 15.51 46.47
C SER B 52 -30.24 16.72 46.68
N LEU B 53 -30.76 17.80 47.27
CA LEU B 53 -29.95 18.98 47.50
C LEU B 53 -28.80 18.67 48.44
N LEU B 54 -29.06 17.87 49.48
CA LEU B 54 -28.01 17.54 50.42
C LEU B 54 -27.00 16.58 49.80
N ALA B 55 -27.44 15.74 48.85
CA ALA B 55 -26.49 14.90 48.13
C ALA B 55 -25.55 15.75 47.28
N LEU B 56 -26.07 16.79 46.63
CA LEU B 56 -25.17 17.69 45.90
C LEU B 56 -24.23 18.40 46.88
N SER B 57 -24.75 18.83 48.03
CA SER B 57 -23.88 19.45 49.03
C SER B 57 -22.78 18.51 49.47
N MET B 58 -23.08 17.22 49.55
CA MET B 58 -22.04 16.19 49.71
C MET B 58 -21.01 16.27 48.60
N GLU B 59 -21.48 16.24 47.35
CA GLU B 59 -20.62 15.80 46.27
C GLU B 59 -19.60 16.85 45.83
N TYR B 60 -19.94 18.14 45.88
CA TYR B 60 -19.06 19.20 45.39
C TYR B 60 -18.93 20.36 46.39
N PRO B 61 -18.31 20.13 47.54
CA PRO B 61 -18.09 21.25 48.47
C PRO B 61 -17.10 22.28 47.98
N ALA B 62 -16.36 22.01 46.90
CA ALA B 62 -15.35 22.94 46.45
C ALA B 62 -15.85 23.98 45.46
N GLN B 63 -17.11 23.89 45.04
CA GLN B 63 -17.60 24.69 43.93
C GLN B 63 -18.56 25.80 44.34
N LEU B 64 -19.05 25.79 45.57
CA LEU B 64 -20.03 26.79 46.02
C LEU B 64 -19.56 27.64 47.18
N TRP B 65 -18.57 27.19 47.96
CA TRP B 65 -18.05 27.94 49.10
C TRP B 65 -16.52 27.97 49.05
N PRO B 66 -15.96 28.69 48.08
CA PRO B 66 -14.50 28.67 47.90
C PRO B 66 -13.74 29.29 49.08
N ASP B 67 -14.09 30.51 49.45
CA ASP B 67 -13.36 31.23 50.47
C ASP B 67 -13.54 30.57 51.83
N ALA B 68 -12.58 30.81 52.72
CA ALA B 68 -12.67 30.26 54.07
C ALA B 68 -13.84 30.86 54.84
N SER B 69 -14.07 32.16 54.71
CA SER B 69 -15.17 32.80 55.42
C SER B 69 -16.51 32.25 54.95
N ALA B 70 -16.68 32.09 53.64
CA ALA B 70 -17.92 31.53 53.12
C ALA B 70 -18.12 30.11 53.61
N ALA B 71 -17.03 29.33 53.65
CA ALA B 71 -17.12 27.96 54.13
C ALA B 71 -17.53 27.92 55.60
N GLU B 72 -16.96 28.81 56.42
CA GLU B 72 -17.34 28.85 57.82
C GLU B 72 -18.81 29.24 57.97
N VAL B 73 -19.27 30.21 57.18
CA VAL B 73 -20.66 30.65 57.25
C VAL B 73 -21.60 29.51 56.88
N ALA B 74 -21.28 28.80 55.80
CA ALA B 74 -22.08 27.64 55.41
C ALA B 74 -22.05 26.57 56.49
N ALA B 75 -20.90 26.40 57.15
CA ALA B 75 -20.79 25.42 58.23
C ALA B 75 -21.75 25.76 59.36
N THR B 76 -21.74 27.01 59.82
CA THR B 76 -22.65 27.40 60.89
C THR B 76 -24.11 27.29 60.44
N SER B 77 -24.40 27.65 59.20
CA SER B 77 -25.78 27.57 58.72
C SER B 77 -26.27 26.12 58.72
N LEU B 78 -25.45 25.21 58.20
CA LEU B 78 -25.82 23.81 58.17
C LEU B 78 -25.97 23.26 59.58
N LEU B 79 -25.06 23.64 60.48
CA LEU B 79 -25.16 23.18 61.86
C LEU B 79 -26.46 23.65 62.49
N ASP B 80 -26.83 24.91 62.25
CA ASP B 80 -28.06 25.45 62.79
C ASP B 80 -29.28 24.68 62.28
N THR B 81 -29.36 24.50 60.96
CA THR B 81 -30.54 23.80 60.44
C THR B 81 -30.55 22.33 60.84
N LEU B 82 -29.39 21.76 61.17
CA LEU B 82 -29.35 20.40 61.66
C LEU B 82 -29.86 20.31 63.11
N VAL B 83 -29.50 21.31 63.93
CA VAL B 83 -30.01 21.33 65.30
C VAL B 83 -31.49 21.68 65.32
N LEU B 84 -31.91 22.65 64.49
CA LEU B 84 -33.27 23.17 64.51
C LEU B 84 -34.27 22.28 63.78
N LEU B 85 -33.92 21.03 63.48
CA LEU B 85 -34.83 20.17 62.75
C LEU B 85 -36.01 19.75 63.64
N PRO B 86 -37.16 19.47 63.05
CA PRO B 86 -38.30 18.95 63.82
C PRO B 86 -37.93 17.67 64.55
N PRO B 87 -38.41 17.49 65.79
CA PRO B 87 -38.06 16.30 66.58
C PRO B 87 -38.89 15.06 66.24
N ARG B 88 -38.97 14.76 64.95
CA ARG B 88 -39.67 13.60 64.45
C ARG B 88 -38.73 12.77 63.58
N PRO B 89 -38.95 11.45 63.49
CA PRO B 89 -38.05 10.61 62.68
C PRO B 89 -38.13 10.99 61.21
N SER B 90 -37.00 11.44 60.66
CA SER B 90 -36.91 11.87 59.28
C SER B 90 -35.64 11.29 58.68
N ALA B 91 -35.28 11.76 57.49
CA ALA B 91 -34.16 11.22 56.73
C ALA B 91 -33.23 12.34 56.28
N LEU B 92 -32.97 13.30 57.16
CA LEU B 92 -31.98 14.33 56.91
C LEU B 92 -30.91 14.36 58.00
N ARG B 93 -30.83 13.34 58.85
CA ARG B 93 -29.92 13.40 59.99
C ARG B 93 -28.48 13.16 59.57
N ARG B 94 -28.19 11.97 59.07
CA ARG B 94 -26.80 11.66 58.66
C ARG B 94 -26.34 12.50 57.48
N PRO B 95 -27.12 12.63 56.39
CA PRO B 95 -26.61 13.42 55.26
C PRO B 95 -26.28 14.85 55.62
N LEU B 96 -27.00 15.46 56.55
CA LEU B 96 -26.69 16.84 56.94
C LEU B 96 -25.30 16.92 57.59
N LEU B 97 -25.04 16.04 58.56
CA LEU B 97 -23.74 16.06 59.21
C LEU B 97 -22.63 15.80 58.21
N LEU B 98 -22.85 14.85 57.30
CA LEU B 98 -21.81 14.52 56.34
C LEU B 98 -21.58 15.68 55.36
N ALA B 99 -22.65 16.39 54.98
CA ALA B 99 -22.49 17.52 54.07
C ALA B 99 -21.76 18.67 54.73
N ALA B 100 -22.08 18.93 56.00
CA ALA B 100 -21.34 19.96 56.74
C ALA B 100 -19.87 19.58 56.86
N THR B 101 -19.59 18.30 57.13
CA THR B 101 -18.21 17.85 57.21
C THR B 101 -17.50 18.04 55.87
N THR B 102 -18.16 17.71 54.77
CA THR B 102 -17.55 17.88 53.46
C THR B 102 -17.25 19.35 53.19
N ALA B 103 -18.20 20.24 53.49
CA ALA B 103 -17.99 21.66 53.23
C ALA B 103 -16.82 22.19 54.06
N LEU B 104 -16.80 21.86 55.36
CA LEU B 104 -15.73 22.35 56.22
C LEU B 104 -14.36 21.79 55.81
N ALA B 105 -14.32 20.51 55.44
CA ALA B 105 -13.04 19.87 55.15
C ALA B 105 -12.47 20.32 53.81
N ALA B 106 -13.32 20.41 52.78
CA ALA B 106 -12.85 20.78 51.45
C ALA B 106 -12.84 22.28 51.21
N GLY B 107 -13.38 23.08 52.14
CA GLY B 107 -13.32 24.52 51.99
C GLY B 107 -12.06 25.13 52.55
N GLY B 108 -11.35 24.37 53.39
CA GLY B 108 -10.15 24.85 54.02
C GLY B 108 -10.37 25.71 55.25
N ALA B 109 -11.61 25.93 55.66
CA ALA B 109 -11.91 26.79 56.79
C ALA B 109 -11.81 26.06 58.12
N LEU B 110 -11.52 24.76 58.13
CA LEU B 110 -11.42 24.03 59.38
C LEU B 110 -10.21 24.48 60.18
N GLY B 111 -10.39 24.57 61.49
CA GLY B 111 -9.30 24.96 62.38
C GLY B 111 -9.77 25.13 63.82
N PRO B 112 -8.87 24.91 64.76
CA PRO B 112 -9.23 25.07 66.18
C PRO B 112 -9.68 26.48 66.54
N THR B 113 -9.21 27.50 65.82
CA THR B 113 -9.49 28.89 66.17
C THR B 113 -10.73 29.43 65.46
N SER B 114 -11.68 28.56 65.09
CA SER B 114 -12.90 28.98 64.43
C SER B 114 -14.10 28.43 65.18
N GLY B 115 -15.14 29.26 65.33
CA GLY B 115 -16.30 28.85 66.08
C GLY B 115 -17.06 27.71 65.42
N ALA B 116 -17.13 27.72 64.09
CA ALA B 116 -17.86 26.65 63.39
C ALA B 116 -17.23 25.30 63.65
N SER B 117 -15.90 25.20 63.57
CA SER B 117 -15.24 23.93 63.84
C SER B 117 -15.39 23.54 65.30
N CYS B 118 -15.26 24.51 66.21
CA CYS B 118 -15.41 24.25 67.64
C CYS B 118 -16.82 23.85 68.01
N ARG B 119 -17.82 24.14 67.17
CA ARG B 119 -19.16 23.69 67.45
C ARG B 119 -19.47 22.36 66.76
N LEU B 120 -18.86 22.13 65.59
CA LEU B 120 -19.11 20.88 64.88
C LEU B 120 -18.42 19.70 65.55
N LEU B 121 -17.14 19.87 65.92
CA LEU B 121 -16.36 18.71 66.36
C LEU B 121 -16.92 18.06 67.63
N PRO B 122 -17.23 18.79 68.70
CA PRO B 122 -17.88 18.13 69.85
C PRO B 122 -19.17 17.44 69.48
N LEU B 123 -19.94 18.00 68.53
CA LEU B 123 -21.21 17.39 68.14
C LEU B 123 -20.98 16.01 67.53
N LEU B 124 -20.06 15.93 66.56
CA LEU B 124 -19.78 14.63 65.94
C LEU B 124 -19.18 13.66 66.94
N LEU B 125 -18.30 14.16 67.82
CA LEU B 125 -17.71 13.28 68.83
C LEU B 125 -18.79 12.68 69.73
N GLY B 126 -19.72 13.52 70.21
CA GLY B 126 -20.78 13.02 71.06
C GLY B 126 -21.72 12.07 70.32
N LEU B 127 -22.09 12.41 69.09
CA LEU B 127 -23.01 11.56 68.34
C LEU B 127 -22.39 10.20 68.06
N ALA B 128 -21.17 10.17 67.54
CA ALA B 128 -20.50 8.91 67.27
C ALA B 128 -20.14 8.15 68.53
N ALA B 129 -19.98 8.85 69.66
CA ALA B 129 -19.68 8.17 70.91
C ALA B 129 -20.83 7.28 71.35
N GLY B 130 -22.06 7.64 70.97
CA GLY B 130 -23.22 6.85 71.34
C GLY B 130 -23.53 6.89 72.82
N GLU B 142 -32.59 4.78 63.23
CA GLU B 142 -31.46 5.26 62.45
C GLU B 142 -30.28 5.59 63.36
N GLN B 143 -30.36 5.13 64.61
CA GLN B 143 -29.28 5.40 65.56
C GLN B 143 -27.97 4.76 65.10
N ARG B 144 -28.01 3.48 64.72
CA ARG B 144 -26.79 2.82 64.26
C ARG B 144 -26.27 3.42 62.95
N PRO B 145 -27.09 3.64 61.91
CA PRO B 145 -26.56 4.34 60.73
C PRO B 145 -26.03 5.73 61.04
N LEU B 146 -26.70 6.46 61.93
CA LEU B 146 -26.19 7.78 62.32
C LEU B 146 -24.83 7.67 63.00
N GLN B 147 -24.67 6.69 63.89
CA GLN B 147 -23.40 6.48 64.58
C GLN B 147 -22.30 6.13 63.58
N ALA B 148 -22.59 5.24 62.64
CA ALA B 148 -21.61 4.89 61.63
C ALA B 148 -21.22 6.10 60.80
N THR B 149 -22.21 6.89 60.37
CA THR B 149 -21.93 8.06 59.56
C THR B 149 -21.09 9.07 60.32
N ALA B 150 -21.41 9.28 61.60
CA ALA B 150 -20.65 10.23 62.41
C ALA B 150 -19.22 9.75 62.62
N CYS B 151 -19.04 8.44 62.84
CA CYS B 151 -17.69 7.92 63.01
C CYS B 151 -16.87 8.09 61.75
N GLU B 152 -17.48 7.85 60.58
CA GLU B 152 -16.78 8.07 59.33
C GLU B 152 -16.43 9.54 59.16
N CYS B 153 -17.34 10.44 59.52
CA CYS B 153 -17.07 11.86 59.42
C CYS B 153 -15.89 12.27 60.31
N LEU B 154 -15.87 11.76 61.54
CA LEU B 154 -14.76 12.09 62.44
C LEU B 154 -13.43 11.58 61.91
N ARG B 155 -13.41 10.34 61.41
CA ARG B 155 -12.17 9.81 60.87
C ARG B 155 -11.71 10.61 59.65
N GLU B 156 -12.63 11.00 58.77
CA GLU B 156 -12.24 11.79 57.60
C GLU B 156 -11.69 13.14 58.01
N LEU B 157 -12.34 13.79 58.99
CA LEU B 157 -11.83 15.07 59.47
C LEU B 157 -10.43 14.91 60.05
N GLU B 158 -10.21 13.86 60.84
CA GLU B 158 -8.87 13.60 61.36
C GLU B 158 -7.88 13.38 60.24
N SER B 159 -8.33 12.80 59.12
CA SER B 159 -7.44 12.64 57.97
C SER B 159 -7.08 13.99 57.37
N CYS B 160 -8.04 14.93 57.37
CA CYS B 160 -7.76 16.24 56.76
C CYS B 160 -6.69 17.00 57.54
N LYS B 161 -6.85 17.11 58.86
CA LYS B 161 -5.87 17.78 59.70
C LYS B 161 -5.30 16.78 60.69
N PRO B 162 -4.01 16.46 60.61
CA PRO B 162 -3.47 15.40 61.47
C PRO B 162 -3.69 15.69 62.95
N GLY B 163 -4.14 14.67 63.67
CA GLY B 163 -4.38 14.76 65.09
C GLY B 163 -5.67 15.44 65.49
N LEU B 164 -6.48 15.88 64.52
CA LEU B 164 -7.67 16.66 64.84
C LEU B 164 -8.63 15.91 65.73
N LEU B 165 -8.68 14.58 65.61
CA LEU B 165 -9.63 13.78 66.38
C LEU B 165 -8.93 12.88 67.41
N GLY B 166 -7.74 13.26 67.85
CA GLY B 166 -7.04 12.48 68.85
C GLY B 166 -7.43 12.86 70.27
N GLY B 167 -8.72 12.95 70.53
CA GLY B 167 -9.19 13.40 71.84
C GLY B 167 -9.81 12.32 72.70
N SER B 168 -10.58 11.41 72.09
CA SER B 168 -11.33 10.40 72.82
C SER B 168 -10.79 8.99 72.58
N LEU B 169 -9.47 8.86 72.53
CA LEU B 169 -8.87 7.54 72.35
C LEU B 169 -9.15 6.65 73.56
N GLY B 170 -9.10 7.21 74.76
CA GLY B 170 -9.45 6.44 75.94
C GLY B 170 -10.89 5.96 75.91
N LEU B 171 -11.78 6.76 75.34
CA LEU B 171 -13.19 6.39 75.28
C LEU B 171 -13.38 5.12 74.45
N LEU B 172 -12.80 5.09 73.25
CA LEU B 172 -12.91 3.90 72.41
C LEU B 172 -12.18 2.72 73.04
N ARG B 173 -11.02 2.97 73.67
CA ARG B 173 -10.31 1.89 74.33
C ARG B 173 -11.18 1.24 75.40
N GLY B 174 -11.83 2.05 76.22
CA GLY B 174 -12.70 1.51 77.26
C GLY B 174 -13.95 0.84 76.73
N LEU B 175 -14.57 1.45 75.71
CA LEU B 175 -15.88 1.01 75.23
C LEU B 175 -15.79 0.12 74.02
N LEU B 176 -14.62 -0.45 73.75
CA LEU B 176 -14.47 -1.38 72.61
C LEU B 176 -15.50 -2.49 72.68
N GLY B 177 -15.78 -3.00 73.87
CA GLY B 177 -16.82 -3.99 74.04
C GLY B 177 -18.23 -3.43 74.12
N GLN B 178 -18.35 -2.11 74.18
CA GLN B 178 -19.65 -1.45 74.28
C GLN B 178 -20.22 -1.22 72.89
N GLU B 179 -21.28 -0.40 72.81
CA GLU B 179 -21.92 -0.13 71.54
C GLU B 179 -20.98 0.59 70.58
N GLY B 180 -21.16 0.33 69.29
CA GLY B 180 -20.33 0.89 68.26
C GLY B 180 -19.92 -0.14 67.24
N PRO B 181 -20.09 0.18 65.95
CA PRO B 181 -19.77 -0.79 64.91
C PRO B 181 -18.27 -1.04 64.83
N VAL B 182 -17.91 -2.29 64.49
CA VAL B 182 -16.52 -2.71 64.56
C VAL B 182 -15.66 -1.92 63.57
N GLN B 183 -16.10 -1.86 62.32
CA GLN B 183 -15.28 -1.25 61.27
C GLN B 183 -15.02 0.22 61.50
N PRO B 184 -16.01 1.07 61.80
CA PRO B 184 -15.71 2.51 61.94
C PRO B 184 -14.76 2.83 63.08
N LEU B 185 -15.05 2.32 64.28
CA LEU B 185 -14.16 2.57 65.42
C LEU B 185 -12.78 1.96 65.17
N SER B 186 -12.73 0.79 64.56
CA SER B 186 -11.43 0.16 64.28
C SER B 186 -10.58 1.04 63.37
N LEU B 187 -11.15 1.47 62.24
CA LEU B 187 -10.40 2.30 61.31
C LEU B 187 -9.99 3.62 61.94
N LEU B 188 -10.93 4.27 62.65
CA LEU B 188 -10.61 5.56 63.27
C LEU B 188 -9.51 5.41 64.30
N LEU B 189 -9.59 4.38 65.15
CA LEU B 189 -8.57 4.15 66.15
C LEU B 189 -7.21 3.91 65.50
N ALA B 190 -7.16 3.10 64.46
CA ALA B 190 -5.88 2.82 63.80
C ALA B 190 -5.28 4.09 63.23
N LEU B 191 -6.09 4.89 62.53
CA LEU B 191 -5.58 6.12 61.94
C LEU B 191 -5.09 7.09 63.01
N ALA B 192 -5.85 7.21 64.10
CA ALA B 192 -5.45 8.08 65.19
C ALA B 192 -4.14 7.62 65.83
N LEU B 193 -4.00 6.31 66.05
CA LEU B 193 -2.74 5.79 66.57
C LEU B 193 -1.58 6.21 65.69
N ARG B 194 -1.69 5.96 64.39
CA ARG B 194 -0.58 6.29 63.51
C ARG B 194 -0.23 7.77 63.60
N ASN B 195 -1.24 8.64 63.42
CA ASN B 195 -0.95 10.07 63.34
C ASN B 195 -0.41 10.60 64.67
N THR B 196 -1.07 10.26 65.78
CA THR B 196 -0.65 10.76 67.08
C THR B 196 0.75 10.27 67.42
N LEU B 197 1.01 8.97 67.26
CA LEU B 197 2.32 8.45 67.64
C LEU B 197 3.41 9.07 66.79
N VAL B 198 3.17 9.23 65.48
CA VAL B 198 4.17 9.85 64.63
C VAL B 198 4.46 11.27 65.10
N LEU B 199 3.41 12.05 65.37
CA LEU B 199 3.61 13.44 65.78
C LEU B 199 4.35 13.53 67.11
N GLN B 200 3.92 12.74 68.10
CA GLN B 200 4.53 12.83 69.43
C GLN B 200 5.98 12.36 69.41
N SER B 201 6.28 11.25 68.72
CA SER B 201 7.67 10.83 68.61
C SER B 201 8.49 11.84 67.83
N ARG B 202 7.86 12.57 66.90
CA ARG B 202 8.56 13.67 66.23
C ARG B 202 8.89 14.78 67.22
N VAL B 203 7.97 15.07 68.13
CA VAL B 203 8.28 16.02 69.21
C VAL B 203 9.43 15.50 70.06
N GLY B 204 9.40 14.22 70.41
CA GLY B 204 10.42 13.62 71.22
C GLY B 204 9.84 12.82 72.37
N ALA B 205 8.54 13.00 72.60
CA ALA B 205 7.82 12.32 73.67
C ALA B 205 7.01 11.16 73.09
N GLY B 206 6.22 10.54 73.94
CA GLY B 206 5.38 9.42 73.53
C GLY B 206 3.91 9.68 73.70
N LEU B 207 3.15 8.62 74.03
CA LEU B 207 1.71 8.77 74.21
C LEU B 207 1.39 9.70 75.36
N GLY B 208 2.12 9.58 76.48
CA GLY B 208 1.91 10.44 77.62
C GLY B 208 0.52 10.35 78.22
N GLY B 209 0.03 9.13 78.37
CA GLY B 209 -1.31 8.93 78.88
C GLY B 209 -2.42 9.07 77.86
N LEU B 210 -2.08 9.08 76.56
CA LEU B 210 -3.10 9.21 75.53
C LEU B 210 -4.03 8.01 75.49
N LEU B 211 -3.66 6.90 76.11
CA LEU B 211 -4.50 5.71 76.13
C LEU B 211 -5.76 5.89 76.98
N THR B 212 -5.84 6.97 77.76
CA THR B 212 -7.02 7.25 78.56
C THR B 212 -7.68 8.55 78.14
N TRP B 223 -11.06 17.65 74.00
CA TRP B 223 -10.71 17.79 72.60
C TRP B 223 -9.51 18.73 72.44
N ASP B 224 -8.32 18.16 72.52
CA ASP B 224 -7.10 18.94 72.39
C ASP B 224 -6.96 19.49 70.97
N TRP B 225 -6.29 20.63 70.85
CA TRP B 225 -5.99 21.22 69.56
C TRP B 225 -4.53 21.60 69.39
N THR B 226 -3.64 21.11 70.25
CA THR B 226 -2.25 21.55 70.22
C THR B 226 -1.36 20.72 69.32
N LEU B 227 -1.86 19.61 68.76
CA LEU B 227 -1.05 18.73 67.94
C LEU B 227 -0.90 19.22 66.50
N VAL B 228 -1.68 20.22 66.08
CA VAL B 228 -1.59 20.68 64.70
C VAL B 228 -0.26 21.36 64.44
N GLU B 229 0.24 22.11 65.43
CA GLU B 229 1.51 22.84 65.27
C GLU B 229 2.68 21.87 65.11
N PRO B 261 9.35 0.84 77.64
CA PRO B 261 8.63 1.04 78.89
C PRO B 261 7.20 0.49 78.87
N GLU B 262 6.27 1.29 79.38
CA GLU B 262 4.87 0.90 79.40
C GLU B 262 4.23 1.05 78.02
N GLU B 263 4.73 2.01 77.22
CA GLU B 263 4.16 2.25 75.91
C GLU B 263 4.21 1.01 75.02
N ALA B 264 5.26 0.19 75.16
CA ALA B 264 5.34 -1.03 74.37
C ALA B 264 4.19 -1.96 74.68
N ARG B 265 3.91 -2.17 75.97
CA ARG B 265 2.79 -3.02 76.36
C ARG B 265 1.46 -2.43 75.90
N GLU B 266 1.30 -1.12 76.04
CA GLU B 266 0.05 -0.49 75.61
C GLU B 266 -0.17 -0.64 74.11
N LEU B 267 0.89 -0.45 73.31
CA LEU B 267 0.77 -0.59 71.87
C LEU B 267 0.55 -2.04 71.46
N ARG B 268 1.14 -2.98 72.21
CA ARG B 268 0.89 -4.40 71.95
C ARG B 268 -0.56 -4.74 72.21
N ALA B 269 -1.14 -4.19 73.28
CA ALA B 269 -2.57 -4.34 73.51
C ALA B 269 -3.37 -3.73 72.36
N ALA B 270 -2.95 -2.58 71.88
CA ALA B 270 -3.66 -1.92 70.78
C ALA B 270 -3.67 -2.81 69.54
N VAL B 271 -2.52 -3.39 69.19
CA VAL B 271 -2.44 -4.18 67.97
C VAL B 271 -3.22 -5.47 68.11
N ILE B 272 -3.17 -6.12 69.28
CA ILE B 272 -3.95 -7.34 69.41
C ILE B 272 -5.44 -7.01 69.35
N GLN B 273 -5.86 -5.90 69.95
CA GLN B 273 -7.28 -5.53 69.90
C GLN B 273 -7.71 -5.25 68.46
N LEU B 274 -6.88 -4.52 67.71
CA LEU B 274 -7.22 -4.25 66.32
C LEU B 274 -7.32 -5.54 65.51
N LEU B 275 -6.37 -6.46 65.69
CA LEU B 275 -6.44 -7.73 64.96
C LEU B 275 -7.68 -8.51 65.34
N ASP B 276 -8.01 -8.54 66.64
CA ASP B 276 -9.19 -9.27 67.10
C ASP B 276 -10.47 -8.70 66.50
N THR B 277 -10.59 -7.37 66.47
CA THR B 277 -11.77 -6.75 65.91
C THR B 277 -11.79 -6.77 64.39
N SER B 278 -10.65 -7.04 63.74
CA SER B 278 -10.59 -7.05 62.29
C SER B 278 -11.24 -8.27 61.65
N TYR B 279 -11.67 -9.26 62.44
CA TYR B 279 -12.32 -10.43 61.85
C TYR B 279 -13.61 -10.07 61.14
N LEU B 280 -14.25 -8.98 61.52
CA LEU B 280 -15.44 -8.50 60.83
C LEU B 280 -15.12 -7.54 59.69
N LEU B 281 -13.88 -7.10 59.56
CA LEU B 281 -13.53 -6.10 58.57
C LEU B 281 -13.64 -6.68 57.16
N THR B 282 -14.23 -5.90 56.26
CA THR B 282 -14.36 -6.36 54.89
C THR B 282 -12.99 -6.38 54.23
N PRO B 283 -12.83 -7.18 53.17
CA PRO B 283 -11.50 -7.31 52.56
C PRO B 283 -10.87 -5.99 52.16
N VAL B 284 -11.65 -5.06 51.59
CA VAL B 284 -11.07 -3.83 51.08
C VAL B 284 -10.56 -2.96 52.22
N ALA B 285 -11.37 -2.77 53.27
CA ALA B 285 -10.92 -2.01 54.41
C ALA B 285 -9.80 -2.72 55.15
N GLN B 286 -9.84 -4.05 55.17
CA GLN B 286 -8.79 -4.83 55.78
C GLN B 286 -7.45 -4.55 55.12
N ALA B 287 -7.46 -4.44 53.79
CA ALA B 287 -6.22 -4.17 53.06
C ALA B 287 -5.61 -2.84 53.48
N GLN B 288 -6.42 -1.78 53.54
CA GLN B 288 -5.89 -0.46 53.90
C GLN B 288 -5.43 -0.42 55.34
N LEU B 289 -6.19 -1.06 56.24
CA LEU B 289 -5.76 -1.18 57.62
C LEU B 289 -4.37 -1.80 57.71
N LEU B 290 -4.19 -2.97 57.09
CA LEU B 290 -2.91 -3.66 57.21
C LEU B 290 -1.79 -2.91 56.51
N TRP B 291 -2.09 -2.24 55.39
CA TRP B 291 -1.09 -1.44 54.70
C TRP B 291 -0.58 -0.31 55.59
N LEU B 292 -1.48 0.47 56.19
CA LEU B 292 -1.03 1.57 57.05
C LEU B 292 -0.37 1.07 58.33
N LEU B 293 -0.83 -0.06 58.87
CA LEU B 293 -0.18 -0.62 60.04
C LEU B 293 1.25 -1.06 59.71
N GLY B 294 1.46 -1.64 58.53
CA GLY B 294 2.79 -2.01 58.11
C GLY B 294 3.67 -0.82 57.79
N TRP B 295 3.05 0.29 57.38
CA TRP B 295 3.76 1.56 57.38
C TRP B 295 4.23 1.93 58.78
N ALA B 296 3.31 1.92 59.74
CA ALA B 296 3.58 2.50 61.04
C ALA B 296 4.64 1.71 61.81
N LEU B 297 4.46 0.40 61.91
CA LEU B 297 5.29 -0.38 62.84
C LEU B 297 6.53 -0.99 62.19
N ARG B 298 7.04 -0.38 61.10
CA ARG B 298 8.26 -0.93 60.49
C ARG B 298 9.49 -0.60 61.31
N GLY B 299 9.58 0.64 61.81
CA GLY B 299 10.75 1.06 62.57
C GLY B 299 10.48 1.22 64.05
N LEU B 300 9.29 1.73 64.38
CA LEU B 300 8.90 1.94 65.78
C LEU B 300 8.91 0.63 66.56
N GLN B 303 8.38 -6.45 71.00
CA GLN B 303 7.26 -7.19 70.42
C GLN B 303 7.56 -7.63 69.00
N PRO B 304 7.38 -8.91 68.72
CA PRO B 304 7.64 -9.43 67.39
C PRO B 304 6.37 -9.43 66.55
N PRO B 305 6.51 -9.53 65.21
CA PRO B 305 5.30 -9.66 64.38
C PRO B 305 4.64 -11.02 64.47
N ALA B 306 5.11 -11.91 65.33
CA ALA B 306 4.51 -13.23 65.45
C ALA B 306 3.07 -13.14 65.95
N LEU B 307 2.68 -11.99 66.51
CA LEU B 307 1.28 -11.77 66.86
C LEU B 307 0.39 -11.78 65.63
N PHE B 308 0.81 -11.09 64.57
CA PHE B 308 0.05 -11.04 63.33
C PHE B 308 0.49 -12.08 62.32
N LYS B 309 1.53 -12.86 62.62
CA LYS B 309 1.97 -13.90 61.71
C LYS B 309 0.88 -14.92 61.38
N PRO B 310 0.10 -15.45 62.34
CA PRO B 310 -0.92 -16.45 61.98
C PRO B 310 -1.96 -15.90 61.01
N GLN B 311 -2.42 -14.68 61.29
CA GLN B 311 -3.41 -14.05 60.43
C GLN B 311 -2.87 -13.85 59.02
N LEU B 312 -1.63 -13.37 58.91
CA LEU B 312 -1.04 -13.13 57.59
C LEU B 312 -0.84 -14.45 56.82
N VAL B 313 -0.36 -15.48 57.50
CA VAL B 313 -0.16 -16.77 56.85
C VAL B 313 -1.49 -17.33 56.38
N ARG B 314 -2.52 -17.24 57.21
CA ARG B 314 -3.84 -17.72 56.82
C ARG B 314 -4.37 -16.94 55.61
N LEU B 315 -4.19 -15.61 55.62
CA LEU B 315 -4.73 -14.80 54.54
C LEU B 315 -3.96 -15.01 53.24
N LEU B 316 -2.71 -15.45 53.31
CA LEU B 316 -2.00 -15.70 52.06
C LEU B 316 -2.52 -16.94 51.34
N GLY B 317 -3.34 -17.76 52.00
CA GLY B 317 -4.00 -18.87 51.34
C GLY B 317 -5.19 -18.48 50.50
N THR B 318 -5.43 -17.17 50.34
CA THR B 318 -6.49 -16.64 49.53
C THR B 318 -5.95 -16.12 48.20
N ALA B 319 -6.85 -15.64 47.36
CA ALA B 319 -6.47 -15.11 46.06
C ALA B 319 -7.21 -13.82 45.74
N GLN B 320 -7.92 -13.25 46.70
CA GLN B 320 -8.60 -11.99 46.49
C GLN B 320 -7.60 -10.89 46.18
N LEU B 321 -8.02 -9.97 45.32
CA LEU B 321 -7.12 -8.98 44.75
C LEU B 321 -6.57 -8.01 45.79
N THR B 322 -7.25 -7.88 46.94
CA THR B 322 -6.83 -6.91 47.94
C THR B 322 -5.96 -7.51 49.03
N LEU B 323 -6.34 -8.68 49.56
CA LEU B 323 -5.51 -9.29 50.58
C LEU B 323 -4.17 -9.73 50.02
N LEU B 324 -4.14 -10.14 48.75
CA LEU B 324 -2.86 -10.46 48.13
C LEU B 324 -1.96 -9.24 48.05
N HIS B 325 -2.52 -8.08 47.69
CA HIS B 325 -1.70 -6.87 47.61
C HIS B 325 -1.30 -6.39 49.01
N ALA B 326 -2.16 -6.58 49.99
CA ALA B 326 -1.80 -6.27 51.37
C ALA B 326 -0.61 -7.12 51.81
N MET B 327 -0.65 -8.42 51.50
CA MET B 327 0.48 -9.29 51.82
C MET B 327 1.73 -8.88 51.05
N LEU B 328 1.58 -8.54 49.78
CA LEU B 328 2.72 -8.17 48.95
C LEU B 328 3.39 -6.90 49.47
N ALA B 329 2.60 -5.86 49.75
CA ALA B 329 3.16 -4.62 50.27
C ALA B 329 3.66 -4.78 51.69
N LEU B 330 3.04 -5.66 52.48
CA LEU B 330 3.54 -5.94 53.81
C LEU B 330 4.93 -6.54 53.76
N LYS B 331 5.16 -7.45 52.82
CA LYS B 331 6.50 -8.01 52.66
C LYS B 331 7.46 -7.01 52.02
N ALA B 332 6.95 -6.12 51.17
CA ALA B 332 7.80 -5.13 50.52
C ALA B 332 8.16 -3.97 51.44
N ALA B 333 7.44 -3.79 52.54
CA ALA B 333 7.76 -2.76 53.54
C ALA B 333 8.51 -3.35 54.72
N PHE B 334 7.93 -4.37 55.37
CA PHE B 334 8.62 -5.06 56.44
C PHE B 334 9.89 -5.73 55.98
N GLY B 335 10.06 -5.95 54.69
CA GLY B 335 11.31 -6.50 54.21
C GLY B 335 11.45 -7.96 54.59
N GLU B 336 12.65 -8.33 55.02
CA GLU B 336 13.00 -9.73 55.26
C GLU B 336 12.93 -10.13 56.72
N ALA B 337 12.27 -9.33 57.56
CA ALA B 337 12.21 -9.65 58.98
C ALA B 337 11.41 -10.93 59.22
N LEU B 338 10.20 -11.01 58.68
CA LEU B 338 9.32 -12.14 58.90
C LEU B 338 9.34 -13.16 57.77
N PHE B 339 9.68 -12.74 56.57
CA PHE B 339 9.70 -13.65 55.42
C PHE B 339 10.81 -14.68 55.59
N THR B 340 10.47 -15.94 55.39
CA THR B 340 11.44 -17.02 55.38
C THR B 340 12.08 -17.09 53.99
N ALA B 341 13.22 -17.78 53.91
CA ALA B 341 13.89 -17.95 52.63
C ALA B 341 13.04 -18.73 51.65
N GLN B 342 12.24 -19.67 52.15
CA GLN B 342 11.37 -20.49 51.30
C GLN B 342 9.95 -19.96 51.22
N ASP B 343 9.49 -19.18 52.20
CA ASP B 343 8.16 -18.61 52.12
C ASP B 343 8.05 -17.66 50.93
N GLU B 344 9.14 -17.00 50.56
CA GLU B 344 9.16 -16.24 49.33
C GLU B 344 8.88 -17.13 48.13
N ALA B 345 9.35 -18.38 48.18
CA ALA B 345 9.11 -19.31 47.08
C ALA B 345 7.64 -19.68 46.97
N LEU B 346 6.98 -19.98 48.10
CA LEU B 346 5.55 -20.29 48.06
C LEU B 346 4.73 -19.08 47.62
N LEU B 347 5.11 -17.89 48.10
CA LEU B 347 4.40 -16.69 47.66
C LEU B 347 4.58 -16.46 46.16
N LEU B 348 5.79 -16.66 45.65
CA LEU B 348 6.03 -16.52 44.22
C LEU B 348 5.22 -17.53 43.44
N ARG B 349 5.18 -18.78 43.91
CA ARG B 349 4.42 -19.81 43.22
C ARG B 349 2.94 -19.45 43.18
N ARG B 350 2.39 -18.94 44.29
CA ARG B 350 0.96 -18.64 44.31
C ARG B 350 0.64 -17.42 43.46
N LEU B 351 1.52 -16.42 43.44
CA LEU B 351 1.29 -15.29 42.55
C LEU B 351 1.34 -15.74 41.09
N THR B 352 2.30 -16.59 40.74
CA THR B 352 2.40 -17.08 39.37
C THR B 352 1.20 -17.93 38.99
N LEU B 353 0.75 -18.80 39.90
CA LEU B 353 -0.46 -19.57 39.71
C LEU B 353 -1.65 -18.65 39.46
N ALA B 354 -1.82 -17.65 40.30
CA ALA B 354 -2.95 -16.74 40.15
C ALA B 354 -2.83 -15.87 38.92
N ALA B 355 -1.64 -15.77 38.33
CA ALA B 355 -1.52 -15.01 37.10
C ALA B 355 -2.16 -15.68 35.90
N GLN B 356 -2.52 -16.97 36.00
CA GLN B 356 -3.14 -17.67 34.88
C GLN B 356 -4.26 -18.62 35.30
N HIS B 357 -4.82 -18.46 36.49
CA HIS B 357 -5.83 -19.39 36.99
C HIS B 357 -7.19 -19.11 36.37
N PRO B 358 -7.83 -20.10 35.72
CA PRO B 358 -9.09 -19.83 35.03
C PRO B 358 -10.21 -19.30 35.92
N ALA B 359 -10.23 -19.64 37.20
CA ALA B 359 -11.37 -19.21 38.03
C ALA B 359 -11.38 -17.73 38.34
N LEU B 360 -10.53 -16.88 37.75
CA LEU B 360 -10.45 -15.47 38.05
C LEU B 360 -10.58 -14.65 36.78
N PRO B 361 -11.04 -13.41 36.87
CA PRO B 361 -11.18 -12.57 35.68
C PRO B 361 -9.83 -12.18 35.12
N PRO B 362 -9.79 -11.65 33.90
CA PRO B 362 -8.51 -11.21 33.32
C PRO B 362 -7.79 -10.16 34.16
N PRO B 363 -8.49 -9.17 34.74
CA PRO B 363 -7.76 -8.14 35.50
C PRO B 363 -6.93 -8.69 36.65
N THR B 364 -7.44 -9.65 37.40
CA THR B 364 -6.65 -10.22 38.48
C THR B 364 -5.41 -10.91 37.93
N HIS B 365 -5.58 -11.66 36.83
CA HIS B 365 -4.47 -12.32 36.17
C HIS B 365 -3.36 -11.35 35.83
N LEU B 366 -3.70 -10.26 35.14
CA LEU B 366 -2.68 -9.32 34.70
C LEU B 366 -2.08 -8.56 35.88
N PHE B 367 -2.87 -8.29 36.92
CA PHE B 367 -2.30 -7.66 38.10
C PHE B 367 -1.21 -8.53 38.71
N TYR B 368 -1.48 -9.82 38.90
CA TYR B 368 -0.43 -10.64 39.51
C TYR B 368 0.70 -10.92 38.54
N LEU B 369 0.43 -10.86 37.23
CA LEU B 369 1.51 -10.99 36.26
C LEU B 369 2.46 -9.80 36.31
N HIS B 370 1.94 -8.61 36.61
CA HIS B 370 2.81 -7.47 36.84
C HIS B 370 3.48 -7.53 38.21
N CYS B 371 2.79 -8.09 39.20
CA CYS B 371 3.36 -8.20 40.54
C CYS B 371 4.55 -9.15 40.57
N VAL B 372 4.46 -10.26 39.84
CA VAL B 372 5.52 -11.27 39.93
C VAL B 372 6.84 -10.74 39.36
N LEU B 373 6.78 -9.99 38.26
CA LEU B 373 7.99 -9.50 37.62
C LEU B 373 8.76 -8.55 38.53
N SER B 374 8.07 -7.61 39.18
CA SER B 374 8.66 -6.64 40.11
C SER B 374 8.54 -7.09 41.55
N PHE B 375 8.54 -8.38 41.79
CA PHE B 375 8.33 -8.90 43.12
C PHE B 375 9.46 -8.42 44.04
N PRO B 376 9.16 -7.97 45.26
CA PRO B 376 10.13 -7.40 46.19
C PRO B 376 10.95 -8.45 46.94
N GLU B 377 12.26 -8.45 46.69
CA GLU B 377 13.15 -9.48 47.22
C GLU B 377 13.43 -9.27 48.71
N ASN B 378 13.73 -10.37 49.39
CA ASN B 378 14.05 -10.30 50.82
C ASN B 378 15.51 -9.92 51.06
N TRP B 379 16.44 -10.75 50.57
CA TRP B 379 17.87 -10.52 50.69
C TRP B 379 18.48 -10.64 49.30
N PRO B 380 18.44 -9.57 48.51
CA PRO B 380 18.98 -9.54 47.13
C PRO B 380 20.47 -9.87 47.09
N GLY B 394 12.41 -22.36 40.41
CA GLY B 394 13.40 -22.33 39.36
C GLY B 394 12.81 -22.36 37.97
N PRO B 395 13.33 -23.23 37.11
CA PRO B 395 12.78 -23.34 35.75
C PRO B 395 11.33 -23.76 35.72
N GLN B 396 10.89 -24.58 36.67
CA GLN B 396 9.51 -25.03 36.67
C GLN B 396 8.54 -23.87 36.87
N LEU B 397 8.88 -22.91 37.72
CA LEU B 397 8.04 -21.71 37.84
C LEU B 397 7.97 -20.96 36.53
N CYS B 398 9.09 -20.91 35.80
CA CYS B 398 9.11 -20.33 34.47
C CYS B 398 8.29 -21.12 33.47
N ARG B 399 7.94 -22.37 33.80
CA ARG B 399 7.08 -23.21 32.97
C ARG B 399 5.64 -23.23 33.44
N GLY B 400 5.31 -22.46 34.47
CA GLY B 400 3.92 -22.32 34.89
C GLY B 400 3.31 -21.03 34.39
N LEU B 401 4.12 -20.19 33.76
CA LEU B 401 3.64 -18.90 33.25
C LEU B 401 4.18 -18.54 31.88
N LEU B 402 5.01 -19.37 31.26
CA LEU B 402 5.61 -19.01 29.99
C LEU B 402 4.52 -18.77 28.96
N PRO B 403 4.69 -17.80 28.07
CA PRO B 403 3.61 -17.46 27.14
C PRO B 403 3.25 -18.61 26.22
N SER B 404 2.03 -18.58 25.73
CA SER B 404 1.57 -19.46 24.67
C SER B 404 0.76 -18.63 23.68
N LEU B 405 0.27 -19.29 22.64
CA LEU B 405 -0.62 -18.64 21.70
C LEU B 405 -2.09 -18.90 22.02
N LEU B 406 -2.38 -19.51 23.16
CA LEU B 406 -3.73 -19.58 23.70
C LEU B 406 -4.04 -18.38 24.59
N HIS B 407 -3.18 -17.37 24.57
CA HIS B 407 -3.25 -16.22 25.45
C HIS B 407 -3.85 -15.03 24.70
N ASP B 408 -4.84 -14.38 25.31
CA ASP B 408 -5.43 -13.18 24.75
C ASP B 408 -4.37 -12.09 24.62
N PRO B 409 -4.57 -11.12 23.72
CA PRO B 409 -3.45 -10.26 23.29
C PRO B 409 -2.70 -9.57 24.41
N MET B 410 -3.39 -9.14 25.44
CA MET B 410 -2.79 -8.30 26.46
C MET B 410 -2.24 -9.11 27.63
N ALA B 411 -2.37 -10.42 27.60
CA ALA B 411 -1.85 -11.30 28.64
C ALA B 411 -0.58 -12.02 28.24
N LEU B 412 -0.11 -11.83 27.01
CA LEU B 412 1.16 -12.41 26.60
C LEU B 412 2.32 -11.49 26.98
N LEU B 413 2.20 -10.19 26.70
CA LEU B 413 3.26 -9.24 26.99
C LEU B 413 3.55 -9.17 28.49
N ALA B 414 2.56 -9.48 29.32
CA ALA B 414 2.83 -9.69 30.73
C ALA B 414 3.68 -10.93 30.99
N ARG B 415 3.83 -11.80 29.99
CA ARG B 415 4.57 -13.04 30.14
C ARG B 415 5.78 -13.13 29.23
N LEU B 416 6.04 -12.11 28.41
CA LEU B 416 7.18 -12.17 27.50
C LEU B 416 8.49 -11.98 28.25
N HIS B 417 8.48 -11.17 29.32
CA HIS B 417 9.70 -10.96 30.07
C HIS B 417 10.20 -12.25 30.69
N LEU B 418 9.27 -13.13 31.10
CA LEU B 418 9.70 -14.38 31.69
C LEU B 418 10.47 -15.21 30.67
N LEU B 419 9.99 -15.26 29.43
CA LEU B 419 10.66 -16.04 28.41
C LEU B 419 11.98 -15.40 28.00
N CYS B 420 12.05 -14.07 27.95
CA CYS B 420 13.32 -13.42 27.64
C CYS B 420 14.34 -13.67 28.75
N LEU B 421 13.90 -13.64 30.00
CA LEU B 421 14.78 -13.97 31.12
C LEU B 421 15.28 -15.41 31.03
N LEU B 422 14.38 -16.34 30.73
CA LEU B 422 14.77 -17.75 30.67
C LEU B 422 15.71 -18.02 29.50
N CYS B 423 15.45 -17.43 28.35
CA CYS B 423 16.25 -17.68 27.15
C CYS B 423 17.51 -16.85 27.09
N ALA B 424 17.63 -15.82 27.93
CA ALA B 424 18.84 -15.00 27.90
C ALA B 424 20.08 -15.85 28.21
N GLU B 425 19.99 -16.69 29.23
CA GLU B 425 21.10 -17.58 29.61
C GLU B 425 21.10 -18.82 28.70
N GLU B 426 21.33 -18.57 27.42
CA GLU B 426 21.39 -19.65 26.43
C GLU B 426 22.65 -19.51 25.57
N LEU B 434 13.69 -30.87 26.94
CA LEU B 434 13.24 -29.49 26.80
C LEU B 434 13.80 -28.86 25.53
N PRO B 435 12.91 -28.47 24.61
CA PRO B 435 13.38 -27.77 23.41
C PRO B 435 14.13 -26.49 23.78
N SER B 436 14.97 -26.03 22.87
CA SER B 436 15.75 -24.84 23.16
C SER B 436 14.82 -23.64 23.29
N PRO B 437 14.80 -22.94 24.42
CA PRO B 437 13.91 -21.73 24.58
C PRO B 437 13.95 -20.78 23.41
N ARG B 438 15.07 -20.75 22.69
CA ARG B 438 15.11 -19.98 21.45
C ARG B 438 14.16 -20.57 20.42
N HIS B 439 14.05 -21.91 20.38
CA HIS B 439 13.14 -22.53 19.43
C HIS B 439 11.68 -22.24 19.75
N TYR B 440 11.31 -22.30 21.04
CA TYR B 440 9.94 -21.96 21.41
C TYR B 440 9.66 -20.49 21.19
N LEU B 441 10.63 -19.63 21.47
CA LEU B 441 10.45 -18.21 21.18
C LEU B 441 10.25 -17.98 19.69
N GLU B 442 11.00 -18.72 18.87
CA GLU B 442 10.83 -18.60 17.43
C GLU B 442 9.44 -19.06 17.01
N GLU B 443 8.95 -20.14 17.59
CA GLU B 443 7.61 -20.62 17.24
C GLU B 443 6.52 -19.64 17.68
N LEU B 444 6.66 -19.09 18.89
CA LEU B 444 5.68 -18.13 19.40
C LEU B 444 5.67 -16.86 18.57
N LEU B 445 6.84 -16.30 18.31
CA LEU B 445 6.91 -15.09 17.50
C LEU B 445 6.50 -15.38 16.06
N ALA B 446 6.72 -16.60 15.58
CA ALA B 446 6.27 -16.95 14.24
C ALA B 446 4.75 -17.01 14.17
N GLY B 447 4.11 -17.55 15.22
CA GLY B 447 2.67 -17.51 15.27
C GLY B 447 2.13 -16.10 15.32
N LEU B 448 2.78 -15.22 16.09
CA LEU B 448 2.36 -13.83 16.10
C LEU B 448 2.51 -13.19 14.72
N ARG B 449 3.60 -13.49 14.03
CA ARG B 449 3.78 -12.97 12.68
C ARG B 449 2.71 -13.49 11.73
N GLN B 450 2.37 -14.77 11.83
CA GLN B 450 1.36 -15.34 10.95
C GLN B 450 0.00 -14.73 11.23
N ARG B 451 -0.30 -14.46 12.50
CA ARG B 451 -1.51 -13.71 12.83
C ARG B 451 -1.47 -12.33 12.19
N ALA B 452 -0.33 -11.65 12.27
CA ALA B 452 -0.24 -10.28 11.78
C ALA B 452 -0.39 -10.23 10.26
N ALA B 453 0.17 -11.19 9.55
CA ALA B 453 0.10 -11.19 8.09
C ALA B 453 -1.29 -11.48 7.56
N LEU B 454 -2.22 -11.91 8.41
CA LEU B 454 -3.59 -12.20 8.00
C LEU B 454 -4.26 -10.89 7.61
N ASP B 455 -4.45 -10.68 6.31
CA ASP B 455 -5.11 -9.46 5.86
C ASP B 455 -6.59 -9.53 6.18
N GLY B 456 -7.10 -8.48 6.82
CA GLY B 456 -8.48 -8.42 7.24
C GLY B 456 -8.72 -8.57 8.73
N GLY B 457 -7.67 -8.57 9.54
CA GLY B 457 -7.82 -8.66 10.97
C GLY B 457 -7.72 -7.31 11.65
N PRO B 458 -7.94 -7.27 12.96
CA PRO B 458 -7.80 -6.02 13.70
C PRO B 458 -6.34 -5.67 13.93
N ARG B 459 -6.12 -4.41 14.35
CA ARG B 459 -4.76 -3.91 14.57
C ARG B 459 -4.14 -4.43 15.86
N ALA B 460 -4.95 -5.04 16.73
CA ALA B 460 -4.41 -5.59 17.97
C ALA B 460 -3.33 -6.63 17.69
N LEU B 461 -3.46 -7.37 16.59
CA LEU B 461 -2.49 -8.42 16.27
C LEU B 461 -1.13 -7.85 15.92
N ALA B 462 -1.11 -6.85 15.02
CA ALA B 462 0.14 -6.20 14.67
C ALA B 462 0.75 -5.50 15.87
N THR B 463 -0.08 -4.84 16.68
CA THR B 463 0.44 -4.20 17.88
C THR B 463 1.07 -5.22 18.82
N LEU B 464 0.43 -6.38 18.97
CA LEU B 464 1.03 -7.45 19.75
C LEU B 464 2.40 -7.82 19.22
N CYS B 465 2.51 -8.05 17.92
CA CYS B 465 3.77 -8.51 17.36
C CYS B 465 4.87 -7.49 17.62
N PHE B 466 4.57 -6.20 17.41
CA PHE B 466 5.62 -5.20 17.51
C PHE B 466 5.99 -4.90 18.96
N GLN B 467 5.02 -4.92 19.87
CA GLN B 467 5.37 -4.77 21.28
C GLN B 467 6.21 -5.94 21.77
N ALA B 468 5.88 -7.15 21.33
CA ALA B 468 6.69 -8.31 21.69
C ALA B 468 8.10 -8.18 21.14
N SER B 469 8.22 -7.72 19.90
CA SER B 469 9.53 -7.53 19.31
C SER B 469 10.34 -6.51 20.08
N TYR B 470 9.71 -5.41 20.49
CA TYR B 470 10.41 -4.40 21.27
C TYR B 470 10.89 -4.96 22.60
N LEU B 471 10.03 -5.71 23.29
CA LEU B 471 10.43 -6.27 24.58
C LEU B 471 11.62 -7.21 24.42
N VAL B 472 11.59 -8.07 23.40
CA VAL B 472 12.70 -8.99 23.21
C VAL B 472 13.96 -8.24 22.79
N ALA B 473 13.82 -7.22 21.96
CA ALA B 473 14.98 -6.46 21.49
C ALA B 473 15.68 -5.76 22.64
N CYS B 474 14.91 -5.06 23.47
CA CYS B 474 15.51 -4.41 24.64
C CYS B 474 16.07 -5.43 25.60
N CYS B 475 15.36 -6.55 25.79
CA CYS B 475 15.81 -7.56 26.73
C CYS B 475 16.96 -8.39 26.19
N LEU B 476 17.06 -8.54 24.86
CA LEU B 476 18.04 -9.43 24.26
C LEU B 476 18.84 -8.72 23.18
N ALA B 477 19.37 -7.56 23.50
CA ALA B 477 20.40 -6.92 22.68
C ALA B 477 21.74 -7.42 23.18
N GLY B 478 22.32 -8.37 22.46
CA GLY B 478 23.57 -8.97 22.90
C GLY B 478 23.70 -10.45 22.60
N GLN B 479 22.68 -11.05 21.99
CA GLN B 479 22.74 -12.43 21.54
C GLN B 479 22.30 -12.49 20.08
N PRO B 480 23.24 -12.47 19.14
CA PRO B 480 22.86 -12.62 17.72
C PRO B 480 22.23 -13.95 17.40
N THR B 481 22.45 -14.99 18.21
CA THR B 481 21.89 -16.30 17.93
C THR B 481 20.37 -16.28 17.88
N VAL B 482 19.74 -15.64 18.86
CA VAL B 482 18.28 -15.51 18.87
C VAL B 482 17.82 -14.31 18.09
N LEU B 483 18.72 -13.42 17.69
CA LEU B 483 18.27 -12.17 17.13
C LEU B 483 18.25 -12.22 15.60
N THR B 484 19.16 -12.99 15.00
CA THR B 484 19.12 -13.18 13.56
C THR B 484 17.80 -13.76 13.10
N PRO B 485 17.24 -14.80 13.73
CA PRO B 485 15.88 -15.23 13.35
C PRO B 485 14.83 -14.15 13.55
N LEU B 486 14.96 -13.34 14.60
CA LEU B 486 13.99 -12.28 14.82
C LEU B 486 14.04 -11.24 13.71
N ILE B 487 15.25 -10.85 13.31
CA ILE B 487 15.41 -9.89 12.22
C ILE B 487 14.88 -10.47 10.92
N HIS B 488 15.17 -11.75 10.65
CA HIS B 488 14.68 -12.38 9.43
C HIS B 488 13.15 -12.44 9.43
N GLY B 489 12.56 -12.78 10.58
CA GLY B 489 11.12 -12.84 10.66
C GLY B 489 10.46 -11.50 10.47
N LEU B 490 11.05 -10.45 11.05
CA LEU B 490 10.50 -9.11 10.85
C LEU B 490 10.60 -8.69 9.40
N ALA B 491 11.71 -9.02 8.74
CA ALA B 491 11.85 -8.69 7.33
C ALA B 491 10.81 -9.41 6.48
N GLN B 492 10.64 -10.71 6.71
CA GLN B 492 9.63 -11.45 5.97
C GLN B 492 8.24 -10.93 6.26
N LEU B 493 7.97 -10.56 7.51
CA LEU B 493 6.67 -10.02 7.88
C LEU B 493 6.39 -8.71 7.15
N TYR B 494 7.42 -7.87 7.01
CA TYR B 494 7.24 -6.67 6.19
C TYR B 494 6.94 -7.04 4.75
N GLN B 495 7.66 -8.03 4.22
CA GLN B 495 7.43 -8.44 2.83
C GLN B 495 5.99 -8.92 2.64
N ALA B 496 5.47 -9.66 3.60
CA ALA B 496 4.12 -10.19 3.50
C ALA B 496 3.07 -9.10 3.68
N ARG B 497 3.24 -8.26 4.71
CA ARG B 497 2.25 -7.24 5.07
C ARG B 497 2.87 -5.86 5.02
N PRO B 498 2.78 -5.16 3.88
CA PRO B 498 3.34 -3.80 3.82
C PRO B 498 2.53 -2.76 4.56
N MET B 499 1.30 -3.06 4.98
CA MET B 499 0.48 -2.05 5.64
C MET B 499 1.00 -1.68 7.02
N LEU B 500 2.01 -2.38 7.52
CA LEU B 500 2.55 -2.15 8.86
C LEU B 500 3.73 -1.18 8.86
N ALA B 501 3.73 -0.20 7.97
CA ALA B 501 4.84 0.76 7.91
C ALA B 501 5.02 1.56 9.20
N PRO B 502 3.99 2.19 9.78
CA PRO B 502 4.25 3.01 10.98
C PRO B 502 4.85 2.25 12.14
N HIS B 503 4.47 0.98 12.32
CA HIS B 503 4.96 0.21 13.44
C HIS B 503 6.48 0.07 13.39
N PHE B 504 7.00 -0.24 12.20
CA PHE B 504 8.44 -0.39 12.03
C PHE B 504 9.16 0.93 12.26
N VAL B 505 8.58 2.03 11.79
CA VAL B 505 9.20 3.34 12.00
C VAL B 505 9.32 3.63 13.49
N ASP B 506 8.26 3.38 14.24
CA ASP B 506 8.33 3.61 15.68
C ASP B 506 9.37 2.70 16.33
N LEU B 507 9.41 1.43 15.93
CA LEU B 507 10.39 0.51 16.52
C LEU B 507 11.81 0.98 16.24
N LEU B 508 12.08 1.40 15.00
CA LEU B 508 13.39 1.94 14.67
C LEU B 508 13.71 3.19 15.46
N ASP B 509 12.71 4.02 15.74
CA ASP B 509 12.91 5.22 16.54
C ASP B 509 13.09 4.93 18.02
N GLN B 510 12.82 3.71 18.46
CA GLN B 510 12.98 3.40 19.88
C GLN B 510 14.18 2.50 20.20
N VAL B 511 14.40 1.44 19.43
CA VAL B 511 15.39 0.43 19.83
C VAL B 511 16.80 1.00 19.77
N ASP B 512 17.70 0.42 20.54
CA ASP B 512 19.08 0.87 20.62
C ASP B 512 19.84 0.55 19.33
N SER B 513 21.04 1.12 19.23
CA SER B 513 21.81 1.05 17.98
C SER B 513 22.20 -0.38 17.64
N GLU B 514 22.55 -1.18 18.65
CA GLU B 514 23.00 -2.55 18.41
C GLU B 514 21.96 -3.34 17.63
N LEU B 515 20.69 -3.00 17.79
CA LEU B 515 19.65 -3.55 16.95
C LEU B 515 19.14 -2.57 15.88
N ARG B 516 19.39 -1.28 16.04
CA ARG B 516 18.93 -0.34 15.05
C ARG B 516 19.64 -0.56 13.72
N GLU B 517 20.93 -0.93 13.77
CA GLU B 517 21.69 -0.98 12.52
C GLU B 517 21.44 -2.23 11.70
N PRO B 518 21.61 -3.46 12.22
CA PRO B 518 21.38 -4.63 11.37
C PRO B 518 19.95 -4.74 10.84
N LEU B 519 18.97 -4.40 11.66
CA LEU B 519 17.59 -4.39 11.19
C LEU B 519 17.41 -3.35 10.11
N LYS B 520 18.06 -2.19 10.27
CA LYS B 520 18.03 -1.17 9.22
C LYS B 520 18.55 -1.74 7.92
N VAL B 521 19.68 -2.45 7.98
CA VAL B 521 20.28 -3.02 6.77
C VAL B 521 19.33 -4.00 6.11
N VAL B 522 18.80 -4.94 6.90
CA VAL B 522 17.99 -6.01 6.31
C VAL B 522 16.67 -5.47 5.77
N LEU B 523 16.08 -4.49 6.46
CA LEU B 523 14.82 -3.95 5.98
C LEU B 523 15.02 -3.10 4.75
N ARG B 524 16.14 -2.38 4.67
CA ARG B 524 16.46 -1.69 3.42
C ARG B 524 16.62 -2.68 2.29
N GLN B 525 17.28 -3.82 2.56
CA GLN B 525 17.44 -4.82 1.52
C GLN B 525 16.10 -5.34 1.05
N VAL B 526 15.17 -5.58 1.98
CA VAL B 526 13.85 -6.08 1.62
C VAL B 526 13.11 -5.05 0.76
N VAL B 527 13.12 -3.79 1.19
CA VAL B 527 12.35 -2.78 0.47
C VAL B 527 12.92 -2.53 -0.93
N VAL B 528 14.25 -2.49 -1.06
CA VAL B 528 14.85 -2.24 -2.36
C VAL B 528 15.02 -3.50 -3.19
N SER B 529 14.67 -4.67 -2.65
CA SER B 529 14.76 -5.90 -3.44
C SER B 529 13.75 -5.90 -4.58
N ARG B 530 12.51 -5.50 -4.31
CA ARG B 530 11.51 -5.43 -5.36
C ARG B 530 11.90 -4.37 -6.37
N PRO B 531 11.55 -4.56 -7.65
CA PRO B 531 11.84 -3.52 -8.64
C PRO B 531 11.16 -2.20 -8.32
N GLY B 532 9.95 -2.23 -7.77
CA GLY B 532 9.28 -1.00 -7.37
C GLY B 532 7.99 -0.76 -8.10
N ARG B 533 7.34 -1.82 -8.58
CA ARG B 533 6.09 -1.71 -9.31
C ARG B 533 4.88 -2.05 -8.45
N ASP B 534 5.06 -2.20 -7.14
CA ASP B 534 3.97 -2.61 -6.28
C ASP B 534 2.95 -1.47 -6.11
N GLU B 535 1.81 -1.83 -5.53
CA GLU B 535 0.84 -0.83 -5.09
C GLU B 535 1.06 -0.40 -3.65
N ALA B 536 1.98 -1.07 -2.92
CA ALA B 536 2.31 -0.71 -1.55
C ALA B 536 3.47 0.28 -1.47
N LEU B 537 3.70 1.04 -2.53
CA LEU B 537 4.80 2.00 -2.55
C LEU B 537 4.62 3.05 -1.46
N CYS B 538 3.39 3.49 -1.24
CA CYS B 538 3.12 4.46 -0.18
C CYS B 538 3.49 3.92 1.19
N TRP B 539 3.62 2.61 1.33
CA TRP B 539 4.08 2.01 2.57
C TRP B 539 5.56 1.68 2.55
N HIS B 540 6.15 1.50 1.37
CA HIS B 540 7.59 1.27 1.27
C HIS B 540 8.37 2.54 1.56
N LEU B 541 7.94 3.66 0.97
CA LEU B 541 8.72 4.88 1.06
C LEU B 541 8.87 5.36 2.49
N GLN B 542 7.95 5.01 3.37
CA GLN B 542 8.06 5.45 4.75
C GLN B 542 9.27 4.81 5.42
N MET B 543 9.43 3.50 5.27
CA MET B 543 10.64 2.84 5.77
C MET B 543 11.88 3.36 5.05
N LEU B 544 11.79 3.55 3.74
CA LEU B 544 12.95 4.03 3.00
C LEU B 544 13.44 5.35 3.59
N ALA B 545 12.52 6.26 3.91
CA ALA B 545 12.90 7.50 4.55
C ALA B 545 13.43 7.27 5.95
N LYS B 546 12.81 6.36 6.69
CA LYS B 546 13.19 6.14 8.08
C LYS B 546 14.51 5.41 8.23
N VAL B 547 15.09 4.92 7.13
CA VAL B 547 16.30 4.10 7.23
C VAL B 547 17.43 4.56 6.32
N ALA B 548 17.19 5.40 5.31
CA ALA B 548 18.21 5.65 4.29
C ALA B 548 19.44 6.33 4.90
N ASP B 549 20.61 5.85 4.49
CA ASP B 549 21.88 6.36 4.98
C ASP B 549 22.91 6.24 3.86
N GLY B 550 24.19 6.34 4.20
CA GLY B 550 25.23 6.34 3.20
C GLY B 550 25.95 5.01 3.00
N ASP B 551 25.35 3.92 3.44
CA ASP B 551 26.01 2.61 3.34
C ASP B 551 25.83 2.01 1.96
N ALA B 552 24.59 1.72 1.57
CA ALA B 552 24.29 1.06 0.31
C ALA B 552 23.67 2.11 -0.62
N GLN B 553 24.52 2.70 -1.45
CA GLN B 553 24.10 3.84 -2.26
C GLN B 553 23.39 3.40 -3.54
N SER B 554 24.09 2.65 -4.38
CA SER B 554 23.62 2.43 -5.76
C SER B 554 22.30 1.68 -5.79
N ALA B 555 22.13 0.69 -4.91
CA ALA B 555 20.88 -0.06 -4.86
C ALA B 555 19.71 0.84 -4.50
N THR B 556 19.89 1.67 -3.47
CA THR B 556 18.84 2.60 -3.07
C THR B 556 18.51 3.58 -4.18
N LEU B 557 19.55 4.10 -4.85
CA LEU B 557 19.30 5.05 -5.94
C LEU B 557 18.53 4.39 -7.08
N ASN B 558 18.90 3.15 -7.42
CA ASN B 558 18.18 2.44 -8.48
C ASN B 558 16.73 2.20 -8.09
N PHE B 559 16.49 1.76 -6.84
CA PHE B 559 15.12 1.51 -6.40
C PHE B 559 14.29 2.78 -6.42
N LEU B 560 14.86 3.87 -5.92
CA LEU B 560 14.14 5.14 -5.91
C LEU B 560 13.87 5.62 -7.32
N GLN B 561 14.83 5.44 -8.23
CA GLN B 561 14.62 5.85 -9.61
C GLN B 561 13.48 5.06 -10.23
N ALA B 562 13.42 3.76 -9.97
CA ALA B 562 12.30 2.96 -10.47
C ALA B 562 10.99 3.41 -9.87
N ALA B 563 10.98 3.72 -8.57
CA ALA B 563 9.74 4.10 -7.91
C ALA B 563 9.26 5.48 -8.32
N ALA B 564 10.14 6.32 -8.88
CA ALA B 564 9.74 7.66 -9.30
C ALA B 564 8.52 7.63 -10.22
N ALA B 565 8.44 6.62 -11.10
CA ALA B 565 7.33 6.56 -12.05
C ALA B 565 6.04 6.06 -11.42
N HIS B 566 6.12 5.47 -10.22
CA HIS B 566 4.94 4.92 -9.55
C HIS B 566 4.45 5.81 -8.41
N CYS B 567 4.54 7.13 -8.57
CA CYS B 567 4.05 8.08 -7.57
C CYS B 567 3.09 9.04 -8.26
N THR B 568 1.79 8.90 -7.98
CA THR B 568 0.77 9.74 -8.57
C THR B 568 0.02 10.57 -7.55
N ASN B 569 0.14 10.26 -6.26
CA ASN B 569 -0.56 10.98 -5.20
C ASN B 569 0.45 11.64 -4.27
N TRP B 570 0.02 12.73 -3.64
CA TRP B 570 0.90 13.58 -2.86
C TRP B 570 1.57 12.83 -1.70
N ASP B 571 0.91 11.82 -1.15
CA ASP B 571 1.44 11.12 0.02
C ASP B 571 2.77 10.42 -0.31
N LEU B 572 2.78 9.63 -1.38
CA LEU B 572 4.02 8.98 -1.80
C LEU B 572 5.04 10.00 -2.27
N GLN B 573 4.58 11.06 -2.93
CA GLN B 573 5.48 12.11 -3.35
C GLN B 573 6.07 12.90 -2.19
N GLN B 574 5.56 12.74 -0.98
CA GLN B 574 6.25 13.29 0.17
C GLN B 574 7.09 12.27 0.90
N GLY B 575 6.66 11.00 0.92
CA GLY B 575 7.54 9.96 1.46
C GLY B 575 8.85 9.87 0.70
N LEU B 576 8.78 10.02 -0.62
CA LEU B 576 9.98 9.93 -1.45
C LEU B 576 10.99 11.03 -1.12
N LEU B 577 10.53 12.27 -1.01
CA LEU B 577 11.47 13.31 -0.62
C LEU B 577 11.82 13.24 0.86
N ARG B 578 11.03 12.55 1.67
CA ARG B 578 11.52 12.23 3.01
C ARG B 578 12.75 11.36 2.92
N VAL B 579 12.74 10.40 1.98
CA VAL B 579 13.93 9.58 1.74
C VAL B 579 15.10 10.44 1.30
N CYS B 580 14.85 11.34 0.35
CA CYS B 580 15.92 12.19 -0.16
C CYS B 580 16.48 13.11 0.94
N ARG B 581 15.61 13.62 1.82
CA ARG B 581 16.06 14.40 2.96
C ARG B 581 16.89 13.56 3.92
N ALA B 582 16.53 12.29 4.09
CA ALA B 582 17.33 11.41 4.93
C ALA B 582 18.73 11.25 4.35
N LEU B 583 18.82 11.09 3.02
CA LEU B 583 20.13 11.04 2.38
C LEU B 583 20.90 12.34 2.57
N LEU B 584 20.24 13.47 2.33
CA LEU B 584 20.75 14.80 2.68
C LEU B 584 21.44 14.79 4.04
N ARG B 585 20.69 14.42 5.07
CA ARG B 585 21.23 14.44 6.42
C ARG B 585 22.41 13.48 6.56
N ALA B 586 22.35 12.33 5.89
CA ALA B 586 23.45 11.38 5.95
C ALA B 586 24.74 11.98 5.42
N GLY B 587 24.66 12.70 4.31
CA GLY B 587 25.81 13.36 3.72
C GLY B 587 26.27 12.82 2.39
N VAL B 588 25.53 11.90 1.78
CA VAL B 588 25.91 11.35 0.49
C VAL B 588 25.97 12.47 -0.54
N ARG B 589 27.02 12.47 -1.37
CA ARG B 589 27.26 13.57 -2.29
C ARG B 589 27.05 13.19 -3.75
N GLY B 590 27.79 12.20 -4.25
CA GLY B 590 27.78 11.92 -5.68
C GLY B 590 26.61 11.06 -6.10
N GLY B 591 26.15 11.28 -7.33
CA GLY B 591 25.04 10.52 -7.88
C GLY B 591 23.70 11.05 -7.39
N LEU B 592 23.68 11.53 -6.15
CA LEU B 592 22.49 12.17 -5.63
C LEU B 592 22.22 13.48 -6.34
N VAL B 593 23.28 14.13 -6.82
CA VAL B 593 23.14 15.26 -7.73
C VAL B 593 22.33 14.89 -8.97
N ASP B 594 22.11 13.59 -9.20
CA ASP B 594 21.23 13.15 -10.26
C ASP B 594 19.95 12.50 -9.75
N LEU B 595 19.98 11.79 -8.62
CA LEU B 595 18.74 11.22 -8.09
C LEU B 595 17.77 12.33 -7.69
N LEU B 596 18.24 13.29 -6.90
CA LEU B 596 17.38 14.41 -6.52
C LEU B 596 17.00 15.21 -7.76
N GLN B 597 17.91 15.32 -8.71
CA GLN B 597 17.60 16.06 -9.93
C GLN B 597 16.45 15.42 -10.69
N VAL B 598 16.49 14.09 -10.83
CA VAL B 598 15.46 13.38 -11.58
C VAL B 598 14.14 13.43 -10.83
N LEU B 599 14.18 13.31 -9.49
CA LEU B 599 12.95 13.44 -8.71
C LEU B 599 12.33 14.82 -8.88
N ALA B 600 13.15 15.87 -8.82
CA ALA B 600 12.64 17.22 -8.99
C ALA B 600 12.11 17.45 -10.40
N ARG B 601 12.68 16.76 -11.40
CA ARG B 601 12.28 17.00 -12.77
C ARG B 601 11.16 16.10 -13.24
N GLN B 602 10.82 15.04 -12.51
CA GLN B 602 9.88 14.04 -13.02
C GLN B 602 8.93 13.55 -11.93
N LEU B 603 8.31 14.46 -11.19
CA LEU B 603 7.24 14.12 -10.28
C LEU B 603 5.92 14.71 -10.80
N GLU B 604 4.86 14.59 -10.01
CA GLU B 604 3.53 15.02 -10.42
C GLU B 604 3.10 16.32 -9.76
N ASP B 605 3.10 16.39 -8.44
CA ASP B 605 2.67 17.59 -7.73
C ASP B 605 3.79 18.62 -7.73
N PRO B 606 3.47 19.91 -7.92
CA PRO B 606 4.52 20.93 -7.88
C PRO B 606 5.22 21.03 -6.54
N ASP B 607 4.51 20.77 -5.45
CA ASP B 607 5.09 20.95 -4.13
C ASP B 607 6.24 19.97 -3.89
N GLY B 608 6.08 18.71 -4.29
CA GLY B 608 7.16 17.76 -4.15
C GLY B 608 8.36 18.12 -5.00
N ARG B 609 8.13 18.61 -6.21
CA ARG B 609 9.23 19.02 -7.07
C ARG B 609 10.01 20.19 -6.48
N ASP B 610 9.30 21.18 -5.94
CA ASP B 610 9.99 22.29 -5.28
C ASP B 610 10.73 21.83 -4.04
N HIS B 611 10.14 20.90 -3.29
CA HIS B 611 10.81 20.30 -2.15
C HIS B 611 12.15 19.69 -2.57
N ALA B 612 12.12 18.90 -3.65
CA ALA B 612 13.35 18.29 -4.15
C ALA B 612 14.35 19.33 -4.62
N ARG B 613 13.90 20.38 -5.30
CA ARG B 613 14.82 21.41 -5.74
C ARG B 613 15.55 22.03 -4.57
N LEU B 614 14.81 22.39 -3.52
CA LEU B 614 15.43 22.99 -2.35
C LEU B 614 16.44 22.04 -1.70
N TYR B 615 16.06 20.76 -1.55
CA TYR B 615 16.95 19.84 -0.86
C TYR B 615 18.19 19.50 -1.70
N TYR B 616 18.02 19.41 -3.02
CA TYR B 616 19.16 19.21 -3.91
C TYR B 616 20.12 20.39 -3.86
N ILE B 617 19.59 21.61 -3.83
CA ILE B 617 20.44 22.78 -3.68
C ILE B 617 21.19 22.74 -2.36
N LEU B 618 20.50 22.36 -1.30
CA LEU B 618 21.12 22.30 0.03
C LEU B 618 22.28 21.31 0.05
N LEU B 619 22.10 20.13 -0.55
CA LEU B 619 23.19 19.17 -0.57
C LEU B 619 24.32 19.60 -1.50
N ALA B 620 24.01 20.21 -2.63
CA ALA B 620 25.03 20.54 -3.61
C ALA B 620 25.89 21.72 -3.20
N HIS B 621 25.34 22.68 -2.44
CA HIS B 621 26.08 23.90 -2.16
C HIS B 621 26.52 24.09 -0.73
N LEU B 622 26.30 23.12 0.16
CA LEU B 622 26.66 23.27 1.56
C LEU B 622 27.88 22.44 1.92
N ALA B 623 28.68 22.96 2.85
CA ALA B 623 29.67 22.14 3.52
C ALA B 623 28.97 21.22 4.52
N ALA B 624 29.71 20.22 5.00
CA ALA B 624 29.09 19.18 5.82
C ALA B 624 28.46 19.71 7.09
N PRO B 625 29.12 20.53 7.93
CA PRO B 625 28.49 20.95 9.18
C PRO B 625 27.37 21.96 8.99
N LYS B 626 27.57 22.91 8.07
CA LYS B 626 26.59 23.97 7.88
C LYS B 626 25.23 23.41 7.47
N LEU B 627 25.21 22.28 6.75
CA LEU B 627 23.95 21.64 6.44
C LEU B 627 23.23 21.19 7.71
N GLY B 628 23.97 20.66 8.69
CA GLY B 628 23.38 20.36 9.97
C GLY B 628 23.07 21.58 10.81
N VAL B 629 23.65 22.73 10.47
CA VAL B 629 23.37 23.97 11.18
C VAL B 629 22.47 24.93 10.39
N ALA B 630 22.38 24.76 9.07
CA ALA B 630 21.55 25.62 8.23
C ALA B 630 20.71 24.80 7.26
N LEU B 631 20.13 23.71 7.76
CA LEU B 631 19.14 22.96 7.01
C LEU B 631 18.38 22.02 7.94
N MET C 1 -10.55 -7.42 -49.31
CA MET C 1 -9.97 -8.62 -48.74
C MET C 1 -10.74 -9.05 -47.50
N VAL C 2 -10.53 -10.29 -47.07
CA VAL C 2 -10.94 -10.77 -45.75
C VAL C 2 -9.82 -11.66 -45.23
N HIS C 3 -9.15 -11.21 -44.18
CA HIS C 3 -8.08 -12.01 -43.59
C HIS C 3 -8.63 -13.29 -42.97
N ALA C 4 -9.78 -13.20 -42.31
CA ALA C 4 -10.30 -14.35 -41.59
C ALA C 4 -11.80 -14.17 -41.37
N PHE C 5 -12.47 -15.31 -41.19
CA PHE C 5 -13.85 -15.37 -40.75
C PHE C 5 -13.86 -16.07 -39.39
N LEU C 6 -14.74 -15.65 -38.50
CA LEU C 6 -14.69 -16.12 -37.13
C LEU C 6 -16.05 -16.57 -36.65
N ILE C 7 -16.04 -17.48 -35.68
CA ILE C 7 -17.14 -17.70 -34.75
C ILE C 7 -16.52 -17.71 -33.36
N HIS C 8 -16.99 -16.82 -32.50
CA HIS C 8 -16.45 -16.71 -31.15
C HIS C 8 -17.59 -16.42 -30.19
N THR C 9 -17.36 -16.76 -28.93
CA THR C 9 -18.35 -16.52 -27.91
C THR C 9 -18.39 -15.05 -27.52
N LEU C 10 -19.55 -14.62 -27.02
CA LEU C 10 -19.74 -13.26 -26.53
C LEU C 10 -20.28 -13.33 -25.10
N ARG C 11 -19.56 -12.72 -24.16
CA ARG C 11 -20.01 -12.72 -22.79
C ARG C 11 -21.28 -11.88 -22.63
N ALA C 12 -21.92 -12.02 -21.48
CA ALA C 12 -23.13 -11.28 -21.15
C ALA C 12 -22.84 -10.19 -20.13
N PRO C 13 -23.54 -9.05 -20.22
CA PRO C 13 -23.36 -7.93 -19.30
C PRO C 13 -23.53 -8.31 -17.83
N GLY C 19 -14.55 -15.46 -17.72
CA GLY C 19 -14.61 -16.30 -18.89
C GLY C 19 -14.06 -15.64 -20.14
N LEU C 20 -12.88 -16.07 -20.56
CA LEU C 20 -12.24 -15.49 -21.74
C LEU C 20 -13.04 -15.80 -22.99
N CYS C 21 -12.95 -14.90 -23.98
CA CYS C 21 -13.61 -15.07 -25.26
C CYS C 21 -12.71 -15.91 -26.16
N ARG C 22 -13.01 -17.23 -26.25
CA ARG C 22 -12.19 -18.17 -27.03
C ARG C 22 -12.78 -18.67 -28.19
N VAL C 23 -12.13 -18.37 -29.31
CA VAL C 23 -12.71 -18.57 -30.64
C VAL C 23 -13.04 -20.05 -30.81
N LEU C 24 -14.31 -20.33 -31.13
CA LEU C 24 -14.70 -21.70 -31.41
C LEU C 24 -14.24 -22.15 -32.79
N TYR C 25 -14.18 -21.24 -33.75
CA TYR C 25 -13.79 -21.56 -35.11
C TYR C 25 -13.05 -20.38 -35.70
N SER C 26 -11.76 -20.55 -35.99
CA SER C 26 -10.89 -19.47 -36.43
C SER C 26 -10.25 -19.86 -37.75
N CYS C 27 -10.89 -19.49 -38.84
CA CYS C 27 -10.41 -19.84 -40.18
C CYS C 27 -9.60 -18.66 -40.71
N VAL C 28 -8.29 -18.85 -40.86
CA VAL C 28 -7.41 -17.80 -41.35
C VAL C 28 -7.20 -18.01 -42.84
N PHE C 29 -7.65 -17.05 -43.65
CA PHE C 29 -7.67 -17.20 -45.09
C PHE C 29 -6.41 -16.64 -45.74
N GLY C 30 -5.25 -17.02 -45.27
CA GLY C 30 -4.02 -16.56 -45.89
C GLY C 30 -2.87 -16.60 -44.90
N ALA C 31 -1.73 -16.11 -45.38
CA ALA C 31 -0.51 -16.08 -44.59
C ALA C 31 0.14 -14.71 -44.72
N GLU C 32 1.26 -14.53 -44.02
CA GLU C 32 1.99 -13.29 -44.00
C GLU C 32 3.46 -13.56 -44.28
N LYS C 33 4.12 -12.60 -44.94
CA LYS C 33 5.52 -12.78 -45.27
C LYS C 33 6.38 -12.80 -44.02
N SER C 34 7.29 -13.76 -43.96
CA SER C 34 8.17 -13.89 -42.81
C SER C 34 9.47 -14.60 -43.20
N ASP C 36 12.64 -11.75 -42.16
CA ASP C 36 12.94 -13.09 -41.69
C ASP C 36 13.87 -13.06 -40.47
N ASP C 37 13.50 -13.80 -39.44
CA ASP C 37 14.33 -13.86 -38.25
C ASP C 37 15.62 -14.60 -38.55
N PRO C 38 16.73 -14.20 -37.93
CA PRO C 38 17.98 -14.98 -38.08
C PRO C 38 17.81 -16.41 -37.63
N ARG C 39 17.02 -16.64 -36.59
CA ARG C 39 16.64 -17.99 -36.23
C ARG C 39 15.91 -18.63 -37.40
N PRO C 40 16.17 -19.91 -37.71
CA PRO C 40 15.55 -20.52 -38.89
C PRO C 40 14.03 -20.47 -38.81
N HIS C 41 13.39 -20.30 -39.97
CA HIS C 41 11.94 -20.17 -40.06
C HIS C 41 11.27 -21.39 -39.45
N GLY C 42 10.58 -21.19 -38.33
CA GLY C 42 9.98 -22.28 -37.59
C GLY C 42 8.51 -22.44 -37.88
N ALA C 43 7.85 -23.18 -36.98
CA ALA C 43 6.41 -23.37 -37.02
C ALA C 43 5.73 -22.86 -35.76
N GLU C 44 6.36 -23.02 -34.60
CA GLU C 44 5.79 -22.48 -33.37
C GLU C 44 5.55 -20.98 -33.48
N ARG C 45 6.55 -20.25 -33.98
CA ARG C 45 6.44 -18.80 -34.04
C ARG C 45 5.31 -18.37 -34.96
N ASP C 46 5.29 -18.89 -36.19
CA ASP C 46 4.27 -18.46 -37.14
C ASP C 46 2.87 -18.89 -36.70
N ARG C 47 2.73 -20.11 -36.20
CA ARG C 47 1.42 -20.56 -35.73
C ARG C 47 0.94 -19.71 -34.56
N LEU C 48 1.83 -19.42 -33.60
CA LEU C 48 1.42 -18.65 -32.44
C LEU C 48 1.05 -17.23 -32.83
N LEU C 49 1.78 -16.64 -33.78
CA LEU C 49 1.43 -15.31 -34.27
C LEU C 49 0.05 -15.30 -34.92
N ARG C 50 -0.17 -16.21 -35.88
CA ARG C 50 -1.43 -16.26 -36.60
C ARG C 50 -2.59 -16.71 -35.73
N LYS C 51 -2.32 -17.26 -34.55
CA LYS C 51 -3.38 -17.55 -33.59
C LYS C 51 -3.69 -16.36 -32.68
N GLU C 52 -2.64 -15.73 -32.14
CA GLU C 52 -2.85 -14.62 -31.21
C GLU C 52 -3.47 -13.41 -31.90
N GLN C 53 -3.17 -13.19 -33.19
CA GLN C 53 -3.85 -12.11 -33.90
C GLN C 53 -5.36 -12.29 -33.89
N ILE C 54 -5.82 -13.48 -34.26
CA ILE C 54 -7.26 -13.75 -34.34
C ILE C 54 -7.88 -13.70 -32.96
N LEU C 55 -7.19 -14.22 -31.94
CA LEU C 55 -7.74 -14.15 -30.59
C LEU C 55 -7.90 -12.69 -30.14
N ALA C 56 -6.93 -11.84 -30.49
CA ALA C 56 -7.05 -10.42 -30.14
C ALA C 56 -8.22 -9.77 -30.84
N VAL C 57 -8.43 -10.10 -32.11
CA VAL C 57 -9.61 -9.58 -32.82
C VAL C 57 -10.89 -10.02 -32.12
N ALA C 58 -10.92 -11.27 -31.66
CA ALA C 58 -12.10 -11.75 -30.94
C ALA C 58 -12.35 -10.96 -29.66
N ARG C 59 -11.29 -10.69 -28.90
CA ARG C 59 -11.46 -9.89 -27.68
C ARG C 59 -11.97 -8.49 -28.00
N GLN C 60 -11.43 -7.87 -29.06
CA GLN C 60 -11.88 -6.52 -29.42
C GLN C 60 -13.35 -6.51 -29.80
N VAL C 61 -13.79 -7.52 -30.55
CA VAL C 61 -15.21 -7.57 -30.92
C VAL C 61 -16.07 -7.81 -29.70
N GLU C 62 -15.59 -8.60 -28.73
CA GLU C 62 -16.35 -8.77 -27.50
C GLU C 62 -16.53 -7.43 -26.78
N SER C 63 -15.45 -6.63 -26.71
CA SER C 63 -15.53 -5.33 -26.06
C SER C 63 -16.53 -4.42 -26.78
N MET C 64 -16.42 -4.34 -28.11
CA MET C 64 -17.36 -3.52 -28.88
C MET C 64 -18.81 -3.96 -28.66
N CYS C 65 -19.06 -5.26 -28.71
CA CYS C 65 -20.44 -5.76 -28.56
C CYS C 65 -20.99 -5.46 -27.18
N ARG C 66 -20.19 -5.70 -26.15
CA ARG C 66 -20.67 -5.46 -24.79
C ARG C 66 -20.99 -3.98 -24.58
N LEU C 67 -20.06 -3.10 -24.96
CA LEU C 67 -20.30 -1.67 -24.82
C LEU C 67 -21.48 -1.20 -25.66
N GLN C 68 -21.67 -1.79 -26.83
CA GLN C 68 -22.85 -1.48 -27.63
C GLN C 68 -24.12 -1.90 -26.89
N GLN C 69 -24.06 -3.02 -26.18
CA GLN C 69 -25.25 -3.54 -25.51
C GLN C 69 -25.69 -2.65 -24.36
N GLN C 70 -24.75 -2.23 -23.50
CA GLN C 70 -25.16 -1.35 -22.40
C GLN C 70 -25.66 0.00 -22.92
N ALA C 71 -24.96 0.60 -23.87
CA ALA C 71 -25.22 1.98 -24.25
C ALA C 71 -26.00 2.09 -25.56
N SER C 72 -26.94 1.19 -25.79
CA SER C 72 -27.86 1.30 -26.92
C SER C 72 -29.30 1.52 -26.50
N GLY C 73 -29.75 0.84 -25.45
CA GLY C 73 -31.11 1.01 -25.00
C GLY C 73 -32.11 0.32 -25.92
N ARG C 74 -31.66 -0.03 -27.12
CA ARG C 74 -32.49 -0.79 -28.04
C ARG C 74 -32.72 -2.19 -27.47
N PRO C 75 -33.96 -2.65 -27.40
CA PRO C 75 -34.33 -3.86 -26.63
C PRO C 75 -33.18 -4.47 -25.85
N PRO C 76 -32.85 -3.92 -24.69
CA PRO C 76 -31.71 -4.43 -23.90
C PRO C 76 -31.97 -5.86 -23.44
N MET C 77 -31.06 -6.77 -23.80
CA MET C 77 -31.16 -8.18 -23.45
C MET C 77 -32.48 -8.79 -23.90
N PRO C 89 -35.34 -11.91 -35.92
CA PRO C 89 -34.70 -10.62 -35.73
C PRO C 89 -33.53 -10.40 -36.68
N LEU C 90 -33.80 -9.76 -37.82
CA LEU C 90 -32.77 -9.54 -38.84
C LEU C 90 -31.95 -8.29 -38.56
N HIS C 91 -32.61 -7.14 -38.45
CA HIS C 91 -31.92 -5.88 -38.21
C HIS C 91 -31.89 -5.50 -36.73
N GLU C 92 -32.28 -6.40 -35.85
CA GLU C 92 -32.37 -6.12 -34.42
C GLU C 92 -31.18 -6.62 -33.63
N ALA C 93 -30.16 -7.12 -34.29
CA ALA C 93 -29.01 -7.54 -33.52
C ALA C 93 -27.93 -6.47 -33.51
N PRO C 94 -27.09 -6.43 -32.47
CA PRO C 94 -26.03 -5.43 -32.43
C PRO C 94 -25.05 -5.57 -33.60
N ARG C 95 -24.58 -4.42 -34.09
CA ARG C 95 -23.70 -4.34 -35.24
C ARG C 95 -22.70 -3.22 -35.01
N GLY C 96 -21.58 -3.24 -35.73
CA GLY C 96 -20.62 -2.16 -35.64
C GLY C 96 -19.36 -2.45 -36.43
N ALA C 97 -18.35 -1.60 -36.19
CA ALA C 97 -17.07 -1.66 -36.89
C ALA C 97 -16.00 -1.01 -36.01
N PHE C 98 -14.74 -1.26 -36.37
CA PHE C 98 -13.60 -0.78 -35.61
C PHE C 98 -12.37 -0.72 -36.52
N ARG C 99 -11.26 -0.22 -35.98
CA ARG C 99 -9.97 -0.28 -36.65
C ARG C 99 -8.89 -0.76 -35.70
N LEU C 100 -7.93 -1.51 -36.24
CA LEU C 100 -6.93 -2.19 -35.44
C LEU C 100 -5.68 -1.33 -35.27
N ALA C 101 -4.65 -1.89 -34.63
CA ALA C 101 -3.41 -1.18 -34.36
C ALA C 101 -2.24 -2.00 -34.92
N ALA C 102 -1.36 -1.33 -35.67
CA ALA C 102 -0.19 -1.99 -36.22
C ALA C 102 0.72 -2.47 -35.09
N GLU C 103 1.35 -3.63 -35.32
CA GLU C 103 2.22 -4.28 -34.34
C GLU C 103 1.46 -4.71 -33.09
N ASN C 104 0.16 -4.44 -33.06
CA ASN C 104 -0.71 -4.92 -31.99
C ASN C 104 -2.00 -5.45 -32.62
N PRO C 105 -1.94 -6.60 -33.29
CA PRO C 105 -0.77 -7.36 -33.70
C PRO C 105 -0.61 -7.50 -35.22
N PHE C 106 -1.22 -6.65 -36.05
CA PHE C 106 -1.13 -6.78 -37.50
C PHE C 106 -0.01 -5.91 -38.08
N GLN C 107 0.40 -6.29 -39.30
CA GLN C 107 1.36 -5.48 -40.04
C GLN C 107 0.65 -4.37 -40.81
N GLU C 108 -0.19 -4.74 -41.76
CA GLU C 108 -1.04 -3.75 -42.41
C GLU C 108 -2.30 -3.57 -41.57
N PRO C 109 -2.64 -2.34 -41.19
CA PRO C 109 -3.84 -2.14 -40.37
C PRO C 109 -5.12 -2.49 -41.14
N ARG C 110 -6.09 -3.03 -40.41
CA ARG C 110 -7.32 -3.52 -41.00
C ARG C 110 -8.52 -3.12 -40.15
N THR C 111 -9.67 -3.02 -40.82
CA THR C 111 -10.96 -2.83 -40.20
C THR C 111 -11.50 -4.17 -39.71
N VAL C 112 -12.33 -4.13 -38.67
CA VAL C 112 -12.98 -5.31 -38.12
C VAL C 112 -14.49 -5.09 -38.17
N VAL C 113 -15.22 -6.06 -38.73
CA VAL C 113 -16.67 -6.01 -38.87
C VAL C 113 -17.27 -7.13 -38.06
N TRP C 114 -18.35 -6.84 -37.34
CA TRP C 114 -19.00 -7.84 -36.52
C TRP C 114 -20.52 -7.77 -36.65
N LEU C 115 -21.16 -8.86 -36.24
CA LEU C 115 -22.61 -8.92 -36.07
C LEU C 115 -22.89 -10.07 -35.11
N GLY C 116 -23.27 -9.73 -33.88
CA GLY C 116 -23.45 -10.72 -32.83
C GLY C 116 -24.91 -11.13 -32.71
N VAL C 117 -25.13 -12.44 -32.62
CA VAL C 117 -26.44 -13.02 -32.39
C VAL C 117 -26.36 -13.92 -31.16
N LEU C 118 -27.34 -13.80 -30.27
CA LEU C 118 -27.38 -14.57 -29.03
C LEU C 118 -26.07 -14.44 -28.26
N SER C 119 -25.19 -15.44 -28.42
CA SER C 119 -23.86 -15.38 -27.84
C SER C 119 -22.82 -15.94 -28.80
N LEU C 120 -23.03 -15.75 -30.10
CA LEU C 120 -22.12 -16.23 -31.13
C LEU C 120 -21.80 -15.08 -32.07
N GLY C 121 -20.80 -14.28 -31.71
CA GLY C 121 -20.42 -13.13 -32.50
C GLY C 121 -19.46 -13.45 -33.61
N PHE C 122 -19.97 -13.49 -34.85
CA PHE C 122 -19.16 -13.82 -36.00
C PHE C 122 -18.55 -12.55 -36.59
N ALA C 123 -17.24 -12.59 -36.85
CA ALA C 123 -16.49 -11.41 -37.23
C ALA C 123 -15.85 -11.60 -38.60
N LEU C 124 -15.37 -10.50 -39.16
CA LEU C 124 -14.63 -10.48 -40.40
C LEU C 124 -13.51 -9.45 -40.30
N VAL C 125 -12.28 -9.88 -40.52
CA VAL C 125 -11.12 -8.99 -40.53
C VAL C 125 -10.84 -8.66 -41.99
N LEU C 126 -11.26 -7.49 -42.43
CA LEU C 126 -11.23 -7.13 -43.84
C LEU C 126 -10.31 -5.95 -44.07
N ASP C 127 -9.59 -5.98 -45.19
CA ASP C 127 -8.71 -4.90 -45.56
C ASP C 127 -9.49 -3.62 -45.86
N ALA C 128 -8.83 -2.48 -45.68
CA ALA C 128 -9.46 -1.18 -45.89
C ALA C 128 -9.95 -0.96 -47.31
N HIS C 129 -9.62 -1.86 -48.25
CA HIS C 129 -10.10 -1.77 -49.62
C HIS C 129 -11.21 -2.79 -49.89
N GLU C 130 -12.06 -3.01 -48.90
CA GLU C 130 -13.22 -3.88 -49.04
C GLU C 130 -14.47 -3.13 -48.59
N ASN C 131 -15.60 -3.47 -49.20
CA ASN C 131 -16.85 -2.79 -48.93
C ASN C 131 -17.39 -3.16 -47.56
N LEU C 132 -17.72 -2.15 -46.76
CA LEU C 132 -18.23 -2.38 -45.42
C LEU C 132 -19.66 -2.92 -45.45
N LEU C 133 -20.52 -2.30 -46.27
CA LEU C 133 -21.91 -2.71 -46.31
C LEU C 133 -22.05 -4.14 -46.83
N LEU C 134 -21.23 -4.50 -47.83
CA LEU C 134 -21.19 -5.88 -48.29
C LEU C 134 -20.73 -6.81 -47.18
N ALA C 135 -19.74 -6.37 -46.40
CA ALA C 135 -19.24 -7.21 -45.32
C ALA C 135 -20.32 -7.48 -44.28
N GLU C 136 -21.10 -6.45 -43.93
CA GLU C 136 -22.15 -6.64 -42.95
C GLU C 136 -23.28 -7.51 -43.52
N GLY C 137 -23.67 -7.28 -44.78
CA GLY C 137 -24.69 -8.12 -45.38
C GLY C 137 -24.29 -9.58 -45.47
N THR C 138 -23.03 -9.83 -45.88
CA THR C 138 -22.56 -11.19 -46.00
C THR C 138 -22.44 -11.87 -44.64
N LEU C 139 -22.00 -11.12 -43.63
CA LEU C 139 -21.90 -11.73 -42.31
C LEU C 139 -23.29 -12.04 -41.78
N ARG C 140 -24.27 -11.20 -42.09
CA ARG C 140 -25.65 -11.48 -41.69
C ARG C 140 -26.17 -12.76 -42.36
N LEU C 141 -25.98 -12.88 -43.67
CA LEU C 141 -26.47 -14.06 -44.36
C LEU C 141 -25.76 -15.31 -43.86
N LEU C 142 -24.45 -15.22 -43.62
CA LEU C 142 -23.72 -16.38 -43.13
C LEU C 142 -24.19 -16.79 -41.75
N THR C 143 -24.50 -15.84 -40.88
CA THR C 143 -24.89 -16.23 -39.53
C THR C 143 -26.32 -16.78 -39.52
N ARG C 144 -27.17 -16.29 -40.42
CA ARG C 144 -28.46 -16.95 -40.63
C ARG C 144 -28.25 -18.39 -41.06
N LEU C 145 -27.36 -18.60 -42.04
CA LEU C 145 -27.14 -19.94 -42.56
C LEU C 145 -26.59 -20.86 -41.50
N LEU C 146 -25.73 -20.34 -40.63
CA LEU C 146 -25.16 -21.17 -39.58
C LEU C 146 -26.16 -21.43 -38.46
N LEU C 147 -27.07 -20.49 -38.18
CA LEU C 147 -28.08 -20.74 -37.17
C LEU C 147 -29.12 -21.75 -37.66
N ASP C 148 -29.39 -21.77 -38.96
CA ASP C 148 -30.44 -22.64 -39.49
C ASP C 148 -29.90 -23.98 -39.96
N HIS C 149 -28.98 -23.97 -40.94
CA HIS C 149 -28.46 -25.21 -41.50
C HIS C 149 -27.89 -26.13 -40.42
N LEU C 150 -27.15 -25.58 -39.46
CA LEU C 150 -26.53 -26.37 -38.42
C LEU C 150 -27.40 -26.50 -37.18
N ARG C 151 -28.15 -25.47 -36.83
CA ARG C 151 -29.14 -25.52 -35.75
C ARG C 151 -28.50 -25.92 -34.42
N LEU C 152 -27.62 -25.04 -33.93
CA LEU C 152 -26.96 -25.23 -32.64
C LEU C 152 -27.62 -24.43 -31.52
N LEU C 153 -28.94 -24.28 -31.55
CA LEU C 153 -29.63 -23.51 -30.51
C LEU C 153 -30.07 -24.41 -29.36
N ALA C 154 -29.13 -25.23 -28.87
CA ALA C 154 -29.24 -26.18 -27.76
C ALA C 154 -28.08 -27.18 -27.81
N PRO C 155 -27.87 -27.91 -28.93
CA PRO C 155 -26.71 -28.83 -28.96
C PRO C 155 -25.47 -28.14 -29.50
N SER C 156 -24.89 -27.27 -28.66
CA SER C 156 -23.73 -26.49 -29.07
C SER C 156 -22.54 -27.35 -29.44
N THR C 157 -22.54 -28.62 -29.03
CA THR C 157 -21.50 -29.54 -29.48
C THR C 157 -21.53 -29.73 -30.99
N SER C 158 -22.65 -29.41 -31.64
CA SER C 158 -22.74 -29.49 -33.09
C SER C 158 -21.91 -28.43 -33.79
N LEU C 159 -21.23 -27.57 -33.04
CA LEU C 159 -20.42 -26.51 -33.62
C LEU C 159 -18.93 -26.83 -33.56
N LEU C 160 -18.51 -27.69 -32.64
CA LEU C 160 -17.11 -28.07 -32.48
C LEU C 160 -16.82 -29.47 -32.96
N LEU C 161 -17.66 -30.44 -32.60
CA LEU C 161 -17.53 -31.79 -33.15
C LEU C 161 -18.08 -31.90 -34.55
N ARG C 162 -18.84 -30.91 -35.02
CA ARG C 162 -19.37 -30.92 -36.37
C ARG C 162 -18.84 -29.71 -37.12
N ALA C 163 -17.54 -29.43 -36.99
CA ALA C 163 -16.95 -28.30 -37.70
C ALA C 163 -17.00 -28.48 -39.20
N ASP C 164 -17.25 -29.70 -39.67
CA ASP C 164 -17.29 -29.94 -41.10
C ASP C 164 -18.46 -29.24 -41.75
N ARG C 165 -19.57 -29.05 -41.03
CA ARG C 165 -20.69 -28.30 -41.59
C ARG C 165 -20.31 -26.86 -41.85
N ILE C 166 -19.65 -26.22 -40.87
CA ILE C 166 -19.13 -24.87 -41.07
C ILE C 166 -18.17 -24.84 -42.23
N GLU C 167 -17.26 -25.82 -42.29
CA GLU C 167 -16.30 -25.86 -43.38
C GLU C 167 -17.00 -25.92 -44.72
N GLY C 168 -18.05 -26.73 -44.82
CA GLY C 168 -18.80 -26.81 -46.05
C GLY C 168 -19.49 -25.51 -46.40
N ILE C 169 -20.12 -24.87 -45.41
CA ILE C 169 -20.88 -23.66 -45.67
C ILE C 169 -19.97 -22.55 -46.19
N LEU C 170 -18.86 -22.29 -45.48
CA LEU C 170 -17.93 -21.27 -45.96
C LEU C 170 -17.28 -21.66 -47.27
N THR C 171 -16.87 -22.91 -47.43
CA THR C 171 -16.25 -23.31 -48.69
C THR C 171 -17.22 -23.15 -49.85
N ARG C 172 -18.52 -23.18 -49.60
CA ARG C 172 -19.46 -22.93 -50.67
C ARG C 172 -19.66 -21.44 -50.92
N PHE C 173 -19.95 -20.67 -49.86
CA PHE C 173 -20.33 -19.28 -50.02
C PHE C 173 -19.18 -18.29 -49.94
N LEU C 174 -18.09 -18.65 -49.26
CA LEU C 174 -16.97 -17.73 -49.01
C LEU C 174 -15.70 -18.37 -49.55
N PRO C 175 -15.49 -18.32 -50.86
CA PRO C 175 -14.32 -18.97 -51.45
C PRO C 175 -13.07 -18.10 -51.32
N HIS C 176 -12.14 -18.54 -50.47
CA HIS C 176 -10.79 -17.99 -50.39
C HIS C 176 -10.80 -16.49 -50.04
N GLY C 177 -11.43 -16.18 -48.91
CA GLY C 177 -11.36 -14.83 -48.35
C GLY C 177 -11.90 -13.77 -49.26
N GLN C 178 -12.97 -14.06 -49.99
CA GLN C 178 -13.53 -13.13 -50.95
C GLN C 178 -15.03 -13.09 -50.79
N LEU C 179 -15.59 -11.89 -50.87
CA LEU C 179 -17.03 -11.69 -50.75
C LEU C 179 -17.63 -11.54 -52.14
N LEU C 180 -18.82 -12.12 -52.32
CA LEU C 180 -19.49 -12.15 -53.60
C LEU C 180 -20.77 -11.33 -53.53
N PHE C 181 -21.11 -10.64 -54.63
CA PHE C 181 -22.38 -9.92 -54.73
C PHE C 181 -23.47 -10.88 -55.21
N LEU C 182 -23.80 -11.83 -54.34
CA LEU C 182 -24.83 -12.80 -54.65
C LEU C 182 -26.21 -12.15 -54.59
N ASN C 183 -27.06 -12.47 -55.56
CA ASN C 183 -28.43 -12.01 -55.62
C ASN C 183 -29.37 -13.22 -55.61
N ASP C 184 -30.66 -12.96 -55.83
CA ASP C 184 -31.66 -14.03 -55.69
C ASP C 184 -31.39 -15.19 -56.64
N GLN C 185 -31.09 -14.88 -57.90
CA GLN C 185 -30.81 -15.95 -58.87
C GLN C 185 -29.52 -16.69 -58.54
N PHE C 186 -28.48 -15.95 -58.16
CA PHE C 186 -27.22 -16.61 -57.85
C PHE C 186 -27.26 -17.34 -56.52
N VAL C 187 -27.99 -16.82 -55.53
CA VAL C 187 -28.19 -17.58 -54.31
C VAL C 187 -29.02 -18.83 -54.61
N GLN C 188 -29.96 -18.74 -55.56
CA GLN C 188 -30.68 -19.93 -55.98
C GLN C 188 -29.75 -20.96 -56.61
N GLY C 189 -28.79 -20.49 -57.42
CA GLY C 189 -27.82 -21.40 -58.00
C GLY C 189 -26.97 -22.10 -56.94
N LEU C 190 -26.46 -21.32 -55.98
CA LEU C 190 -25.65 -21.94 -54.92
C LEU C 190 -26.49 -22.82 -54.01
N GLU C 191 -27.77 -22.48 -53.82
CA GLU C 191 -28.67 -23.34 -53.07
C GLU C 191 -28.88 -24.66 -53.80
N LYS C 192 -29.04 -24.62 -55.12
CA LYS C 192 -29.08 -25.84 -55.90
C LYS C 192 -27.77 -26.60 -55.79
N GLU C 193 -26.67 -25.88 -55.53
CA GLU C 193 -25.37 -26.54 -55.43
C GLU C 193 -25.23 -27.31 -54.12
N PHE C 194 -25.48 -26.65 -52.98
CA PHE C 194 -25.07 -27.20 -51.69
C PHE C 194 -26.15 -28.01 -50.97
N SER C 195 -27.43 -27.80 -51.30
CA SER C 195 -28.51 -28.26 -50.43
C SER C 195 -28.45 -29.76 -50.20
N ALA C 196 -28.24 -30.54 -51.25
CA ALA C 196 -28.27 -31.99 -51.16
C ALA C 196 -26.91 -32.62 -50.88
N ALA C 197 -25.83 -31.84 -50.87
CA ALA C 197 -24.50 -32.40 -50.71
C ALA C 197 -24.34 -33.09 -49.35
N TRP C 198 -25.16 -32.71 -48.37
CA TRP C 198 -25.20 -33.39 -47.09
C TRP C 198 -26.64 -33.76 -46.78
N PRO C 199 -26.87 -34.81 -45.97
CA PRO C 199 -28.25 -35.16 -45.63
C PRO C 199 -28.91 -34.13 -44.72
N ALA D 2 -8.24 4.46 49.19
CA ALA D 2 -9.00 5.70 49.08
C ALA D 2 -9.07 6.15 47.63
N LEU D 3 -10.24 6.05 47.03
CA LEU D 3 -10.36 6.43 45.63
C LEU D 3 -10.51 7.94 45.52
N ARG D 4 -10.59 8.40 44.28
CA ARG D 4 -10.95 9.77 43.99
C ARG D 4 -12.29 9.89 43.28
N ALA D 5 -12.63 8.94 42.43
CA ALA D 5 -13.97 8.87 41.86
C ALA D 5 -14.19 7.50 41.25
N VAL D 6 -15.47 7.21 40.97
CA VAL D 6 -15.91 5.88 40.53
C VAL D 6 -16.80 6.07 39.32
N TRP D 7 -16.85 5.04 38.47
CA TRP D 7 -17.66 5.14 37.26
C TRP D 7 -18.34 3.80 36.95
N LEU D 8 -19.36 3.88 36.09
CA LEU D 8 -19.94 2.71 35.45
C LEU D 8 -20.53 3.22 34.14
N ILE D 9 -19.86 2.91 33.03
CA ILE D 9 -20.28 3.35 31.72
C ILE D 9 -20.65 2.12 30.91
N ARG D 10 -21.93 1.98 30.57
CA ARG D 10 -22.34 0.88 29.72
C ARG D 10 -21.77 1.07 28.33
N HIS D 11 -21.27 -0.01 27.75
CA HIS D 11 -20.68 0.05 26.41
C HIS D 11 -21.79 0.17 25.37
N GLU D 12 -21.75 1.24 24.58
CA GLU D 12 -22.76 1.50 23.55
C GLU D 12 -22.05 1.63 22.21
N PRO D 13 -21.92 0.55 21.45
CA PRO D 13 -21.28 0.63 20.14
C PRO D 13 -22.04 1.55 19.20
N GLY D 14 -21.30 2.23 18.35
CA GLY D 14 -21.86 3.09 17.32
C GLY D 14 -22.16 4.50 17.78
N THR D 15 -22.57 4.68 19.02
CA THR D 15 -22.87 6.02 19.52
C THR D 15 -21.61 6.86 19.54
N PRO D 16 -21.64 8.09 19.03
CA PRO D 16 -20.42 8.92 19.07
C PRO D 16 -19.88 9.15 20.46
N LEU D 17 -20.76 9.30 21.46
CA LEU D 17 -20.31 9.43 22.83
C LEU D 17 -19.81 8.10 23.39
N GLY D 18 -20.31 6.99 22.88
CA GLY D 18 -19.87 5.67 23.28
C GLY D 18 -20.69 5.05 24.38
N GLY D 19 -21.44 5.85 25.14
CA GLY D 19 -22.26 5.31 26.19
C GLY D 19 -22.87 6.41 27.02
N THR D 20 -23.67 5.99 27.99
CA THR D 20 -24.35 6.89 28.92
C THR D 20 -23.97 6.50 30.34
N VAL D 21 -23.24 7.38 31.01
CA VAL D 21 -22.82 7.12 32.38
C VAL D 21 -24.03 6.85 33.27
N ARG D 22 -23.94 5.80 34.07
CA ARG D 22 -24.95 5.48 35.06
C ARG D 22 -24.49 5.80 36.47
N PHE D 23 -23.25 6.25 36.65
CA PHE D 23 -22.72 6.47 37.98
C PHE D 23 -21.47 7.33 37.85
N SER D 24 -21.47 8.49 38.51
CA SER D 24 -20.29 9.36 38.52
C SER D 24 -20.29 10.10 39.86
N ARG D 25 -19.57 9.55 40.82
CA ARG D 25 -19.45 10.15 42.15
C ARG D 25 -17.99 10.51 42.41
N ARG D 26 -17.76 11.80 42.65
CA ARG D 26 -16.43 12.33 42.95
C ARG D 26 -16.34 12.72 44.41
N TYR D 27 -15.24 12.34 45.04
CA TYR D 27 -15.04 12.65 46.45
C TYR D 27 -13.98 13.74 46.59
N PRO D 28 -14.34 14.95 47.04
CA PRO D 28 -13.42 16.08 46.95
C PRO D 28 -12.47 16.18 48.12
N THR D 29 -12.84 15.54 49.23
CA THR D 29 -11.90 15.41 50.33
C THR D 29 -10.62 14.77 49.85
N VAL D 30 -10.74 13.68 49.08
CA VAL D 30 -9.57 12.99 48.56
C VAL D 30 -8.87 13.84 47.52
N GLU D 31 -9.58 14.69 46.80
CA GLU D 31 -8.92 15.56 45.82
C GLU D 31 -8.06 16.62 46.52
N LYS D 32 -8.56 17.21 47.61
CA LYS D 32 -7.73 18.11 48.40
C LYS D 32 -6.55 17.37 49.01
N ARG D 33 -6.77 16.15 49.48
CA ARG D 33 -5.66 15.32 49.95
C ARG D 33 -4.65 15.11 48.83
N ALA D 34 -5.12 14.93 47.60
CA ALA D 34 -4.23 14.74 46.48
C ALA D 34 -3.38 15.97 46.25
N LYS D 35 -3.99 17.16 46.35
CA LYS D 35 -3.20 18.38 46.27
C LYS D 35 -2.11 18.39 47.33
N ALA D 36 -2.49 18.17 48.59
CA ALA D 36 -1.55 18.26 49.70
C ALA D 36 -0.42 17.24 49.57
N PHE D 37 -0.74 16.02 49.11
CA PHE D 37 0.24 14.96 49.03
C PHE D 37 1.12 15.07 47.79
N ASN D 38 0.49 15.15 46.61
CA ASN D 38 1.26 15.20 45.37
C ASN D 38 2.09 16.47 45.28
N GLY D 39 1.47 17.64 45.45
CA GLY D 39 2.21 18.86 45.26
C GLY D 39 2.37 19.24 43.81
N MET D 40 3.62 19.41 43.37
CA MET D 40 3.88 19.93 42.03
C MET D 40 3.50 18.94 40.92
N THR D 41 3.21 17.69 41.26
CA THR D 41 2.88 16.68 40.27
C THR D 41 1.38 16.48 40.13
N TYR D 42 0.57 17.33 40.74
CA TYR D 42 -0.88 17.16 40.74
C TYR D 42 -1.46 17.34 39.34
N VAL D 43 -2.45 16.51 39.04
CA VAL D 43 -3.23 16.61 37.82
C VAL D 43 -4.70 16.39 38.20
N PRO D 44 -5.58 17.36 37.96
CA PRO D 44 -6.95 17.24 38.46
C PRO D 44 -7.78 16.24 37.68
N VAL D 45 -8.87 15.80 38.31
CA VAL D 45 -9.79 14.85 37.68
C VAL D 45 -10.72 15.62 36.76
N PRO D 46 -10.83 15.25 35.50
CA PRO D 46 -11.72 15.97 34.58
C PRO D 46 -13.19 15.68 34.82
N GLU D 47 -14.04 16.19 33.94
CA GLU D 47 -15.48 15.99 34.04
C GLU D 47 -15.85 14.66 33.39
N ASP D 48 -17.16 14.41 33.25
CA ASP D 48 -17.62 13.12 32.74
C ASP D 48 -17.33 12.95 31.26
N GLY D 49 -17.58 13.98 30.45
CA GLY D 49 -17.43 13.89 29.02
C GLY D 49 -16.01 13.63 28.55
N PRO D 50 -15.07 14.50 28.94
CA PRO D 50 -13.65 14.25 28.59
C PRO D 50 -13.14 12.93 29.13
N PHE D 51 -13.55 12.54 30.34
CA PHE D 51 -13.12 11.26 30.88
C PHE D 51 -13.61 10.11 30.02
N LEU D 52 -14.88 10.15 29.63
CA LEU D 52 -15.42 9.08 28.80
C LEU D 52 -14.69 9.01 27.46
N ARG D 53 -14.45 10.17 26.85
CA ARG D 53 -13.73 10.18 25.58
C ARG D 53 -12.34 9.55 25.73
N ALA D 54 -11.58 10.01 26.72
CA ALA D 54 -10.22 9.52 26.90
C ALA D 54 -10.19 8.03 27.26
N LEU D 55 -11.09 7.60 28.14
CA LEU D 55 -11.09 6.21 28.58
C LEU D 55 -11.48 5.27 27.45
N LEU D 56 -12.50 5.64 26.67
CA LEU D 56 -12.85 4.82 25.52
C LEU D 56 -11.76 4.85 24.46
N PHE D 57 -11.00 5.94 24.36
CA PHE D 57 -9.88 5.95 23.43
C PHE D 57 -8.78 4.99 23.88
N GLN D 58 -8.46 4.99 25.17
CA GLN D 58 -7.33 4.22 25.65
C GLN D 58 -7.67 2.73 25.73
N LEU D 59 -8.92 2.42 26.09
CA LEU D 59 -9.39 1.04 26.14
C LEU D 59 -9.54 0.42 24.76
N ARG D 60 -9.21 1.14 23.69
CA ARG D 60 -9.33 0.64 22.32
C ARG D 60 -10.75 0.17 22.02
N LEU D 61 -11.73 0.93 22.50
CA LEU D 61 -13.14 0.62 22.32
C LEU D 61 -13.88 1.70 21.55
N LEU D 62 -13.21 2.77 21.15
CA LEU D 62 -13.84 3.89 20.45
C LEU D 62 -13.12 4.09 19.12
N ASP D 63 -13.73 3.61 18.03
CA ASP D 63 -13.26 3.83 16.67
C ASP D 63 -11.80 3.39 16.50
N ASP D 64 -11.59 2.09 16.66
CA ASP D 64 -10.25 1.51 16.51
C ASP D 64 -9.77 1.45 15.06
N ASP D 65 -10.46 2.09 14.12
CA ASP D 65 -10.10 2.04 12.71
C ASP D 65 -9.00 3.04 12.34
N LYS D 66 -8.52 3.83 13.29
CA LYS D 66 -7.45 4.77 13.00
C LYS D 66 -6.20 4.02 12.57
N ASP D 67 -5.46 4.60 11.63
CA ASP D 67 -4.31 3.91 11.06
C ASP D 67 -3.24 3.65 12.12
N PHE D 68 -2.84 4.70 12.84
CA PHE D 68 -1.86 4.55 13.91
C PHE D 68 -1.86 5.79 14.79
N MET D 69 -2.16 5.61 16.07
CA MET D 69 -2.07 6.67 17.06
C MET D 69 -0.97 6.29 18.03
N GLU D 70 0.18 6.95 17.91
CA GLU D 70 1.36 6.56 18.67
C GLU D 70 1.17 6.75 20.17
N ARG D 71 0.13 7.46 20.60
CA ARG D 71 -0.19 7.55 22.02
C ARG D 71 -0.93 6.32 22.53
N ARG D 72 -1.46 5.49 21.64
CA ARG D 72 -2.16 4.27 22.01
C ARG D 72 -1.50 3.01 21.49
N ASP D 73 -1.21 2.95 20.18
CA ASP D 73 -0.69 1.76 19.54
C ASP D 73 0.83 1.72 19.48
N GLY D 74 1.50 2.61 20.20
CA GLY D 74 2.94 2.73 20.05
C GLY D 74 3.67 1.50 20.54
N CYS D 75 4.84 1.26 19.95
CA CYS D 75 5.70 0.17 20.38
C CYS D 75 6.36 0.44 21.72
N SER D 76 6.28 1.66 22.24
CA SER D 76 6.90 2.01 23.49
C SER D 76 5.92 2.09 24.65
N ARG D 77 4.62 2.13 24.37
CA ARG D 77 3.59 2.18 25.41
C ARG D 77 2.94 0.81 25.54
N ILE D 78 3.48 0.01 26.45
CA ILE D 78 3.02 -1.35 26.69
C ILE D 78 2.19 -1.36 27.96
N ASN D 79 1.01 -1.96 27.88
CA ASN D 79 0.11 -2.07 29.02
C ASN D 79 0.00 -3.53 29.39
N LYS D 80 0.82 -3.96 30.33
CA LYS D 80 0.81 -5.32 30.83
C LYS D 80 -0.14 -5.50 32.00
N THR D 81 -0.85 -4.45 32.41
CA THR D 81 -1.77 -4.51 33.53
C THR D 81 -2.99 -3.67 33.18
N SER D 82 -4.07 -3.90 33.91
CA SER D 82 -5.29 -3.14 33.62
C SER D 82 -5.28 -1.75 34.24
N ILE D 83 -4.14 -1.19 34.62
CA ILE D 83 -4.08 0.11 35.26
C ILE D 83 -3.46 1.07 34.26
N TYR D 84 -4.32 1.70 33.47
CA TYR D 84 -3.93 2.57 32.39
C TYR D 84 -3.63 3.98 32.92
N GLY D 85 -2.98 4.78 32.10
CA GLY D 85 -2.69 6.15 32.50
C GLY D 85 -3.26 7.17 31.53
N LEU D 86 -4.27 7.90 31.96
CA LEU D 86 -4.99 8.76 31.04
C LEU D 86 -4.27 10.09 30.85
N SER D 87 -4.51 10.71 29.69
CA SER D 87 -3.90 11.98 29.32
C SER D 87 -5.02 12.97 29.03
N VAL D 88 -5.40 13.75 30.04
CA VAL D 88 -6.50 14.70 29.92
C VAL D 88 -5.98 16.10 30.21
N GLY D 89 -6.28 17.04 29.31
CA GLY D 89 -5.93 18.44 29.51
C GLY D 89 -4.43 18.70 29.56
N GLY D 90 -3.66 18.04 28.70
CA GLY D 90 -2.23 18.21 28.71
C GLY D 90 -1.56 17.65 29.96
N GLU D 91 -2.30 16.92 30.78
CA GLU D 91 -1.77 16.32 31.99
C GLU D 91 -2.00 14.82 31.94
N GLU D 92 -0.98 14.06 32.32
CA GLU D 92 -1.08 12.60 32.34
C GLU D 92 -1.72 12.17 33.65
N LEU D 93 -3.02 11.86 33.60
CA LEU D 93 -3.74 11.39 34.77
C LEU D 93 -3.24 9.98 35.11
N TRP D 94 -3.05 9.73 36.39
CA TRP D 94 -2.47 8.46 36.78
C TRP D 94 -2.76 8.18 38.26
N PRO D 95 -3.19 6.97 38.61
CA PRO D 95 -3.54 5.84 37.76
C PRO D 95 -5.04 5.69 37.52
N VAL D 96 -5.43 5.22 36.35
CA VAL D 96 -6.83 5.03 35.98
C VAL D 96 -7.05 3.55 35.68
N ILE D 97 -8.07 2.98 36.27
CA ILE D 97 -8.37 1.56 36.18
C ILE D 97 -9.59 1.34 35.30
N ALA D 98 -9.63 0.21 34.61
CA ALA D 98 -10.78 -0.12 33.76
C ALA D 98 -10.76 -1.61 33.38
N PHE D 99 -11.95 -2.16 33.15
CA PHE D 99 -12.08 -3.45 32.51
C PHE D 99 -13.48 -3.58 31.93
N LEU D 100 -13.64 -4.52 31.00
CA LEU D 100 -14.88 -4.70 30.24
C LEU D 100 -15.37 -6.14 30.32
N ARG D 101 -16.68 -6.31 30.40
CA ARG D 101 -17.30 -7.64 30.40
C ARG D 101 -18.79 -7.48 30.14
N ASP D 102 -19.28 -8.13 29.08
CA ASP D 102 -20.71 -8.14 28.72
C ASP D 102 -21.24 -6.72 28.53
N SER D 103 -20.44 -5.89 27.88
CA SER D 103 -20.80 -4.50 27.56
C SER D 103 -21.16 -3.72 28.83
N MET D 104 -20.19 -3.63 29.73
CA MET D 104 -20.34 -2.84 30.95
C MET D 104 -18.95 -2.49 31.46
N ILE D 105 -18.57 -1.22 31.36
CA ILE D 105 -17.25 -0.76 31.75
C ILE D 105 -17.27 -0.37 33.22
N TYR D 106 -16.15 -0.51 33.88
CA TYR D 106 -16.00 -0.19 35.29
C TYR D 106 -14.68 0.52 35.49
N ALA D 107 -14.67 1.62 36.24
CA ALA D 107 -13.48 2.47 36.29
C ALA D 107 -13.37 3.16 37.63
N SER D 108 -12.17 3.66 37.93
CA SER D 108 -11.88 4.37 39.16
C SER D 108 -10.49 4.96 39.07
N VAL D 109 -10.28 6.06 39.79
CA VAL D 109 -8.96 6.66 39.93
C VAL D 109 -8.61 6.74 41.41
N PRO D 110 -7.64 5.95 41.87
CA PRO D 110 -7.33 5.93 43.30
C PRO D 110 -6.43 7.07 43.75
N LEU D 111 -6.00 7.02 45.02
CA LEU D 111 -5.11 8.01 45.57
C LEU D 111 -3.73 7.40 45.79
N VAL D 112 -2.70 8.14 45.42
CA VAL D 112 -1.32 7.80 45.71
C VAL D 112 -0.78 8.84 46.68
N GLU D 113 -0.19 8.39 47.77
CA GLU D 113 0.26 9.26 48.86
C GLU D 113 1.72 9.64 48.72
N GLN D 114 2.19 9.82 47.49
CA GLN D 114 3.56 10.27 47.24
C GLN D 114 3.59 10.96 45.89
N ALA D 115 4.66 11.70 45.65
CA ALA D 115 4.78 12.47 44.43
C ALA D 115 4.93 11.56 43.22
N LEU D 116 4.50 12.06 42.07
CA LEU D 116 4.49 11.29 40.83
C LEU D 116 5.66 11.60 39.91
N SER D 117 6.66 12.38 40.36
CA SER D 117 7.77 12.69 39.47
C SER D 117 8.49 11.43 39.00
N PRO D 118 8.87 10.49 39.88
CA PRO D 118 9.04 9.12 39.41
C PRO D 118 7.74 8.34 39.58
N ARG D 119 7.26 7.69 38.54
CA ARG D 119 6.04 6.90 38.64
C ARG D 119 6.26 5.76 39.61
N PRO D 120 5.63 5.77 40.80
CA PRO D 120 5.94 4.74 41.78
C PRO D 120 5.53 3.37 41.28
N PRO D 121 6.23 2.32 41.69
CA PRO D 121 5.85 0.98 41.24
C PRO D 121 4.45 0.62 41.73
N LEU D 122 3.71 -0.08 40.87
CA LEU D 122 2.35 -0.45 41.18
C LEU D 122 2.25 -1.54 42.21
N ILE D 123 3.38 -2.05 42.70
CA ILE D 123 3.38 -3.07 43.75
C ILE D 123 3.29 -2.38 45.10
N SER D 124 3.02 -1.07 45.10
CA SER D 124 2.99 -0.26 46.30
C SER D 124 1.69 0.50 46.53
N ILE D 125 1.05 1.01 45.47
CA ILE D 125 -0.16 1.80 45.62
C ILE D 125 -1.30 0.85 45.98
N SER D 126 -1.88 1.04 47.16
CA SER D 126 -3.01 0.22 47.57
C SER D 126 -4.26 0.55 46.73
N GLY D 127 -4.33 1.78 46.23
CA GLY D 127 -5.54 2.23 45.58
C GLY D 127 -5.88 1.46 44.33
N VAL D 128 -4.88 0.95 43.62
CA VAL D 128 -5.15 0.17 42.41
C VAL D 128 -5.93 -1.09 42.76
N SER D 129 -5.48 -1.82 43.78
CA SER D 129 -6.19 -2.99 44.24
C SER D 129 -7.58 -2.63 44.74
N GLN D 130 -7.69 -1.51 45.48
CA GLN D 130 -9.00 -1.14 46.01
C GLN D 130 -9.99 -0.80 44.90
N GLY D 131 -9.56 -0.03 43.91
CA GLY D 131 -10.43 0.30 42.79
C GLY D 131 -10.84 -0.92 42.00
N LEU D 132 -9.88 -1.80 41.70
CA LEU D 132 -10.19 -3.04 40.99
C LEU D 132 -11.21 -3.88 41.74
N GLU D 133 -11.04 -4.00 43.06
CA GLU D 133 -11.95 -4.87 43.80
C GLU D 133 -13.36 -4.29 43.84
N LEU D 134 -13.47 -2.97 44.03
CA LEU D 134 -14.80 -2.36 44.01
C LEU D 134 -15.46 -2.54 42.65
N LEU D 135 -14.70 -2.35 41.58
CA LEU D 135 -15.26 -2.51 40.24
C LEU D 135 -15.73 -3.93 40.00
N LEU D 136 -14.94 -4.92 40.47
CA LEU D 136 -15.35 -6.32 40.33
C LEU D 136 -16.61 -6.62 41.12
N GLY D 137 -16.72 -6.05 42.32
CA GLY D 137 -17.93 -6.25 43.11
C GLY D 137 -19.16 -5.69 42.40
N ILE D 138 -19.03 -4.50 41.82
CA ILE D 138 -20.13 -3.93 41.05
C ILE D 138 -20.48 -4.82 39.86
N GLN D 139 -19.45 -5.35 39.18
CA GLN D 139 -19.69 -6.21 38.02
C GLN D 139 -20.44 -7.48 38.43
N ASP D 140 -20.06 -8.07 39.55
CA ASP D 140 -20.78 -9.24 40.04
C ASP D 140 -22.21 -8.90 40.42
N PHE D 141 -22.43 -7.74 41.02
CA PHE D 141 -23.78 -7.38 41.45
C PHE D 141 -24.70 -7.15 40.25
N LEU D 142 -24.28 -6.33 39.29
CA LEU D 142 -25.19 -5.88 38.25
C LEU D 142 -25.64 -7.03 37.35
N TYR D 143 -24.73 -7.92 36.94
CA TYR D 143 -25.04 -9.01 36.03
C TYR D 143 -25.01 -10.36 36.74
N SER D 144 -25.52 -10.40 37.97
CA SER D 144 -25.51 -11.64 38.74
C SER D 144 -26.38 -12.70 38.08
N SER D 145 -27.56 -12.32 37.63
CA SER D 145 -28.49 -13.27 37.02
C SER D 145 -29.52 -12.56 36.15
N ASP D 151 -35.80 -7.35 36.19
CA ASP D 151 -34.57 -6.93 36.84
C ASP D 151 -33.66 -6.19 35.86
N LEU D 152 -34.26 -5.72 34.75
CA LEU D 152 -33.47 -5.05 33.73
C LEU D 152 -32.94 -3.70 34.21
N HIS D 153 -33.80 -2.88 34.79
CA HIS D 153 -33.42 -1.54 35.20
C HIS D 153 -33.59 -1.27 36.69
N THR D 154 -34.31 -2.13 37.42
CA THR D 154 -34.41 -1.92 38.87
C THR D 154 -33.10 -2.20 39.58
N LYS D 155 -32.13 -2.81 38.89
CA LYS D 155 -30.80 -2.99 39.46
C LYS D 155 -29.92 -1.77 39.19
N LEU D 156 -29.96 -1.23 37.97
CA LEU D 156 -29.16 -0.08 37.63
C LEU D 156 -29.73 1.23 38.17
N SER D 157 -31.01 1.27 38.53
CA SER D 157 -31.60 2.50 39.03
C SER D 157 -31.17 2.78 40.46
N GLN D 158 -31.11 1.75 41.29
CA GLN D 158 -30.84 1.92 42.71
C GLN D 158 -29.34 1.98 43.03
N LEU D 159 -28.48 1.91 42.01
CA LEU D 159 -27.04 1.91 42.25
C LEU D 159 -26.53 3.18 42.93
N PRO D 160 -26.89 4.40 42.49
CA PRO D 160 -26.42 5.58 43.22
C PRO D 160 -26.87 5.63 44.67
N ASP D 161 -28.08 5.17 44.97
CA ASP D 161 -28.50 5.05 46.35
C ASP D 161 -27.95 3.80 47.01
N LEU D 162 -27.25 2.95 46.25
CA LEU D 162 -26.68 1.72 46.77
C LEU D 162 -25.25 1.90 47.24
N LEU D 163 -24.37 2.43 46.40
CA LEU D 163 -22.96 2.49 46.77
C LEU D 163 -22.69 3.59 47.80
N LEU D 164 -23.54 4.60 47.89
CA LEU D 164 -23.35 5.63 48.89
C LEU D 164 -23.28 5.03 50.29
N GLN D 165 -24.07 3.98 50.54
CA GLN D 165 -24.00 3.31 51.83
C GLN D 165 -22.69 2.56 52.02
N ALA D 166 -21.94 2.32 50.95
CA ALA D 166 -20.71 1.55 51.00
C ALA D 166 -19.45 2.40 50.83
N CYS D 167 -19.49 3.43 49.99
CA CYS D 167 -18.36 4.33 49.78
C CYS D 167 -18.83 5.77 49.96
N PRO D 168 -19.02 6.22 51.20
CA PRO D 168 -19.58 7.55 51.44
C PRO D 168 -18.66 8.69 51.04
N LEU D 169 -17.41 8.67 51.50
CA LEU D 169 -16.51 9.82 51.38
C LEU D 169 -15.12 9.38 50.91
N GLY D 170 -15.06 8.56 49.87
CA GLY D 170 -13.81 8.22 49.23
C GLY D 170 -13.10 6.99 49.77
N THR D 171 -13.57 6.42 50.87
CA THR D 171 -12.99 5.22 51.46
C THR D 171 -14.04 4.12 51.47
N LEU D 172 -13.67 2.94 51.00
CA LEU D 172 -14.67 1.88 50.88
C LEU D 172 -14.97 1.31 52.25
N LEU D 173 -16.13 0.68 52.36
CA LEU D 173 -16.46 -0.12 53.52
C LEU D 173 -16.63 -1.59 53.17
N ASP D 174 -17.53 -1.91 52.24
CA ASP D 174 -17.76 -3.27 51.81
C ASP D 174 -17.88 -3.28 50.29
N ALA D 175 -17.34 -4.31 49.66
CA ALA D 175 -17.28 -4.40 48.20
C ALA D 175 -18.44 -5.20 47.61
N ASN D 176 -19.34 -5.71 48.43
CA ASN D 176 -20.49 -6.49 47.96
C ASN D 176 -21.69 -5.54 47.88
N LEU D 177 -22.10 -5.20 46.65
CA LEU D 177 -23.20 -4.25 46.48
C LEU D 177 -24.55 -4.86 46.86
N GLN D 178 -24.68 -6.18 46.75
CA GLN D 178 -25.86 -6.84 47.30
C GLN D 178 -26.02 -6.51 48.78
N ASN D 179 -24.90 -6.37 49.48
CA ASN D 179 -24.97 -6.00 50.89
C ASN D 179 -25.38 -4.55 51.08
N SER D 180 -25.00 -3.67 50.16
CA SER D 180 -25.51 -2.30 50.20
C SER D 180 -27.03 -2.30 50.01
N LEU D 181 -27.52 -3.11 49.08
CA LEU D 181 -28.97 -3.24 48.91
C LEU D 181 -29.64 -3.81 50.16
N ASN D 182 -29.01 -4.80 50.78
CA ASN D 182 -29.59 -5.40 51.98
C ASN D 182 -29.64 -4.40 53.13
N SER D 183 -28.61 -3.56 53.26
CA SER D 183 -28.54 -2.61 54.37
C SER D 183 -29.36 -1.34 54.12
N ILE D 184 -29.58 -0.96 52.86
CA ILE D 184 -30.34 0.25 52.58
C ILE D 184 -31.83 -0.03 52.62
N ASN D 185 -32.29 -1.03 51.89
CA ASN D 185 -33.71 -1.37 51.88
C ASN D 185 -34.16 -1.88 53.25
N SER D 186 -33.34 -2.70 53.89
CA SER D 186 -33.68 -3.32 55.17
C SER D 186 -32.72 -2.83 56.24
N VAL D 187 -33.26 -2.42 57.39
CA VAL D 187 -32.45 -1.97 58.50
C VAL D 187 -31.70 -3.16 59.10
N GLN D 191 -26.15 -5.60 65.98
CA GLN D 191 -24.94 -6.41 65.99
C GLN D 191 -24.08 -6.09 67.21
N PRO D 192 -24.48 -6.62 68.37
CA PRO D 192 -23.75 -6.34 69.61
C PRO D 192 -22.44 -7.11 69.76
N GLN D 193 -22.08 -7.93 68.78
CA GLN D 193 -20.83 -8.68 68.80
C GLN D 193 -20.05 -8.34 67.54
N LYS D 194 -18.89 -8.98 67.38
CA LYS D 194 -18.06 -8.73 66.21
C LYS D 194 -18.61 -9.46 65.00
N GLN D 195 -19.88 -9.24 64.69
CA GLN D 195 -20.48 -9.87 63.52
C GLN D 195 -19.81 -9.31 62.25
N PRO D 196 -19.55 -10.15 61.26
CA PRO D 196 -18.85 -9.69 60.06
C PRO D 196 -19.58 -8.53 59.39
N ALA D 197 -18.80 -7.57 58.91
CA ALA D 197 -19.38 -6.36 58.33
C ALA D 197 -19.97 -6.60 56.95
N TRP D 198 -19.95 -7.83 56.44
CA TRP D 198 -20.68 -8.13 55.22
C TRP D 198 -21.76 -9.17 55.48
N LYS D 199 -22.54 -8.98 56.54
CA LYS D 199 -23.68 -9.86 56.83
C LYS D 199 -24.80 -9.03 57.44
N VAL D 200 -25.95 -9.02 56.78
CA VAL D 200 -27.13 -8.33 57.30
C VAL D 200 -28.03 -9.33 58.03
N LYS D 206 -31.79 -24.95 60.46
CA LYS D 206 -32.13 -25.44 59.13
C LYS D 206 -30.98 -25.23 58.17
N ALA D 207 -29.95 -26.06 58.30
CA ALA D 207 -28.74 -25.92 57.49
C ALA D 207 -29.04 -26.35 56.06
N GLN D 208 -29.22 -25.37 55.18
CA GLN D 208 -29.44 -25.61 53.75
C GLN D 208 -28.27 -25.04 52.97
N ILE D 209 -27.66 -25.87 52.12
CA ILE D 209 -26.50 -25.50 51.34
C ILE D 209 -26.69 -26.02 49.92
N SER D 210 -26.45 -25.18 48.93
CA SER D 210 -26.62 -25.55 47.52
C SER D 210 -25.28 -25.49 46.81
N ILE D 211 -24.51 -26.57 46.90
CA ILE D 211 -23.18 -26.63 46.31
C ILE D 211 -23.32 -26.96 44.83
N SER D 212 -23.09 -25.97 43.98
CA SER D 212 -23.21 -26.12 42.53
C SER D 212 -21.82 -26.25 41.94
N ILE D 213 -21.28 -27.47 41.97
CA ILE D 213 -19.97 -27.72 41.38
C ILE D 213 -20.10 -27.75 39.86
N THR D 214 -19.07 -27.28 39.16
CA THR D 214 -19.12 -27.15 37.71
C THR D 214 -17.73 -27.35 37.14
N GLU D 215 -17.52 -28.48 36.48
CA GLU D 215 -16.22 -28.86 35.95
C GLU D 215 -16.29 -28.78 34.42
N THR D 216 -15.80 -27.69 33.85
CA THR D 216 -15.82 -27.51 32.41
C THR D 216 -14.59 -28.19 31.81
N VAL D 217 -14.82 -29.08 30.85
CA VAL D 217 -13.75 -29.86 30.23
C VAL D 217 -13.34 -29.16 28.94
N LYS D 218 -12.28 -28.37 29.01
CA LYS D 218 -11.65 -27.80 27.84
C LYS D 218 -10.45 -28.67 27.48
N CYS D 219 -10.35 -29.07 26.22
CA CYS D 219 -9.35 -30.04 25.80
C CYS D 219 -8.95 -29.79 24.35
N MET D 220 -7.75 -29.26 24.15
CA MET D 220 -7.13 -29.24 22.83
C MET D 220 -6.48 -30.60 22.64
N GLN D 221 -7.30 -31.59 22.30
CA GLN D 221 -6.87 -32.98 22.34
C GLN D 221 -5.72 -33.26 21.36
N TYR D 222 -5.66 -32.53 20.25
CA TYR D 222 -4.58 -32.67 19.29
C TYR D 222 -4.46 -34.11 18.81
N GLY D 223 -3.54 -34.87 19.40
CA GLY D 223 -3.40 -36.27 19.06
C GLY D 223 -2.16 -36.63 18.25
N LYS D 224 -1.05 -35.94 18.51
CA LYS D 224 0.19 -36.24 17.82
C LYS D 224 1.03 -37.18 18.69
N GLN D 225 2.24 -37.49 18.23
CA GLN D 225 3.11 -38.40 18.96
C GLN D 225 3.85 -37.69 20.09
N ASP D 226 4.69 -36.71 19.75
CA ASP D 226 5.40 -35.96 20.77
C ASP D 226 4.52 -34.94 21.45
N ILE D 227 3.61 -34.30 20.70
CA ILE D 227 2.70 -33.32 21.29
C ILE D 227 1.75 -34.04 22.24
N ALA D 228 1.61 -33.51 23.45
CA ALA D 228 0.70 -34.11 24.41
C ALA D 228 -0.74 -33.67 24.12
N ASP D 229 -1.67 -34.52 24.52
CA ASP D 229 -3.10 -34.23 24.40
C ASP D 229 -3.50 -33.33 25.56
N THR D 230 -3.79 -32.08 25.28
CA THR D 230 -3.97 -31.06 26.31
C THR D 230 -5.44 -30.99 26.72
N TRP D 231 -5.73 -31.46 27.92
CA TRP D 231 -7.03 -31.30 28.52
C TRP D 231 -6.87 -30.76 29.93
N GLN D 232 -7.77 -29.88 30.34
CA GLN D 232 -7.81 -29.50 31.73
C GLN D 232 -9.21 -29.04 32.10
N VAL D 233 -9.62 -29.40 33.30
CA VAL D 233 -10.98 -29.25 33.78
C VAL D 233 -11.00 -28.15 34.83
N ALA D 234 -11.82 -27.12 34.61
CA ALA D 234 -11.91 -25.99 35.53
C ALA D 234 -13.14 -26.16 36.42
N GLY D 235 -12.93 -26.23 37.73
CA GLY D 235 -14.01 -26.50 38.65
C GLY D 235 -14.11 -25.45 39.74
N THR D 236 -15.28 -25.41 40.38
CA THR D 236 -15.54 -24.49 41.47
C THR D 236 -16.64 -25.06 42.36
N VAL D 237 -16.73 -24.52 43.57
CA VAL D 237 -17.76 -24.91 44.53
C VAL D 237 -18.40 -23.64 45.06
N ALA D 238 -19.72 -23.52 44.89
CA ALA D 238 -20.48 -22.38 45.38
C ALA D 238 -21.41 -22.87 46.50
N CYS D 239 -21.10 -22.48 47.73
CA CYS D 239 -21.79 -22.98 48.91
C CYS D 239 -22.25 -21.81 49.77
N LYS D 240 -23.03 -22.11 50.80
CA LYS D 240 -23.53 -21.08 51.71
C LYS D 240 -23.97 -21.74 53.01
N CYS D 241 -23.37 -21.32 54.13
CA CYS D 241 -23.78 -21.79 55.45
C CYS D 241 -24.98 -20.97 55.94
N ASP D 242 -26.01 -20.92 55.10
CA ASP D 242 -27.21 -20.13 55.39
C ASP D 242 -28.06 -20.83 56.44
N LEU D 243 -27.52 -20.90 57.66
CA LEU D 243 -28.17 -21.53 58.79
C LEU D 243 -28.27 -20.53 59.93
N GLU D 244 -29.29 -20.71 60.76
CA GLU D 244 -29.53 -19.84 61.90
C GLU D 244 -28.56 -20.20 63.03
N GLY D 245 -28.78 -19.62 64.20
CA GLY D 245 -27.94 -19.88 65.35
C GLY D 245 -26.93 -18.78 65.57
N VAL D 246 -26.07 -19.01 66.56
CA VAL D 246 -25.03 -18.05 66.90
C VAL D 246 -23.78 -18.36 66.08
N MET D 247 -23.22 -19.55 66.27
CA MET D 247 -22.03 -20.00 65.53
C MET D 247 -22.23 -21.45 65.11
N PRO D 248 -23.14 -21.69 64.16
CA PRO D 248 -23.28 -23.06 63.65
C PRO D 248 -22.07 -23.47 62.84
N ALA D 249 -21.79 -24.77 62.85
CA ALA D 249 -20.62 -25.32 62.16
C ALA D 249 -21.09 -26.40 61.20
N VAL D 250 -20.96 -26.14 59.90
CA VAL D 250 -21.28 -27.14 58.89
C VAL D 250 -20.19 -27.12 57.81
N THR D 251 -19.21 -28.00 57.92
CA THR D 251 -18.19 -28.19 56.90
C THR D 251 -18.51 -29.50 56.17
N ILE D 252 -18.68 -29.41 54.85
CA ILE D 252 -19.19 -30.51 54.05
C ILE D 252 -18.01 -31.30 53.48
N SER D 253 -18.26 -32.59 53.21
CA SER D 253 -17.24 -33.48 52.67
C SER D 253 -17.61 -33.93 51.27
N LEU D 254 -16.63 -33.89 50.36
CA LEU D 254 -16.79 -34.33 48.97
C LEU D 254 -16.04 -35.64 48.81
N SER D 255 -16.74 -36.67 48.33
CA SER D 255 -16.20 -38.02 48.30
C SER D 255 -15.76 -38.38 46.89
N LEU D 256 -14.53 -37.97 46.55
CA LEU D 256 -13.85 -38.52 45.36
C LEU D 256 -13.42 -39.95 45.65
N PRO D 257 -13.62 -40.88 44.73
CA PRO D 257 -13.39 -42.30 45.01
C PRO D 257 -11.90 -42.63 44.96
N THR D 258 -11.60 -43.91 45.19
CA THR D 258 -10.22 -44.38 45.10
C THR D 258 -9.68 -44.21 43.69
N ASN D 259 -10.52 -44.46 42.68
CA ASN D 259 -10.12 -44.20 41.30
C ASN D 259 -9.87 -42.72 41.04
N GLY D 260 -10.52 -41.84 41.79
CA GLY D 260 -10.30 -40.42 41.62
C GLY D 260 -9.06 -39.93 42.36
N SER D 261 -8.46 -38.88 41.82
CA SER D 261 -7.28 -38.26 42.39
C SER D 261 -7.65 -37.36 43.56
N PRO D 262 -6.66 -36.95 44.38
CA PRO D 262 -6.95 -35.94 45.41
C PRO D 262 -7.28 -34.59 44.78
N LEU D 263 -7.53 -33.58 45.62
CA LEU D 263 -7.85 -32.26 45.11
C LEU D 263 -6.66 -31.67 44.37
N GLN D 264 -6.95 -30.82 43.38
CA GLN D 264 -5.92 -30.19 42.57
C GLN D 264 -6.27 -28.75 42.28
N ASP D 265 -5.26 -27.88 42.31
CA ASP D 265 -5.37 -26.48 41.92
C ASP D 265 -6.42 -25.75 42.76
N ILE D 266 -6.10 -25.61 44.05
CA ILE D 266 -7.01 -25.04 45.03
C ILE D 266 -6.68 -23.56 45.23
N ILE D 267 -7.68 -22.68 45.02
CA ILE D 267 -7.66 -21.32 45.52
C ILE D 267 -9.02 -21.01 46.12
N VAL D 268 -9.05 -20.01 47.01
CA VAL D 268 -10.21 -19.82 47.87
C VAL D 268 -10.82 -18.43 47.73
N HIS D 269 -11.87 -18.16 48.49
CA HIS D 269 -12.66 -16.94 48.46
C HIS D 269 -12.06 -15.89 49.38
N PRO D 270 -12.37 -14.60 49.14
CA PRO D 270 -11.96 -13.57 50.11
C PRO D 270 -12.45 -13.84 51.52
N CYS D 271 -13.67 -14.34 51.67
CA CYS D 271 -14.18 -14.65 53.00
C CYS D 271 -13.57 -15.92 53.56
N VAL D 272 -12.97 -16.75 52.71
CA VAL D 272 -12.39 -18.00 53.16
C VAL D 272 -11.20 -17.73 54.08
N THR D 273 -10.96 -18.64 55.01
CA THR D 273 -9.93 -18.42 56.02
C THR D 273 -8.53 -18.60 55.43
N SER D 274 -8.24 -19.78 54.90
CA SER D 274 -6.90 -20.09 54.45
C SER D 274 -6.95 -21.28 53.48
N LEU D 275 -5.79 -21.59 52.91
CA LEU D 275 -5.61 -22.77 52.08
C LEU D 275 -4.46 -23.60 52.65
N ASP D 276 -4.58 -24.91 52.53
CA ASP D 276 -3.59 -25.81 53.13
C ASP D 276 -2.25 -25.68 52.40
N SER D 277 -1.18 -26.06 53.10
CA SER D 277 0.16 -25.98 52.52
C SER D 277 0.29 -26.86 51.29
N ALA D 278 -0.51 -27.93 51.21
CA ALA D 278 -0.53 -28.73 49.99
C ALA D 278 -1.14 -27.94 48.83
N ILE D 279 -2.21 -27.19 49.10
CA ILE D 279 -2.83 -26.37 48.06
C ILE D 279 -1.83 -25.35 47.53
N LEU D 280 -1.00 -24.81 48.41
CA LEU D 280 0.10 -23.97 47.95
C LEU D 280 1.12 -24.78 47.17
N THR D 281 1.35 -26.03 47.58
CA THR D 281 2.33 -26.87 46.90
C THR D 281 1.77 -27.46 45.62
N SER D 282 0.61 -28.11 45.70
CA SER D 282 0.08 -28.84 44.55
C SER D 282 -0.44 -27.88 43.49
N SER D 283 0.48 -27.19 42.82
CA SER D 283 0.13 -26.27 41.75
C SER D 283 0.41 -26.91 40.40
N SER D 284 -0.19 -26.34 39.37
CA SER D 284 -0.01 -26.82 38.01
C SER D 284 1.20 -26.16 37.36
N SER D 291 -3.13 -31.71 52.39
CA SER D 291 -2.56 -33.03 52.18
C SER D 291 -3.23 -33.74 51.02
N ALA D 292 -2.46 -34.51 50.25
CA ALA D 292 -2.98 -35.26 49.11
C ALA D 292 -3.79 -36.45 49.63
N PHE D 293 -4.94 -36.13 50.21
CA PHE D 293 -5.83 -37.13 50.80
C PHE D 293 -7.25 -36.88 50.32
N SER D 294 -7.99 -37.97 50.10
CA SER D 294 -9.41 -37.88 49.76
C SER D 294 -10.24 -37.42 50.95
N GLY D 295 -9.66 -37.37 52.15
CA GLY D 295 -10.35 -36.92 53.33
C GLY D 295 -9.44 -36.92 54.54
N PRO D 296 -9.94 -36.43 55.67
CA PRO D 296 -11.26 -35.82 55.85
C PRO D 296 -11.22 -34.36 55.41
N TYR D 297 -12.11 -33.94 54.52
CA TYR D 297 -12.06 -32.59 53.97
C TYR D 297 -12.52 -31.61 55.04
N LYS D 298 -11.57 -31.07 55.79
CA LYS D 298 -11.84 -30.08 56.82
C LYS D 298 -11.52 -28.71 56.23
N PHE D 299 -12.57 -27.97 55.86
CA PHE D 299 -12.42 -26.66 55.22
C PHE D 299 -12.94 -25.56 56.13
N PRO D 300 -12.06 -24.83 56.81
CA PRO D 300 -12.53 -23.70 57.62
C PRO D 300 -13.20 -22.64 56.75
N PHE D 301 -14.24 -22.02 57.30
CA PHE D 301 -14.98 -20.99 56.60
C PHE D 301 -15.35 -19.90 57.60
N THR D 302 -16.18 -18.97 57.15
CA THR D 302 -16.83 -17.98 58.00
C THR D 302 -18.24 -17.79 57.47
N PRO D 303 -19.27 -18.21 58.20
CA PRO D 303 -20.63 -18.22 57.66
C PRO D 303 -21.01 -16.87 57.08
N PRO D 304 -21.23 -16.79 55.76
CA PRO D 304 -21.55 -15.51 55.14
C PRO D 304 -23.04 -15.30 54.95
N LEU D 305 -23.46 -14.03 54.81
CA LEU D 305 -24.69 -13.72 54.12
C LEU D 305 -24.52 -13.80 52.60
N GLU D 306 -23.27 -13.85 52.14
CA GLU D 306 -22.92 -14.13 50.76
C GLU D 306 -22.84 -15.65 50.58
N SER D 307 -22.25 -16.10 49.47
CA SER D 307 -22.09 -17.53 49.20
C SER D 307 -20.61 -17.88 49.28
N PHE D 308 -20.19 -18.42 50.42
CA PHE D 308 -18.77 -18.72 50.62
C PHE D 308 -18.33 -19.88 49.73
N ASN D 309 -17.14 -19.74 49.15
CA ASN D 309 -16.52 -20.80 48.36
C ASN D 309 -15.29 -21.25 49.13
N LEU D 310 -15.37 -22.43 49.74
CA LEU D 310 -14.26 -22.93 50.56
C LEU D 310 -13.01 -23.23 49.73
N CYS D 311 -13.16 -23.34 48.41
CA CYS D 311 -12.07 -23.57 47.47
C CYS D 311 -12.64 -23.60 46.06
N HIS D 312 -11.76 -23.40 45.09
CA HIS D 312 -12.03 -23.67 43.68
C HIS D 312 -10.99 -24.68 43.23
N TYR D 313 -11.43 -25.85 42.77
CA TYR D 313 -10.52 -26.94 42.44
C TYR D 313 -10.63 -27.35 40.99
N THR D 314 -9.47 -27.59 40.38
CA THR D 314 -9.36 -28.10 39.02
C THR D 314 -8.76 -29.50 39.10
N SER D 315 -9.62 -30.49 39.32
CA SER D 315 -9.15 -31.86 39.52
C SER D 315 -8.65 -32.45 38.21
N GLN D 316 -7.77 -33.44 38.33
CA GLN D 316 -7.20 -34.14 37.19
C GLN D 316 -7.64 -35.60 37.19
N VAL D 317 -7.88 -36.12 36.00
CA VAL D 317 -8.18 -37.54 35.78
C VAL D 317 -7.48 -37.94 34.49
N PRO D 318 -6.69 -39.02 34.50
CA PRO D 318 -5.88 -39.34 33.32
C PRO D 318 -6.70 -39.68 32.08
N VAL D 319 -7.95 -40.09 32.23
CA VAL D 319 -8.74 -40.60 31.12
C VAL D 319 -9.47 -39.44 30.46
N PRO D 320 -9.19 -39.12 29.20
CA PRO D 320 -10.02 -38.15 28.49
C PRO D 320 -11.42 -38.70 28.27
N PRO D 321 -12.43 -37.85 28.26
CA PRO D 321 -13.80 -38.35 28.12
C PRO D 321 -14.24 -38.54 26.68
N ILE D 322 -13.67 -37.77 25.75
CA ILE D 322 -14.06 -37.81 24.35
C ILE D 322 -12.82 -37.58 23.50
N LEU D 323 -12.69 -38.34 22.41
CA LEU D 323 -11.57 -38.22 21.50
C LEU D 323 -12.06 -37.98 20.09
N GLY D 324 -11.27 -37.27 19.29
CA GLY D 324 -11.75 -36.81 18.01
C GLY D 324 -10.63 -36.59 17.03
N SER D 325 -11.03 -36.33 15.78
CA SER D 325 -10.11 -36.18 14.67
C SER D 325 -10.80 -35.36 13.58
N TYR D 326 -10.01 -34.91 12.62
CA TYR D 326 -10.51 -34.04 11.57
C TYR D 326 -9.51 -33.94 10.42
N HIS D 327 -9.96 -34.23 9.21
CA HIS D 327 -9.17 -34.01 8.00
C HIS D 327 -10.00 -33.19 7.03
N MET D 328 -9.41 -32.15 6.46
CA MET D 328 -10.07 -31.34 5.44
C MET D 328 -9.11 -31.19 4.26
N LYS D 329 -9.11 -32.17 3.37
CA LYS D 329 -8.28 -32.11 2.17
C LYS D 329 -8.82 -31.03 1.25
N GLU D 330 -8.07 -29.94 1.11
CA GLU D 330 -8.53 -28.78 0.33
C GLU D 330 -8.41 -29.10 -1.16
N GLU D 331 -9.28 -29.99 -1.62
CA GLU D 331 -9.36 -30.36 -3.03
C GLU D 331 -10.21 -29.32 -3.76
N GLY D 332 -9.62 -28.14 -3.93
CA GLY D 332 -10.31 -27.04 -4.54
C GLY D 332 -11.34 -26.42 -3.61
N VAL D 333 -12.61 -26.67 -3.88
CA VAL D 333 -13.70 -26.17 -3.05
C VAL D 333 -14.40 -27.36 -2.42
N GLN D 334 -13.63 -28.41 -2.13
CA GLN D 334 -14.16 -29.64 -1.54
C GLN D 334 -13.57 -29.79 -0.15
N LEU D 335 -14.23 -29.18 0.83
CA LEU D 335 -13.80 -29.27 2.23
C LEU D 335 -14.34 -30.55 2.84
N LYS D 336 -13.80 -31.66 2.38
CA LYS D 336 -14.26 -32.96 2.84
C LYS D 336 -13.80 -33.20 4.27
N VAL D 337 -14.65 -32.86 5.23
CA VAL D 337 -14.26 -32.94 6.65
C VAL D 337 -14.55 -34.38 7.09
N THR D 338 -13.61 -35.26 6.82
CA THR D 338 -13.77 -36.65 7.20
C THR D 338 -13.57 -36.80 8.70
N VAL D 339 -14.53 -36.30 9.48
CA VAL D 339 -14.40 -36.33 10.93
C VAL D 339 -14.56 -37.75 11.45
N ASN D 340 -14.07 -37.96 12.66
CA ASN D 340 -14.11 -39.27 13.30
C ASN D 340 -13.95 -39.08 14.79
N PHE D 341 -14.97 -39.45 15.56
CA PHE D 341 -15.01 -39.22 16.99
C PHE D 341 -14.81 -40.53 17.74
N LYS D 342 -14.65 -40.41 19.05
CA LYS D 342 -14.40 -41.57 19.90
C LYS D 342 -14.90 -41.23 21.30
N LEU D 343 -16.05 -41.77 21.66
CA LEU D 343 -16.68 -41.50 22.95
C LEU D 343 -16.18 -42.53 23.95
N HIS D 344 -15.32 -42.10 24.87
CA HIS D 344 -14.79 -43.00 25.88
C HIS D 344 -15.93 -43.61 26.69
N GLU D 345 -15.77 -44.87 27.06
CA GLU D 345 -16.86 -45.62 27.70
C GLU D 345 -17.26 -45.03 29.05
N SER D 346 -16.40 -44.25 29.68
CA SER D 346 -16.74 -43.64 30.95
C SER D 346 -17.76 -42.52 30.81
N VAL D 347 -18.09 -42.11 29.59
CA VAL D 347 -19.05 -41.05 29.36
C VAL D 347 -20.43 -41.66 29.15
N ARG D 348 -21.40 -41.21 29.95
CA ARG D 348 -22.77 -41.70 29.81
C ARG D 348 -23.34 -41.29 28.46
N ASN D 349 -24.08 -42.20 27.83
CA ASN D 349 -24.58 -41.98 26.47
C ASN D 349 -25.94 -41.30 26.49
N ASN D 350 -25.95 -40.08 27.04
CA ASN D 350 -27.14 -39.22 26.98
C ASN D 350 -26.65 -37.77 27.11
N PHE D 351 -26.57 -37.07 25.98
CA PHE D 351 -26.06 -35.70 25.95
C PHE D 351 -27.22 -34.74 25.77
N GLU D 352 -27.30 -33.76 26.66
CA GLU D 352 -28.40 -32.80 26.58
C GLU D 352 -28.31 -31.97 25.31
N VAL D 353 -27.15 -31.36 25.05
CA VAL D 353 -26.89 -30.73 23.76
C VAL D 353 -25.46 -31.06 23.36
N CYS D 354 -25.28 -32.10 22.56
CA CYS D 354 -23.97 -32.40 21.98
C CYS D 354 -23.83 -31.81 20.58
N GLU D 355 -24.11 -30.53 20.43
CA GLU D 355 -24.02 -29.87 19.12
C GLU D 355 -22.55 -29.77 18.74
N ALA D 356 -22.12 -30.64 17.83
CA ALA D 356 -20.75 -30.62 17.33
C ALA D 356 -20.63 -29.59 16.21
N HIS D 357 -20.91 -28.35 16.58
CA HIS D 357 -20.83 -27.23 15.65
C HIS D 357 -19.48 -27.24 14.93
N ILE D 358 -19.52 -26.98 13.63
CA ILE D 358 -18.33 -26.99 12.80
C ILE D 358 -18.25 -25.65 12.07
N PRO D 359 -17.76 -24.60 12.72
CA PRO D 359 -17.62 -23.32 12.04
C PRO D 359 -16.62 -23.42 10.90
N PHE D 360 -16.76 -22.54 9.94
CA PHE D 360 -15.98 -22.61 8.70
C PHE D 360 -15.29 -21.29 8.45
N TYR D 361 -14.55 -20.83 9.47
CA TYR D 361 -13.71 -19.64 9.33
C TYR D 361 -12.89 -19.71 8.05
N ASN D 362 -12.71 -18.55 7.42
CA ASN D 362 -11.86 -18.38 6.24
C ASN D 362 -12.33 -19.20 5.04
N ARG D 363 -13.58 -19.67 5.06
CA ARG D 363 -14.14 -20.39 3.93
C ARG D 363 -15.56 -19.89 3.67
N ILE D 366 -21.84 -22.81 3.52
CA ILE D 366 -21.87 -23.91 2.58
C ILE D 366 -22.96 -23.72 1.52
N THR D 367 -22.54 -23.47 0.29
CA THR D 367 -23.51 -23.28 -0.80
C THR D 367 -24.15 -24.60 -1.20
N HIS D 368 -23.36 -25.65 -1.34
CA HIS D 368 -23.84 -26.95 -1.80
C HIS D 368 -23.49 -28.00 -0.76
N LEU D 369 -24.41 -28.23 0.18
CA LEU D 369 -24.19 -29.21 1.23
C LEU D 369 -24.28 -30.63 0.68
N GLU D 370 -23.32 -31.02 -0.14
CA GLU D 370 -23.29 -32.38 -0.69
C GLU D 370 -22.74 -33.35 0.35
N TYR D 371 -23.39 -33.34 1.51
CA TYR D 371 -22.86 -34.04 2.67
C TYR D 371 -23.28 -35.51 2.66
N LYS D 372 -22.60 -36.29 3.49
CA LYS D 372 -22.99 -37.66 3.81
C LYS D 372 -22.95 -37.78 5.33
N ALA D 373 -24.06 -37.41 5.98
CA ALA D 373 -24.13 -37.43 7.42
C ALA D 373 -24.43 -38.83 7.92
N SER D 374 -23.55 -39.38 8.76
CA SER D 374 -23.79 -40.71 9.31
C SER D 374 -24.92 -40.69 10.33
N PHE D 375 -24.98 -39.66 11.16
CA PHE D 375 -26.03 -39.55 12.18
C PHE D 375 -26.35 -38.10 12.44
N GLY D 376 -27.63 -37.80 12.61
CA GLY D 376 -28.07 -36.45 12.88
C GLY D 376 -27.99 -35.53 11.68
N GLN D 377 -28.86 -34.53 11.64
CA GLN D 377 -28.87 -33.61 10.52
C GLN D 377 -27.67 -32.68 10.56
N LEU D 378 -27.19 -32.31 9.37
CA LEU D 378 -26.16 -31.28 9.23
C LEU D 378 -26.84 -30.09 8.56
N GLU D 379 -27.51 -29.28 9.38
CA GLU D 379 -28.33 -28.19 8.89
C GLU D 379 -27.44 -26.99 8.62
N VAL D 380 -27.16 -26.72 7.35
CA VAL D 380 -26.49 -25.47 6.99
C VAL D 380 -27.37 -24.31 7.44
N PHE D 381 -26.79 -23.39 8.20
CA PHE D 381 -27.59 -22.30 8.71
C PHE D 381 -27.79 -21.23 7.64
N ARG D 382 -28.81 -20.39 7.87
CA ARG D 382 -29.35 -19.51 6.83
C ARG D 382 -28.27 -18.62 6.22
N GLU D 383 -27.24 -18.28 6.99
CA GLU D 383 -26.15 -17.49 6.44
C GLU D 383 -25.36 -18.28 5.39
N LYS D 384 -25.45 -19.60 5.41
CA LYS D 384 -24.67 -20.46 4.51
C LYS D 384 -23.18 -20.16 4.64
N SER D 385 -22.75 -19.90 5.87
CA SER D 385 -21.36 -19.60 6.19
C SER D 385 -20.72 -20.63 7.11
N LEU D 386 -21.47 -21.15 8.08
CA LEU D 386 -20.96 -22.16 8.99
C LEU D 386 -22.07 -23.16 9.25
N LEU D 387 -21.92 -24.38 8.75
CA LEU D 387 -22.94 -25.41 8.86
C LEU D 387 -22.84 -26.10 10.21
N VAL D 388 -23.65 -25.66 11.16
CA VAL D 388 -23.61 -26.25 12.49
C VAL D 388 -24.26 -27.63 12.42
N TRP D 389 -23.43 -28.66 12.29
CA TRP D 389 -23.92 -30.02 12.19
C TRP D 389 -24.39 -30.49 13.56
N ILE D 390 -25.69 -30.39 13.80
CA ILE D 390 -26.25 -30.81 15.08
C ILE D 390 -26.26 -32.33 15.13
N ILE D 391 -25.28 -32.91 15.84
CA ILE D 391 -25.33 -34.33 16.14
C ILE D 391 -26.56 -34.67 16.95
N GLY D 392 -27.03 -33.74 17.78
CA GLY D 392 -28.30 -33.92 18.45
C GLY D 392 -28.19 -34.25 19.92
N GLN D 393 -28.50 -35.50 20.27
CA GLN D 393 -28.59 -35.90 21.66
C GLN D 393 -27.72 -37.08 22.01
N LYS D 394 -27.48 -38.00 21.09
CA LYS D 394 -26.70 -39.20 21.38
C LYS D 394 -25.97 -39.65 20.12
N PHE D 395 -24.76 -40.16 20.32
CA PHE D 395 -23.99 -40.70 19.22
C PHE D 395 -24.51 -42.08 18.83
N PRO D 396 -24.34 -42.46 17.57
CA PRO D 396 -24.74 -43.81 17.13
C PRO D 396 -24.05 -44.92 17.92
N LYS D 397 -24.46 -46.16 17.68
CA LYS D 397 -23.77 -47.30 18.27
C LYS D 397 -22.34 -47.42 17.74
N SER D 398 -22.05 -46.80 16.60
CA SER D 398 -20.70 -46.81 16.03
C SER D 398 -19.77 -45.79 16.66
N MET D 399 -20.31 -44.83 17.42
CA MET D 399 -19.52 -43.79 18.08
C MET D 399 -18.63 -43.05 17.07
N GLU D 400 -19.20 -42.75 15.90
CA GLU D 400 -18.45 -42.06 14.87
C GLU D 400 -19.41 -41.39 13.91
N ILE D 401 -19.27 -40.08 13.75
CA ILE D 401 -19.94 -39.36 12.69
C ILE D 401 -18.93 -39.13 11.57
N SER D 402 -19.42 -38.67 10.42
CA SER D 402 -18.54 -38.38 9.29
C SER D 402 -19.24 -37.38 8.38
N LEU D 403 -18.44 -36.70 7.57
CA LEU D 403 -18.99 -35.72 6.63
C LEU D 403 -18.06 -35.62 5.44
N SER D 404 -18.36 -36.37 4.38
CA SER D 404 -17.64 -36.24 3.12
C SER D 404 -18.43 -35.31 2.20
N GLY D 405 -18.56 -34.07 2.65
CA GLY D 405 -19.37 -33.09 1.98
C GLY D 405 -18.61 -32.34 0.91
N THR D 406 -19.14 -32.36 -0.31
CA THR D 406 -18.60 -31.56 -1.41
C THR D 406 -19.19 -30.15 -1.30
N LEU D 407 -18.66 -29.39 -0.33
CA LEU D 407 -19.17 -28.08 0.00
C LEU D 407 -18.73 -27.09 -1.09
N THR D 408 -19.47 -27.09 -2.19
CA THR D 408 -19.13 -26.24 -3.32
C THR D 408 -19.45 -24.78 -3.01
N PHE D 409 -18.60 -24.15 -2.19
CA PHE D 409 -18.81 -22.76 -1.84
C PHE D 409 -18.72 -21.88 -3.08
N GLY D 410 -19.53 -20.82 -3.09
CA GLY D 410 -19.62 -19.95 -4.24
C GLY D 410 -18.51 -18.92 -4.28
N VAL D 411 -18.88 -17.65 -4.47
CA VAL D 411 -17.88 -16.59 -4.47
C VAL D 411 -17.14 -16.60 -3.13
N LYS D 412 -15.81 -16.57 -3.19
CA LYS D 412 -14.99 -16.73 -2.01
C LYS D 412 -15.22 -15.60 -1.01
N GLY D 413 -15.86 -15.91 0.11
CA GLY D 413 -15.99 -14.94 1.18
C GLY D 413 -14.66 -14.71 1.86
N HIS D 414 -14.13 -13.50 1.74
CA HIS D 414 -12.86 -13.15 2.37
C HIS D 414 -13.02 -12.41 3.68
N ASN D 415 -14.12 -11.67 3.84
CA ASN D 415 -14.40 -10.95 5.08
C ASN D 415 -15.76 -11.26 5.68
N LYS D 416 -16.72 -11.76 4.89
CA LYS D 416 -18.04 -12.06 5.43
C LYS D 416 -17.98 -13.20 6.43
N GLN D 417 -17.20 -14.24 6.14
CA GLN D 417 -17.13 -15.39 7.01
C GLN D 417 -16.50 -15.00 8.34
N PRO D 418 -16.80 -15.72 9.41
CA PRO D 418 -16.18 -15.42 10.71
C PRO D 418 -14.66 -15.56 10.62
N PHE D 419 -13.96 -14.44 10.79
CA PHE D 419 -12.51 -14.41 10.68
C PHE D 419 -11.90 -14.77 12.03
N ASP D 420 -11.47 -16.02 12.17
CA ASP D 420 -10.81 -16.48 13.38
C ASP D 420 -9.37 -16.82 13.02
N HIS D 421 -8.42 -16.11 13.66
CA HIS D 421 -7.01 -16.28 13.30
C HIS D 421 -6.43 -17.58 13.80
N ILE D 422 -7.09 -18.23 14.75
CA ILE D 422 -6.58 -19.49 15.31
C ILE D 422 -7.00 -20.63 14.40
N CYS D 423 -7.55 -20.29 13.23
CA CYS D 423 -8.02 -21.27 12.25
C CYS D 423 -7.67 -20.74 10.87
N ILE D 424 -6.52 -21.16 10.35
CA ILE D 424 -6.02 -20.69 9.06
C ILE D 424 -5.70 -21.91 8.20
N GLY D 425 -6.16 -21.89 6.95
CA GLY D 425 -5.85 -22.97 6.02
C GLY D 425 -6.57 -24.26 6.39
N ASN D 426 -5.86 -25.37 6.25
CA ASN D 426 -6.37 -26.69 6.60
C ASN D 426 -6.40 -26.93 8.08
N THR D 427 -6.00 -25.92 8.84
CA THR D 427 -6.02 -25.95 10.30
C THR D 427 -7.36 -25.44 10.78
N ALA D 428 -8.04 -26.26 11.58
CA ALA D 428 -9.24 -25.88 12.30
C ALA D 428 -9.56 -27.02 13.25
N TYR D 429 -10.64 -26.85 14.01
CA TYR D 429 -11.11 -27.91 14.87
C TYR D 429 -12.62 -27.76 15.02
N ILE D 430 -13.26 -28.86 15.36
CA ILE D 430 -14.70 -28.84 15.54
C ILE D 430 -15.01 -28.21 16.88
N LYS D 431 -15.88 -27.21 16.88
CA LYS D 431 -16.32 -26.57 18.11
C LYS D 431 -17.51 -27.34 18.65
N LEU D 432 -17.24 -28.37 19.44
CA LEU D 432 -18.31 -29.15 20.05
C LEU D 432 -18.81 -28.43 21.30
N ASN D 433 -19.99 -27.82 21.22
CA ASN D 433 -20.56 -27.14 22.38
C ASN D 433 -21.33 -28.09 23.27
N PHE D 434 -20.71 -29.21 23.65
CA PHE D 434 -21.44 -30.30 24.29
C PHE D 434 -21.57 -30.07 25.79
N ARG D 435 -22.71 -30.47 26.34
CA ARG D 435 -23.02 -30.33 27.75
C ARG D 435 -23.51 -31.67 28.28
N ILE D 436 -23.51 -31.80 29.60
CA ILE D 436 -23.95 -33.00 30.28
C ILE D 436 -24.40 -32.62 31.68
N ALA D 437 -25.53 -33.18 32.12
CA ALA D 437 -26.06 -32.92 33.46
C ALA D 437 -25.61 -34.00 34.42
N ASP D 438 -24.87 -33.59 35.45
CA ASP D 438 -24.48 -34.45 36.57
C ASP D 438 -23.51 -35.55 36.14
N TYR D 439 -22.68 -35.28 35.14
CA TYR D 439 -21.56 -36.17 34.83
C TYR D 439 -20.42 -35.31 34.29
N THR D 440 -19.37 -35.17 35.08
CA THR D 440 -18.19 -34.39 34.73
C THR D 440 -16.97 -35.33 34.65
N LEU D 441 -15.79 -34.75 34.49
CA LEU D 441 -14.57 -35.51 34.30
C LEU D 441 -13.74 -35.64 35.57
N THR D 442 -14.30 -35.31 36.73
CA THR D 442 -13.54 -35.29 37.97
C THR D 442 -14.00 -36.36 38.95
N GLY D 443 -15.28 -36.38 39.31
CA GLY D 443 -15.78 -37.37 40.22
C GLY D 443 -16.28 -36.80 41.54
N CYS D 444 -16.73 -35.54 41.50
CA CYS D 444 -17.24 -34.91 42.72
C CYS D 444 -18.46 -35.63 43.24
N TYR D 445 -18.51 -35.84 44.55
CA TYR D 445 -19.67 -36.44 45.19
C TYR D 445 -19.67 -35.99 46.65
N ALA D 446 -20.50 -35.00 46.96
CA ALA D 446 -20.57 -34.48 48.32
C ALA D 446 -21.21 -35.49 49.26
N ASP D 447 -20.62 -35.63 50.44
CA ASP D 447 -21.08 -36.58 51.45
C ASP D 447 -21.57 -35.83 52.68
N GLN D 448 -22.57 -36.41 53.35
CA GLN D 448 -23.21 -35.78 54.49
C GLN D 448 -23.18 -36.61 55.77
N HIS D 449 -23.03 -37.93 55.67
CA HIS D 449 -23.06 -38.76 56.86
C HIS D 449 -21.83 -38.60 57.74
N SER D 450 -20.76 -38.00 57.21
CA SER D 450 -19.52 -37.81 57.96
C SER D 450 -19.39 -36.41 58.52
N VAL D 451 -20.48 -35.80 58.95
CA VAL D 451 -20.45 -34.43 59.44
C VAL D 451 -19.82 -34.42 60.83
N GLN D 452 -18.71 -33.68 60.95
CA GLN D 452 -18.04 -33.48 62.23
C GLN D 452 -17.91 -31.98 62.48
N VAL D 453 -18.41 -31.53 63.63
CA VAL D 453 -18.48 -30.10 63.92
C VAL D 453 -18.59 -29.91 65.42
N PHE D 454 -18.30 -28.70 65.88
CA PHE D 454 -18.48 -28.30 67.26
C PHE D 454 -19.87 -27.73 67.53
N ALA D 455 -20.85 -28.08 66.70
CA ALA D 455 -22.23 -27.63 66.85
C ALA D 455 -23.15 -28.76 66.42
N SER D 456 -24.45 -28.45 66.33
CA SER D 456 -25.45 -29.44 65.95
C SER D 456 -26.38 -28.85 64.90
N GLY D 457 -26.81 -29.70 63.97
CA GLY D 457 -27.74 -29.25 62.95
C GLY D 457 -27.92 -30.33 61.90
N LYS D 458 -28.84 -30.06 60.97
CA LYS D 458 -29.15 -30.98 59.88
C LYS D 458 -28.73 -30.37 58.55
N PRO D 459 -27.62 -30.80 57.96
CA PRO D 459 -27.19 -30.21 56.68
C PRO D 459 -28.02 -30.71 55.51
N LYS D 460 -28.65 -29.78 54.81
CA LYS D 460 -29.41 -30.09 53.60
C LYS D 460 -28.55 -29.77 52.36
N ILE D 461 -27.53 -30.62 52.16
CA ILE D 461 -26.51 -30.34 51.16
C ILE D 461 -26.99 -30.74 49.78
N SER D 462 -27.64 -29.81 49.08
CA SER D 462 -28.14 -30.06 47.74
C SER D 462 -26.99 -29.96 46.75
N ALA D 463 -26.16 -31.00 46.70
CA ALA D 463 -25.02 -31.03 45.81
C ALA D 463 -25.48 -31.13 44.36
N TYR D 464 -24.52 -31.04 43.44
CA TYR D 464 -24.81 -31.08 42.01
C TYR D 464 -23.50 -31.27 41.26
N ARG D 465 -23.57 -31.14 39.94
CA ARG D 465 -22.42 -31.15 39.05
C ARG D 465 -22.90 -30.65 37.69
N LYS D 466 -22.03 -30.75 36.69
CA LYS D 466 -22.34 -30.40 35.31
C LYS D 466 -21.11 -30.67 34.47
N LEU D 467 -21.25 -30.48 33.17
CA LEU D 467 -20.16 -30.53 32.21
C LEU D 467 -20.48 -29.52 31.13
N ILE D 468 -19.49 -28.75 30.70
CA ILE D 468 -19.68 -27.76 29.67
C ILE D 468 -18.47 -27.84 28.74
N SER D 469 -18.67 -27.40 27.51
CA SER D 469 -17.57 -27.28 26.56
C SER D 469 -16.95 -25.91 26.73
N SER D 470 -16.03 -25.79 27.68
CA SER D 470 -15.29 -24.55 27.84
C SER D 470 -14.49 -24.25 26.57
N ASP D 471 -13.53 -25.11 26.26
CA ASP D 471 -12.86 -25.04 24.95
C ASP D 471 -12.50 -26.48 24.56
N TYR D 472 -13.43 -27.13 23.87
CA TYR D 472 -13.23 -28.50 23.39
C TYR D 472 -13.07 -28.40 21.88
N TYR D 473 -11.85 -28.12 21.46
CA TYR D 473 -11.49 -28.16 20.06
C TYR D 473 -10.87 -29.54 19.80
N ILE D 474 -11.58 -30.40 19.08
CA ILE D 474 -10.98 -31.64 18.65
C ILE D 474 -10.02 -31.24 17.53
N TRP D 475 -8.75 -31.04 17.88
CA TRP D 475 -7.83 -30.38 16.97
C TRP D 475 -7.45 -31.31 15.82
N ASN D 476 -7.57 -30.79 14.59
CA ASN D 476 -7.26 -31.57 13.41
C ASN D 476 -5.81 -32.01 13.43
N SER D 477 -5.60 -33.33 13.45
CA SER D 477 -4.24 -33.86 13.40
C SER D 477 -3.71 -33.92 11.97
N LYS D 478 -4.51 -33.52 11.00
CA LYS D 478 -4.04 -33.35 9.63
C LYS D 478 -3.62 -31.92 9.32
N ALA D 479 -3.21 -31.17 10.34
CA ALA D 479 -2.84 -29.77 10.16
C ALA D 479 -2.17 -29.29 11.45
N PRO D 480 -1.34 -28.26 11.36
CA PRO D 480 -0.72 -27.70 12.57
C PRO D 480 -1.74 -27.07 13.50
N ALA D 481 -1.41 -27.10 14.79
CA ALA D 481 -2.23 -26.51 15.82
C ALA D 481 -1.34 -25.70 16.77
N PRO D 482 -1.82 -24.56 17.26
CA PRO D 482 -1.11 -23.88 18.34
C PRO D 482 -0.89 -24.78 19.55
N VAL D 483 0.27 -24.63 20.17
CA VAL D 483 0.73 -25.49 21.24
C VAL D 483 1.23 -24.65 22.40
N THR D 484 0.93 -25.09 23.61
CA THR D 484 1.40 -24.46 24.84
C THR D 484 2.84 -24.89 25.12
N TYR D 485 3.32 -24.61 26.32
CA TYR D 485 4.74 -24.83 26.64
C TYR D 485 5.02 -26.30 26.94
N ALA D 486 4.40 -26.84 27.98
CA ALA D 486 4.74 -28.19 28.43
C ALA D 486 4.26 -29.27 27.48
N SER D 487 3.35 -28.93 26.55
CA SER D 487 2.83 -29.94 25.64
C SER D 487 3.93 -30.53 24.77
N LEU D 488 4.84 -29.70 24.28
CA LEU D 488 6.00 -30.20 23.55
C LEU D 488 7.07 -30.76 24.48
N LEU D 489 7.01 -30.44 25.78
CA LEU D 489 8.03 -30.88 26.73
C LEU D 489 7.84 -32.36 27.04
N PRO D 490 8.88 -33.19 26.88
CA PRO D 490 8.81 -34.63 27.15
C PRO D 490 8.78 -34.95 28.64
N MET E 22 32.24 35.03 -23.50
CA MET E 22 32.71 35.56 -22.23
C MET E 22 33.37 34.46 -21.39
N GLY E 23 34.57 34.06 -21.80
CA GLY E 23 35.25 32.95 -21.15
C GLY E 23 36.67 33.25 -20.74
N ARG E 24 36.91 34.47 -20.26
CA ARG E 24 38.27 34.94 -20.03
C ARG E 24 39.02 34.09 -19.01
N VAL E 25 38.62 34.14 -17.75
CA VAL E 25 39.29 33.39 -16.69
C VAL E 25 38.44 33.44 -15.44
N LEU E 26 38.71 32.53 -14.51
CA LEU E 26 38.36 32.68 -13.10
C LEU E 26 39.58 32.29 -12.27
N PRO E 27 40.76 32.83 -12.62
CA PRO E 27 42.06 32.23 -12.20
C PRO E 27 42.43 32.40 -10.73
N MET E 28 41.93 31.48 -9.91
CA MET E 28 42.19 31.49 -8.48
C MET E 28 43.57 30.92 -8.17
N LEU E 29 43.93 30.90 -6.88
CA LEU E 29 45.23 30.42 -6.43
C LEU E 29 45.15 30.04 -4.96
N LEU E 30 45.21 28.74 -4.67
CA LEU E 30 45.05 28.24 -3.31
C LEU E 30 46.36 27.84 -2.64
N VAL E 31 47.49 28.14 -3.26
CA VAL E 31 48.81 27.95 -2.65
C VAL E 31 49.85 28.63 -3.55
N PRO E 32 50.83 29.33 -2.99
CA PRO E 32 51.80 30.05 -3.83
C PRO E 32 53.06 29.24 -4.10
N VAL E 33 53.74 29.60 -5.18
CA VAL E 33 55.02 28.97 -5.53
C VAL E 33 55.87 29.95 -6.33
N PRO E 34 57.04 30.34 -5.83
CA PRO E 34 57.84 31.37 -6.51
C PRO E 34 58.44 30.87 -7.81
N ALA E 35 58.78 31.84 -8.67
CA ALA E 35 59.38 31.54 -9.96
C ALA E 35 60.81 31.04 -9.85
N GLU E 36 61.41 31.10 -8.65
CA GLU E 36 62.73 30.52 -8.46
C GLU E 36 62.72 29.02 -8.73
N ALA E 37 61.70 28.32 -8.24
CA ALA E 37 61.57 26.89 -8.54
C ALA E 37 61.05 26.65 -9.95
N MET E 38 60.16 27.53 -10.43
CA MET E 38 59.66 27.39 -11.80
C MET E 38 60.77 27.55 -12.83
N GLY E 39 61.86 28.22 -12.46
CA GLY E 39 63.04 28.21 -13.30
C GLY E 39 63.84 26.94 -13.25
N GLN E 40 63.48 26.02 -12.35
CA GLN E 40 64.16 24.75 -12.21
C GLN E 40 63.31 23.55 -12.60
N LEU E 41 61.98 23.70 -12.66
CA LEU E 41 61.10 22.58 -12.97
C LEU E 41 61.10 22.32 -14.47
N GLY E 42 60.41 21.24 -14.86
CA GLY E 42 60.34 20.82 -16.23
C GLY E 42 59.23 21.52 -17.01
N SER E 43 58.99 21.01 -18.22
CA SER E 43 57.97 21.58 -19.09
C SER E 43 56.59 20.97 -18.89
N ARG E 44 56.50 19.75 -18.34
CA ARG E 44 55.22 19.12 -18.07
C ARG E 44 55.26 18.49 -16.68
N ALA E 45 54.11 18.44 -16.03
CA ALA E 45 54.04 18.00 -14.65
C ALA E 45 52.69 17.35 -14.38
N GLN E 46 52.60 16.65 -13.25
CA GLN E 46 51.38 15.94 -12.89
C GLN E 46 51.20 15.99 -11.39
N LEU E 47 49.98 16.24 -10.95
CA LEU E 47 49.65 16.43 -9.54
C LEU E 47 48.80 15.29 -9.03
N ARG E 48 49.02 14.89 -7.78
CA ARG E 48 48.15 13.91 -7.16
C ARG E 48 46.80 14.54 -6.82
N THR E 49 45.80 13.69 -6.64
CA THR E 49 44.47 14.17 -6.27
C THR E 49 44.53 14.96 -4.96
N GLN E 50 45.12 14.37 -3.95
CA GLN E 50 45.49 15.15 -2.78
C GLN E 50 46.75 15.96 -3.11
N PRO E 51 46.98 17.04 -2.37
CA PRO E 51 48.20 17.83 -2.62
C PRO E 51 49.43 17.09 -2.11
N GLU E 52 49.92 16.14 -2.91
CA GLU E 52 51.06 15.33 -2.52
C GLU E 52 52.37 15.76 -3.17
N ALA E 53 52.34 16.18 -4.42
CA ALA E 53 53.54 16.64 -5.10
C ALA E 53 53.14 17.36 -6.37
N LEU E 54 54.15 17.83 -7.09
CA LEU E 54 54.02 18.27 -8.48
C LEU E 54 55.35 17.96 -9.16
N GLY E 55 55.43 16.80 -9.80
CA GLY E 55 56.66 16.34 -10.43
C GLY E 55 56.68 16.70 -11.90
N SER E 56 57.83 17.21 -12.35
CA SER E 56 57.98 17.70 -13.70
C SER E 56 59.25 17.12 -14.31
N LEU E 57 59.23 16.96 -15.63
CA LEU E 57 60.28 16.25 -16.36
C LEU E 57 61.21 17.27 -17.01
N THR E 58 62.45 17.28 -16.57
CA THR E 58 63.48 18.12 -17.18
C THR E 58 64.08 17.40 -18.39
N ALA E 59 64.46 18.19 -19.40
CA ALA E 59 65.04 17.61 -20.60
C ALA E 59 66.36 16.90 -20.33
N ALA E 60 66.99 17.16 -19.19
CA ALA E 60 68.25 16.50 -18.84
C ALA E 60 68.06 15.13 -18.21
N GLY E 61 66.82 14.67 -18.06
CA GLY E 61 66.54 13.38 -17.49
C GLY E 61 66.33 13.39 -15.99
N SER E 62 66.51 14.53 -15.34
CA SER E 62 66.31 14.63 -13.91
C SER E 62 64.84 14.85 -13.59
N LEU E 63 64.33 14.09 -12.63
CA LEU E 63 62.94 14.22 -12.22
C LEU E 63 62.85 15.21 -11.06
N GLN E 64 62.35 16.41 -11.34
CA GLN E 64 62.17 17.45 -10.34
C GLN E 64 60.78 17.33 -9.74
N VAL E 65 60.69 17.39 -8.42
CA VAL E 65 59.43 17.34 -7.71
C VAL E 65 59.31 18.59 -6.86
N LEU E 66 58.37 19.46 -7.22
CA LEU E 66 58.08 20.66 -6.45
C LEU E 66 56.91 20.37 -5.53
N SER E 67 57.18 20.27 -4.23
CA SER E 67 56.14 19.89 -3.27
C SER E 67 55.24 21.09 -3.02
N LEU E 68 54.07 21.09 -3.66
CA LEU E 68 53.05 22.11 -3.46
C LEU E 68 52.01 21.70 -2.44
N THR E 69 52.42 20.95 -1.41
CA THR E 69 51.52 20.57 -0.34
C THR E 69 51.18 21.76 0.55
N ARG E 73 56.11 25.44 4.55
CA ARG E 73 55.91 26.23 3.35
C ARG E 73 57.25 26.61 2.73
N GLY E 74 57.19 27.29 1.58
CA GLY E 74 58.38 27.70 0.87
C GLY E 74 58.59 26.88 -0.38
N GLY E 75 58.40 25.56 -0.26
CA GLY E 75 58.41 24.69 -1.42
C GLY E 75 59.76 24.49 -2.08
N GLY E 76 60.67 23.82 -1.40
CA GLY E 76 61.92 23.41 -2.03
C GLY E 76 61.70 22.30 -3.05
N ARG E 77 62.72 22.08 -3.88
CA ARG E 77 62.65 21.12 -4.97
C ARG E 77 63.51 19.90 -4.67
N CYS E 78 63.04 18.74 -5.14
CA CYS E 78 63.79 17.49 -5.05
C CYS E 78 64.17 17.04 -6.45
N CYS E 79 65.32 16.40 -6.55
CA CYS E 79 65.88 15.98 -7.83
C CYS E 79 66.06 14.47 -7.86
N LEU E 80 65.61 13.85 -8.95
CA LEU E 80 65.82 12.43 -9.22
C LEU E 80 66.49 12.31 -10.57
N GLU E 81 67.77 11.92 -10.57
CA GLU E 81 68.59 11.90 -11.77
C GLU E 81 68.67 10.48 -12.32
N GLY E 82 68.63 10.36 -13.65
CA GLY E 82 68.70 9.09 -14.32
C GLY E 82 68.28 9.26 -15.76
N PRO E 83 68.34 8.18 -16.54
CA PRO E 83 67.88 8.24 -17.94
C PRO E 83 66.39 7.95 -18.08
N PHE E 84 65.57 8.65 -17.29
CA PHE E 84 64.14 8.39 -17.25
C PHE E 84 63.41 9.24 -18.29
N TRP E 85 62.55 8.59 -19.08
CA TRP E 85 61.75 9.27 -20.09
C TRP E 85 60.27 8.97 -19.99
N HIS E 86 59.83 8.23 -18.97
CA HIS E 86 58.42 7.95 -18.77
C HIS E 86 58.17 7.58 -17.32
N PHE E 87 57.11 8.14 -16.75
CA PHE E 87 56.73 7.88 -15.36
C PHE E 87 55.27 8.26 -15.19
N LEU E 88 54.69 7.82 -14.08
CA LEU E 88 53.30 8.13 -13.78
C LEU E 88 53.05 7.91 -12.30
N TRP E 89 52.49 8.94 -11.66
CA TRP E 89 52.24 8.86 -10.23
C TRP E 89 51.06 7.93 -9.95
N GLU E 90 50.96 7.49 -8.69
CA GLU E 90 49.94 6.53 -8.30
C GLU E 90 48.58 7.21 -8.36
N ASP E 91 47.86 6.99 -9.45
CA ASP E 91 46.52 7.56 -9.64
C ASP E 91 45.51 6.63 -8.99
N SER E 92 45.21 6.90 -7.72
CA SER E 92 44.21 6.14 -6.97
C SER E 92 42.92 6.95 -6.94
N ARG E 93 42.14 6.82 -8.02
CA ARG E 93 40.88 7.53 -8.16
C ARG E 93 39.76 6.84 -7.39
N PRO E 102 52.81 10.40 -2.97
CA PRO E 102 53.01 10.00 -4.36
C PRO E 102 54.04 8.89 -4.51
N LYS E 103 53.71 7.85 -5.27
CA LYS E 103 54.62 6.75 -5.54
C LYS E 103 54.97 6.79 -7.01
N LEU E 104 56.13 7.33 -7.34
CA LEU E 104 56.54 7.51 -8.72
C LEU E 104 57.24 6.26 -9.23
N LEU E 105 56.76 5.73 -10.35
CA LEU E 105 57.39 4.61 -11.04
C LEU E 105 57.85 5.07 -12.41
N ALA E 106 59.10 4.79 -12.73
CA ALA E 106 59.70 5.25 -13.98
C ALA E 106 60.57 4.15 -14.59
N LEU E 107 60.73 4.22 -15.91
CA LEU E 107 61.55 3.28 -16.66
C LEU E 107 62.67 4.07 -17.34
N GLY E 108 63.90 3.60 -17.17
CA GLY E 108 65.06 4.29 -17.69
C GLY E 108 65.25 4.08 -19.17
N GLU E 109 66.46 4.41 -19.64
CA GLU E 109 66.78 4.21 -21.04
C GLU E 109 67.01 2.74 -21.37
N ASN E 110 67.49 1.96 -20.41
CA ASN E 110 67.76 0.54 -20.60
C ASN E 110 66.54 -0.33 -20.36
N TYR E 111 65.33 0.24 -20.45
CA TYR E 111 64.08 -0.48 -20.18
C TYR E 111 64.07 -1.09 -18.78
N GLU E 112 64.73 -0.43 -17.84
CA GLU E 112 64.71 -0.84 -16.43
C GLU E 112 63.73 0.05 -15.68
N LEU E 113 62.72 -0.58 -15.08
CA LEU E 113 61.64 0.13 -14.40
C LEU E 113 61.94 0.21 -12.91
N LEU E 114 61.75 1.39 -12.33
CA LEU E 114 62.04 1.63 -10.93
C LEU E 114 60.85 2.30 -10.26
N ILE E 115 60.74 2.10 -8.94
CA ILE E 115 59.71 2.71 -8.13
C ILE E 115 60.39 3.38 -6.93
N TYR E 116 60.26 4.70 -6.83
CA TYR E 116 60.83 5.48 -5.73
C TYR E 116 59.72 6.26 -5.04
N GLU E 117 59.78 6.30 -3.71
CA GLU E 117 58.75 6.91 -2.89
C GLU E 117 59.25 8.23 -2.32
N PHE E 118 58.44 9.28 -2.49
CA PHE E 118 58.75 10.60 -1.95
C PHE E 118 57.77 10.92 -0.83
N ASN E 119 58.29 11.38 0.30
CA ASN E 119 57.49 11.67 1.48
C ASN E 119 57.50 13.17 1.74
N LEU E 120 56.32 13.77 1.82
CA LEU E 120 56.15 15.22 1.98
C LEU E 120 55.84 15.60 3.42
N LYS E 121 56.45 14.90 4.39
CA LYS E 121 56.20 15.16 5.80
C LYS E 121 56.89 16.45 6.21
N ASP E 122 56.10 17.44 6.65
CA ASP E 122 56.60 18.70 7.19
C ASP E 122 57.47 19.45 6.19
N GLY E 123 57.20 19.30 4.90
CA GLY E 123 57.92 20.03 3.88
C GLY E 123 59.29 19.48 3.53
N ARG E 124 59.65 18.30 4.02
CA ARG E 124 60.94 17.71 3.72
C ARG E 124 60.87 16.96 2.39
N CYS E 125 61.41 17.56 1.35
CA CYS E 125 61.40 16.94 0.02
C CYS E 125 62.41 15.81 -0.04
N ASP E 126 62.18 14.75 0.74
CA ASP E 126 63.07 13.62 0.82
C ASP E 126 62.46 12.43 0.09
N ALA E 127 63.28 11.73 -0.70
CA ALA E 127 62.81 10.62 -1.50
C ALA E 127 63.67 9.39 -1.26
N THR E 128 63.06 8.22 -1.42
CA THR E 128 63.75 6.95 -1.25
C THR E 128 63.34 6.01 -2.39
N ILE E 129 64.26 5.14 -2.79
CA ILE E 129 64.01 4.19 -3.87
C ILE E 129 63.63 2.84 -3.26
N LEU E 130 62.46 2.34 -3.64
CA LEU E 130 61.90 1.13 -3.04
C LEU E 130 62.08 -0.10 -3.92
N TYR E 131 61.59 -0.06 -5.16
CA TYR E 131 61.58 -1.23 -6.05
C TYR E 131 62.28 -0.91 -7.36
N SER E 132 63.10 -1.86 -7.81
CA SER E 132 63.86 -1.71 -9.05
C SER E 132 63.70 -2.96 -9.89
N CYS E 133 63.68 -2.79 -11.21
CA CYS E 133 63.53 -3.91 -12.14
C CYS E 133 64.56 -3.77 -13.25
N SER E 134 65.18 -4.90 -13.61
CA SER E 134 66.24 -4.94 -14.62
C SER E 134 65.72 -5.44 -15.95
N ARG E 135 66.44 -5.08 -17.02
CA ARG E 135 66.02 -5.45 -18.37
C ARG E 135 66.09 -6.95 -18.58
N GLU E 136 67.12 -7.60 -18.04
CA GLU E 136 67.23 -9.04 -18.19
C GLU E 136 66.04 -9.75 -17.55
N ALA E 137 65.64 -9.30 -16.36
CA ALA E 137 64.48 -9.89 -15.71
C ALA E 137 63.21 -9.65 -16.51
N LEU E 138 63.06 -8.48 -17.12
CA LEU E 138 61.89 -8.19 -17.93
C LEU E 138 61.83 -9.11 -19.16
N GLN E 139 62.97 -9.29 -19.83
CA GLN E 139 63.00 -10.20 -20.98
C GLN E 139 62.72 -11.63 -20.53
N LYS E 140 63.23 -12.03 -19.37
CA LYS E 140 62.98 -13.37 -18.86
C LYS E 140 61.50 -13.59 -18.59
N LEU E 141 60.84 -12.60 -17.96
CA LEU E 141 59.42 -12.71 -17.69
C LEU E 141 58.60 -12.70 -18.98
N ILE E 142 59.05 -11.96 -19.98
CA ILE E 142 58.35 -11.95 -21.26
C ILE E 142 58.49 -13.29 -21.96
N ASP E 143 59.68 -13.89 -21.90
CA ASP E 143 59.91 -15.17 -22.57
C ASP E 143 59.18 -16.30 -21.86
N ASP E 144 59.09 -16.23 -20.53
CA ASP E 144 58.44 -17.31 -19.78
C ASP E 144 56.97 -17.47 -20.14
N GLN E 145 56.37 -16.47 -20.78
CA GLN E 145 55.02 -16.57 -21.29
C GLN E 145 54.98 -17.08 -22.73
N ASP E 146 56.03 -17.78 -23.17
CA ASP E 146 56.09 -18.35 -24.52
C ASP E 146 55.92 -17.28 -25.59
N ILE E 147 56.57 -16.13 -25.37
CA ILE E 147 56.55 -15.02 -26.31
C ILE E 147 57.96 -14.91 -26.90
N SER E 148 58.11 -15.32 -28.16
CA SER E 148 59.42 -15.31 -28.82
C SER E 148 59.73 -13.95 -29.42
N ILE E 149 59.61 -12.91 -28.60
CA ILE E 149 59.90 -11.53 -29.01
C ILE E 149 60.77 -10.89 -27.93
N SER E 150 61.87 -10.27 -28.35
CA SER E 150 62.73 -9.56 -27.42
C SER E 150 62.15 -8.18 -27.14
N LEU E 151 62.17 -7.78 -25.86
CA LEU E 151 61.62 -6.50 -25.46
C LEU E 151 62.39 -5.36 -26.10
N LEU E 152 61.77 -4.70 -27.07
CA LEU E 152 62.38 -3.55 -27.73
C LEU E 152 61.87 -2.22 -27.23
N SER E 153 60.65 -2.18 -26.68
CA SER E 153 60.08 -0.93 -26.17
C SER E 153 58.95 -1.26 -25.22
N LEU E 154 58.92 -0.60 -24.07
CA LEU E 154 57.84 -0.74 -23.10
C LEU E 154 57.23 0.64 -22.83
N ARG E 155 55.95 0.78 -23.11
CA ARG E 155 55.21 2.01 -22.86
C ARG E 155 54.16 1.75 -21.79
N ILE E 156 54.06 2.65 -20.82
CA ILE E 156 53.17 2.42 -19.69
C ILE E 156 51.72 2.63 -20.11
N LEU E 157 50.81 2.11 -19.29
CA LEU E 157 49.39 2.25 -19.54
C LEU E 157 48.64 2.69 -18.29
N SER E 158 49.11 2.27 -17.12
CA SER E 158 48.44 2.59 -15.87
C SER E 158 49.31 2.14 -14.70
N PHE E 159 48.94 2.60 -13.51
CA PHE E 159 49.60 2.16 -12.27
C PHE E 159 48.59 2.32 -11.14
N HIS E 160 47.94 1.23 -10.76
CA HIS E 160 46.87 1.28 -9.78
C HIS E 160 46.96 0.08 -8.84
N ASN E 161 46.85 0.36 -7.54
CA ASN E 161 46.90 -0.68 -6.51
C ASN E 161 48.13 -1.55 -6.65
N ASN E 162 49.27 -0.91 -6.92
CA ASN E 162 50.56 -1.55 -7.14
C ASN E 162 50.57 -2.48 -8.35
N THR E 163 49.51 -2.46 -9.16
CA THR E 163 49.40 -3.30 -10.35
C THR E 163 49.54 -2.42 -11.58
N SER E 164 50.47 -2.77 -12.45
CA SER E 164 50.78 -1.98 -13.63
C SER E 164 50.46 -2.78 -14.88
N LEU E 165 49.82 -2.12 -15.84
CA LEU E 165 49.57 -2.68 -17.16
C LEU E 165 50.55 -2.06 -18.15
N LEU E 166 51.23 -2.90 -18.91
CA LEU E 166 52.22 -2.45 -19.87
C LEU E 166 51.97 -3.13 -21.21
N PHE E 167 52.01 -2.36 -22.28
CA PHE E 167 51.91 -2.90 -23.63
C PHE E 167 53.33 -3.22 -24.11
N ILE E 168 53.81 -4.42 -23.76
CA ILE E 168 55.17 -4.84 -24.07
C ILE E 168 55.30 -5.07 -25.57
N ASN E 169 56.42 -4.63 -26.13
CA ASN E 169 56.71 -4.78 -27.57
C ASN E 169 55.60 -4.22 -28.44
N LYS E 170 54.75 -3.37 -27.86
CA LYS E 170 53.56 -2.82 -28.49
C LYS E 170 52.56 -3.90 -28.89
N CYS E 171 52.75 -5.14 -28.46
CA CYS E 171 51.89 -6.23 -28.91
C CYS E 171 51.31 -7.05 -27.76
N VAL E 172 52.07 -7.27 -26.70
CA VAL E 172 51.63 -8.12 -25.60
C VAL E 172 51.23 -7.23 -24.44
N ILE E 173 49.95 -7.27 -24.08
CA ILE E 173 49.44 -6.47 -22.97
C ILE E 173 49.67 -7.25 -21.68
N LEU E 174 50.87 -7.15 -21.13
CA LEU E 174 51.27 -7.90 -19.96
C LEU E 174 50.89 -7.11 -18.72
N HIS E 175 50.02 -7.68 -17.90
CA HIS E 175 49.56 -7.03 -16.68
C HIS E 175 50.43 -7.49 -15.52
N ILE E 176 51.47 -6.72 -15.21
CA ILE E 176 52.39 -7.04 -14.14
C ILE E 176 51.66 -6.84 -12.81
N ILE E 177 52.31 -7.29 -11.74
CA ILE E 177 51.84 -7.03 -10.38
C ILE E 177 53.04 -7.05 -9.45
N PHE E 178 53.33 -5.91 -8.83
CA PHE E 178 54.39 -5.84 -7.85
C PHE E 178 53.78 -5.99 -6.46
N PRO E 179 53.67 -7.21 -5.95
CA PRO E 179 52.89 -7.44 -4.73
C PRO E 179 53.73 -7.21 -3.48
N GLU E 180 53.09 -7.39 -2.33
CA GLU E 180 53.74 -7.20 -1.05
C GLU E 180 54.77 -8.30 -0.80
N ARG E 181 55.52 -8.13 0.29
CA ARG E 181 56.58 -9.06 0.69
C ARG E 181 57.64 -9.21 -0.39
N ASP E 182 57.85 -8.15 -1.18
CA ASP E 182 58.87 -8.12 -2.23
C ASP E 182 58.70 -9.27 -3.21
N ALA E 183 57.45 -9.61 -3.51
CA ALA E 183 57.17 -10.64 -4.49
C ALA E 183 57.60 -10.17 -5.88
N ALA E 184 58.13 -11.10 -6.67
CA ALA E 184 58.61 -10.76 -8.00
C ALA E 184 57.45 -10.35 -8.91
N ILE E 185 57.79 -9.58 -9.94
CA ILE E 185 56.80 -9.09 -10.89
C ILE E 185 56.43 -10.21 -11.86
N ARG E 186 55.28 -10.84 -11.63
CA ARG E 186 54.81 -11.93 -12.47
C ARG E 186 53.52 -11.51 -13.16
N VAL E 187 53.45 -11.74 -14.47
CA VAL E 187 52.31 -11.30 -15.27
C VAL E 187 51.10 -12.16 -14.95
N LEU E 188 50.13 -11.58 -14.23
CA LEU E 188 48.90 -12.30 -13.92
C LEU E 188 48.03 -12.50 -15.15
N ASN E 189 48.37 -11.85 -16.27
CA ASN E 189 47.73 -12.09 -17.56
C ASN E 189 48.67 -11.63 -18.65
N CYS E 190 48.65 -12.34 -19.78
CA CYS E 190 49.47 -11.95 -20.92
C CYS E 190 48.77 -12.46 -22.18
N PHE E 191 48.02 -11.58 -22.82
CA PHE E 191 47.25 -11.92 -24.01
C PHE E 191 47.81 -11.15 -25.19
N THR E 192 48.32 -11.86 -26.19
CA THR E 192 48.75 -11.21 -27.41
C THR E 192 47.57 -10.55 -28.09
N LEU E 193 47.83 -9.47 -28.79
CA LEU E 193 46.76 -8.72 -29.44
C LEU E 193 46.12 -9.59 -30.50
N PRO E 194 44.82 -9.84 -30.44
CA PRO E 194 44.18 -10.66 -31.48
C PRO E 194 44.14 -9.94 -32.82
N LEU E 195 45.31 -9.54 -33.30
CA LEU E 195 45.47 -8.84 -34.56
C LEU E 195 46.75 -9.28 -35.22
N PRO E 196 46.85 -9.13 -36.53
CA PRO E 196 48.10 -9.49 -37.23
C PRO E 196 49.23 -8.54 -36.86
N ALA E 197 50.46 -9.02 -37.09
CA ALA E 197 51.64 -8.21 -36.82
C ALA E 197 51.73 -6.99 -37.72
N GLN E 198 50.92 -6.93 -38.78
CA GLN E 198 50.93 -5.77 -39.66
C GLN E 198 50.50 -4.51 -38.91
N ALA E 199 49.49 -4.64 -38.04
CA ALA E 199 49.01 -3.52 -37.24
C ALA E 199 49.31 -3.65 -35.76
N VAL E 200 49.85 -4.79 -35.32
CA VAL E 200 50.14 -4.99 -33.90
C VAL E 200 51.26 -4.07 -33.45
N ASP E 201 52.26 -3.87 -34.30
CA ASP E 201 53.41 -3.05 -33.92
C ASP E 201 53.16 -1.56 -34.13
N MET E 202 51.99 -1.17 -34.63
CA MET E 202 51.69 0.24 -34.90
C MET E 202 50.78 0.85 -33.83
N ILE E 203 50.75 0.24 -32.64
CA ILE E 203 49.92 0.72 -31.55
C ILE E 203 50.50 2.02 -30.98
N ILE E 204 49.63 2.85 -30.41
CA ILE E 204 50.06 4.15 -29.89
C ILE E 204 49.71 4.28 -28.41
N ASP E 205 48.44 4.22 -28.08
CA ASP E 205 47.95 4.50 -26.72
C ASP E 205 47.38 3.25 -26.09
N THR E 206 47.66 3.06 -24.81
CA THR E 206 47.12 1.96 -24.01
C THR E 206 46.41 2.56 -22.80
N GLN E 207 45.09 2.69 -22.90
CA GLN E 207 44.28 3.38 -21.90
C GLN E 207 43.38 2.37 -21.20
N LEU E 208 43.47 2.33 -19.88
CA LEU E 208 42.60 1.49 -19.07
C LEU E 208 41.53 2.37 -18.42
N CYS E 209 40.27 2.12 -18.78
CA CYS E 209 39.13 2.89 -18.28
C CYS E 209 38.10 1.90 -17.74
N ARG E 210 38.24 1.56 -16.46
CA ARG E 210 37.32 0.64 -15.78
C ARG E 210 37.31 -0.74 -16.42
N GLY E 211 38.46 -1.14 -16.97
CA GLY E 211 38.66 -2.48 -17.47
C GLY E 211 38.57 -2.63 -18.98
N ILE E 212 38.02 -1.64 -19.68
CA ILE E 212 37.87 -1.73 -21.14
C ILE E 212 39.17 -1.21 -21.74
N LEU E 213 40.17 -2.07 -21.76
CA LEU E 213 41.48 -1.70 -22.28
C LEU E 213 41.38 -1.42 -23.77
N PHE E 214 41.70 -0.19 -24.16
CA PHE E 214 41.72 0.21 -25.55
C PHE E 214 43.15 0.38 -26.01
N VAL E 215 43.49 -0.23 -27.14
CA VAL E 215 44.78 -0.03 -27.78
C VAL E 215 44.51 0.60 -29.14
N LEU E 216 45.05 1.79 -29.34
CA LEU E 216 44.86 2.55 -30.58
C LEU E 216 46.01 2.28 -31.53
N SER E 217 45.69 1.89 -32.76
CA SER E 217 46.67 1.75 -33.83
C SER E 217 46.67 3.02 -34.67
N SER E 218 47.86 3.43 -35.10
CA SER E 218 47.99 4.74 -35.74
C SER E 218 47.25 4.81 -37.06
N LEU E 219 46.82 3.68 -37.60
CA LEU E 219 46.10 3.66 -38.87
C LEU E 219 44.63 4.04 -38.73
N GLY E 220 44.11 4.16 -37.51
CA GLY E 220 42.75 4.61 -37.33
C GLY E 220 41.77 3.57 -36.85
N TRP E 221 42.19 2.70 -35.94
CA TRP E 221 41.30 1.73 -35.34
C TRP E 221 41.61 1.62 -33.85
N ILE E 222 40.60 1.25 -33.08
CA ILE E 222 40.73 1.09 -31.64
C ILE E 222 40.15 -0.25 -31.26
N TYR E 223 41.01 -1.21 -30.94
CA TYR E 223 40.58 -2.57 -30.64
C TYR E 223 40.29 -2.68 -29.15
N ILE E 224 39.05 -2.40 -28.77
CA ILE E 224 38.64 -2.40 -27.38
C ILE E 224 38.69 -3.86 -26.92
N PHE E 225 39.71 -4.19 -26.14
CA PHE E 225 39.84 -5.48 -25.50
C PHE E 225 39.50 -5.36 -24.02
N ASP E 226 39.35 -6.51 -23.38
CA ASP E 226 39.06 -6.57 -21.95
C ASP E 226 40.25 -7.19 -21.22
N VAL E 227 40.80 -6.46 -20.25
CA VAL E 227 41.94 -6.95 -19.50
C VAL E 227 41.58 -8.18 -18.67
N VAL E 228 40.29 -8.35 -18.36
CA VAL E 228 39.88 -9.51 -17.57
C VAL E 228 40.07 -10.80 -18.34
N ASP E 229 39.65 -10.82 -19.62
CA ASP E 229 39.68 -12.04 -20.42
C ASP E 229 40.59 -11.95 -21.64
N GLY E 230 40.80 -10.76 -22.20
CA GLY E 230 41.61 -10.60 -23.38
C GLY E 230 40.85 -10.62 -24.68
N THR E 231 39.54 -10.84 -24.65
CA THR E 231 38.77 -10.94 -25.87
C THR E 231 38.74 -9.62 -26.61
N TYR E 232 38.66 -9.70 -27.94
CA TYR E 232 38.35 -8.51 -28.75
C TYR E 232 36.86 -8.24 -28.56
N VAL E 233 36.54 -7.61 -27.43
CA VAL E 233 35.14 -7.44 -27.05
C VAL E 233 34.40 -6.57 -28.05
N ALA E 234 35.11 -5.65 -28.71
CA ALA E 234 34.51 -4.83 -29.72
C ALA E 234 35.61 -4.28 -30.63
N HIS E 235 35.20 -3.42 -31.54
CA HIS E 235 36.12 -2.71 -32.42
C HIS E 235 35.45 -1.44 -32.90
N VAL E 236 36.21 -0.36 -32.96
CA VAL E 236 35.68 0.96 -33.30
C VAL E 236 36.36 1.40 -34.59
N ASP E 237 35.56 1.82 -35.56
CA ASP E 237 36.07 2.27 -36.85
C ASP E 237 36.21 3.78 -36.80
N LEU E 238 37.39 4.27 -36.42
CA LEU E 238 37.65 5.70 -36.47
C LEU E 238 37.64 6.21 -37.90
N ALA E 239 38.08 5.38 -38.84
CA ALA E 239 38.06 5.77 -40.25
C ALA E 239 36.63 5.96 -40.75
N LEU E 240 35.71 5.07 -40.34
CA LEU E 240 34.32 5.18 -40.78
C LEU E 240 33.63 6.41 -40.21
N HIS E 241 34.19 7.03 -39.17
CA HIS E 241 33.61 8.25 -38.62
C HIS E 241 33.64 9.40 -39.61
N LYS E 242 34.46 9.32 -40.64
CA LYS E 242 34.53 10.37 -41.66
C LYS E 242 33.28 10.33 -42.54
N ILE E 256 42.00 13.13 -41.05
CA ILE E 256 43.46 13.02 -41.18
C ILE E 256 43.91 11.62 -40.79
N SER E 257 45.06 11.53 -40.13
CA SER E 257 45.60 10.26 -39.67
C SER E 257 46.45 10.53 -38.43
N SER E 258 47.23 9.53 -38.04
CA SER E 258 48.17 9.64 -36.92
C SER E 258 47.46 10.05 -35.63
N PHE E 259 46.59 9.16 -35.16
CA PHE E 259 45.87 9.39 -33.90
C PHE E 259 46.90 9.34 -32.76
N THR E 260 47.28 10.50 -32.25
CA THR E 260 48.29 10.55 -31.21
C THR E 260 47.78 9.99 -29.89
N SER E 261 46.58 10.42 -29.48
CA SER E 261 46.04 9.97 -28.21
C SER E 261 44.53 10.08 -28.25
N LEU E 262 43.90 9.27 -27.41
CA LEU E 262 42.44 9.26 -27.27
C LEU E 262 42.10 9.28 -25.79
N LYS E 263 41.06 10.03 -25.44
CA LYS E 263 40.60 10.16 -24.07
C LYS E 263 39.27 9.45 -23.89
N VAL E 264 39.16 8.68 -22.81
CA VAL E 264 37.96 7.94 -22.48
C VAL E 264 37.31 8.60 -21.27
N SER E 265 36.01 8.86 -21.36
CA SER E 265 35.26 9.34 -20.22
C SER E 265 35.26 8.28 -19.12
N GLN E 266 35.17 8.74 -17.87
CA GLN E 266 35.28 7.82 -16.74
C GLN E 266 34.10 6.86 -16.65
N ASP E 267 33.03 7.11 -17.40
CA ASP E 267 31.91 6.20 -17.48
C ASP E 267 31.88 5.38 -18.77
N LEU E 268 32.97 5.40 -19.53
CA LEU E 268 33.05 4.72 -20.83
C LEU E 268 31.91 5.19 -21.75
N ASP E 269 31.67 6.49 -21.76
CA ASP E 269 30.50 7.07 -22.40
C ASP E 269 30.86 7.88 -23.64
N VAL E 270 31.89 8.71 -23.54
CA VAL E 270 32.34 9.54 -24.66
C VAL E 270 33.85 9.41 -24.76
N ALA E 271 34.35 9.26 -25.98
CA ALA E 271 35.76 9.14 -26.26
C ALA E 271 36.18 10.19 -27.27
N VAL E 272 37.26 10.91 -26.98
CA VAL E 272 37.78 11.95 -27.84
C VAL E 272 39.22 11.61 -28.17
N ILE E 273 39.55 11.55 -29.45
CA ILE E 273 40.86 11.14 -29.92
C ILE E 273 41.56 12.35 -30.51
N VAL E 274 42.73 12.68 -29.98
CA VAL E 274 43.51 13.82 -30.44
C VAL E 274 44.68 13.28 -31.24
N SER E 275 44.73 13.61 -32.52
CA SER E 275 45.79 13.15 -33.40
C SER E 275 47.03 14.01 -33.18
N SER E 276 48.05 13.80 -34.01
CA SER E 276 49.26 14.61 -33.94
C SER E 276 49.12 15.94 -34.67
N SER E 277 47.98 16.18 -35.35
CA SER E 277 47.77 17.40 -36.11
C SER E 277 46.87 18.40 -35.38
N ASN E 278 46.84 18.34 -34.04
CA ASN E 278 46.04 19.27 -33.22
C ASN E 278 44.58 19.23 -33.62
N SER E 279 44.05 18.01 -33.83
CA SER E 279 42.64 17.80 -34.16
C SER E 279 42.07 16.80 -33.16
N ALA E 280 40.92 17.12 -32.59
CA ALA E 280 40.23 16.26 -31.65
C ALA E 280 38.78 16.08 -32.08
N VAL E 281 38.33 14.83 -32.12
CA VAL E 281 36.96 14.49 -32.50
C VAL E 281 36.39 13.59 -31.43
N ALA E 282 35.15 13.86 -31.02
CA ALA E 282 34.49 13.12 -29.95
C ALA E 282 33.14 12.62 -30.43
N LEU E 283 32.93 11.30 -30.32
CA LEU E 283 31.67 10.68 -30.71
C LEU E 283 31.26 9.69 -29.63
N ASN E 284 29.96 9.45 -29.54
CA ASN E 284 29.40 8.66 -28.44
C ASN E 284 29.56 7.18 -28.72
N LEU E 285 30.02 6.42 -27.71
CA LEU E 285 30.26 5.00 -27.89
C LEU E 285 28.98 4.25 -28.24
N ASN E 286 27.89 4.56 -27.53
CA ASN E 286 26.62 3.88 -27.79
C ASN E 286 26.14 4.17 -29.22
N LEU E 287 26.09 5.44 -29.60
CA LEU E 287 25.66 5.78 -30.95
C LEU E 287 26.65 5.28 -31.99
N TYR E 288 27.95 5.36 -31.72
CA TYR E 288 28.93 4.95 -32.71
C TYR E 288 29.02 3.43 -32.82
N PHE E 289 28.38 2.70 -31.91
CA PHE E 289 28.31 1.25 -32.05
C PHE E 289 26.97 0.81 -32.65
N ARG E 290 25.91 1.61 -32.44
CA ARG E 290 24.60 1.22 -32.98
C ARG E 290 24.40 1.75 -34.40
N GLN E 291 24.60 3.05 -34.61
CA GLN E 291 24.36 3.68 -35.91
C GLN E 291 25.24 3.10 -37.01
N HIS E 292 26.32 2.43 -36.64
CA HIS E 292 27.11 1.64 -37.58
C HIS E 292 27.31 0.25 -36.99
N PRO E 293 26.22 -0.48 -36.78
CA PRO E 293 26.32 -1.77 -36.07
C PRO E 293 27.09 -2.84 -36.82
N GLY E 294 27.42 -2.61 -38.09
CA GLY E 294 28.21 -3.59 -38.82
C GLY E 294 29.60 -3.80 -38.24
N HIS E 295 30.24 -2.72 -37.78
CA HIS E 295 31.57 -2.80 -37.18
C HIS E 295 31.56 -3.33 -35.76
N LEU E 296 30.42 -3.30 -35.08
CA LEU E 296 30.34 -3.68 -33.68
C LEU E 296 30.29 -5.20 -33.58
N LEU E 297 31.29 -5.78 -32.91
CA LEU E 297 31.38 -7.21 -32.70
C LEU E 297 30.95 -7.63 -31.31
N CYS E 298 30.31 -6.73 -30.56
CA CYS E 298 29.87 -7.04 -29.20
C CYS E 298 28.77 -8.10 -29.23
N ASP E 316 -5.71 -15.12 -24.23
CA ASP E 316 -6.54 -14.84 -23.09
C ASP E 316 -5.54 -14.57 -22.15
N ASP E 317 -5.43 -13.29 -21.87
CA ASP E 317 -4.45 -12.75 -20.99
C ASP E 317 -3.12 -13.29 -21.46
N PRO E 318 -2.42 -14.07 -20.60
CA PRO E 318 -1.20 -14.74 -20.95
C PRO E 318 -1.09 -15.45 -22.26
N VAL E 319 -1.76 -16.53 -22.54
CA VAL E 319 -1.49 -17.32 -23.79
C VAL E 319 -1.05 -16.71 -25.15
N ASN E 320 -1.49 -15.52 -25.40
CA ASN E 320 -1.17 -14.70 -26.52
C ASN E 320 -0.14 -13.82 -26.00
N SER E 321 -0.22 -13.23 -24.83
CA SER E 321 0.95 -12.42 -24.39
C SER E 321 2.39 -13.05 -24.40
N ALA E 322 2.55 -14.32 -23.98
CA ALA E 322 3.90 -14.98 -23.98
C ALA E 322 4.29 -15.42 -25.36
N TYR E 323 3.28 -15.59 -26.18
CA TYR E 323 3.44 -15.88 -27.56
C TYR E 323 3.80 -14.62 -28.24
N ASN E 324 3.42 -13.48 -27.76
CA ASN E 324 3.84 -12.24 -28.30
C ASN E 324 5.35 -12.29 -27.94
N MET E 325 5.77 -12.64 -26.68
CA MET E 325 7.25 -12.90 -26.38
C MET E 325 8.01 -13.92 -27.21
N LYS E 326 7.36 -14.77 -27.95
CA LYS E 326 8.06 -15.67 -28.77
C LYS E 326 7.59 -15.66 -30.14
N LEU E 327 6.85 -14.70 -30.60
CA LEU E 327 6.43 -14.75 -32.00
C LEU E 327 7.20 -13.82 -32.78
N ALA E 328 8.14 -13.32 -32.11
CA ALA E 328 8.96 -12.28 -32.65
C ALA E 328 9.02 -11.81 -34.10
N LYS E 329 8.12 -12.17 -35.02
CA LYS E 329 8.18 -11.55 -36.31
C LYS E 329 7.73 -10.14 -35.91
N PHE E 330 6.58 -10.04 -35.27
CA PHE E 330 6.06 -8.82 -34.67
C PHE E 330 5.79 -9.15 -33.20
N SER E 331 5.17 -8.23 -32.50
CA SER E 331 4.75 -8.43 -31.10
C SER E 331 3.58 -7.66 -30.59
N PHE E 332 2.40 -8.23 -30.85
CA PHE E 332 1.07 -7.70 -30.52
C PHE E 332 0.94 -6.30 -29.91
N GLN E 333 0.88 -6.25 -28.52
CA GLN E 333 0.60 -5.21 -27.54
C GLN E 333 -0.81 -5.59 -27.43
N ILE E 334 -1.04 -6.62 -26.65
CA ILE E 334 -2.32 -7.26 -26.57
C ILE E 334 -2.99 -7.52 -25.25
N ASP E 335 -4.17 -6.90 -25.17
CA ASP E 335 -5.18 -6.87 -24.10
C ASP E 335 -6.07 -5.89 -24.76
N ARG E 336 -6.64 -6.31 -25.86
CA ARG E 336 -7.36 -5.43 -26.68
C ARG E 336 -8.77 -4.90 -26.51
N SER E 337 -9.07 -4.38 -25.30
CA SER E 337 -10.31 -3.72 -24.89
C SER E 337 -10.60 -2.38 -25.54
N TRP E 338 -11.52 -1.64 -24.95
CA TRP E 338 -11.83 -0.32 -25.46
C TRP E 338 -11.97 0.64 -24.33
N LYS E 339 -11.02 0.50 -23.41
CA LYS E 339 -10.82 1.25 -22.18
C LYS E 339 -9.33 1.36 -21.89
N ALA E 340 -8.54 0.32 -22.19
CA ALA E 340 -7.09 0.37 -22.14
C ALA E 340 -6.47 0.69 -23.50
N GLN E 341 -7.28 0.93 -24.52
CA GLN E 341 -6.78 1.46 -25.78
C GLN E 341 -6.75 2.98 -25.81
N LEU E 342 -7.29 3.63 -24.77
CA LEU E 342 -7.13 5.07 -24.60
C LEU E 342 -5.81 5.41 -23.93
N SER E 343 -5.36 4.57 -23.00
CA SER E 343 -4.07 4.79 -22.37
C SER E 343 -2.95 4.80 -23.39
N SER E 344 -3.07 3.98 -24.43
CA SER E 344 -2.05 3.96 -25.47
C SER E 344 -2.00 5.31 -26.18
N LEU E 345 -3.17 5.88 -26.51
CA LEU E 345 -3.19 7.19 -27.16
C LEU E 345 -2.63 8.26 -26.24
N ASN E 346 -2.97 8.21 -24.96
CA ASN E 346 -2.44 9.18 -24.01
C ASN E 346 -0.92 9.09 -23.92
N GLU E 347 -0.38 7.87 -23.85
CA GLU E 347 1.07 7.71 -23.77
C GLU E 347 1.75 8.18 -25.03
N THR E 348 1.19 7.83 -26.20
CA THR E 348 1.80 8.27 -27.44
C THR E 348 1.82 9.79 -27.55
N ILE E 349 0.70 10.45 -27.22
CA ILE E 349 0.65 11.90 -27.28
C ILE E 349 1.63 12.51 -26.29
N LYS E 350 1.67 11.98 -25.06
CA LYS E 350 2.52 12.55 -24.03
C LYS E 350 4.00 12.41 -24.36
N ASN E 351 4.44 11.20 -24.70
CA ASN E 351 5.84 10.96 -24.97
C ASN E 351 6.26 11.49 -26.34
N SER E 352 5.32 11.74 -27.23
CA SER E 352 5.63 12.24 -28.56
C SER E 352 6.06 13.71 -28.49
N PRO E 361 23.93 0.85 -22.99
CA PRO E 361 24.56 1.37 -24.20
C PRO E 361 25.47 0.34 -24.86
N TRP E 362 26.46 0.82 -25.62
CA TRP E 362 27.36 -0.08 -26.33
C TRP E 362 28.16 -0.94 -25.36
N PHE E 363 28.67 -0.34 -24.30
CA PHE E 363 29.54 -1.06 -23.37
C PHE E 363 28.79 -2.09 -22.54
N GLN E 364 27.47 -2.15 -22.63
CA GLN E 364 26.69 -3.08 -21.81
C GLN E 364 27.06 -4.52 -22.11
N ASP E 365 27.22 -4.85 -23.40
CA ASP E 365 27.59 -6.22 -23.76
C ASP E 365 29.02 -6.53 -23.35
N ILE E 366 29.92 -5.57 -23.48
CA ILE E 366 31.33 -5.78 -23.11
C ILE E 366 31.43 -5.46 -21.62
N LEU E 367 31.11 -6.43 -20.80
CA LEU E 367 31.07 -6.24 -19.35
C LEU E 367 32.48 -6.14 -18.78
N LYS E 414 31.85 19.47 -32.28
CA LYS E 414 32.53 19.70 -33.55
C LYS E 414 33.95 19.13 -33.51
N ILE E 415 34.90 19.94 -33.97
CA ILE E 415 36.31 19.57 -34.00
C ILE E 415 37.12 20.73 -33.46
N MET E 416 38.13 20.41 -32.65
CA MET E 416 39.00 21.41 -32.06
C MET E 416 40.22 21.60 -32.95
N HIS E 417 40.36 22.80 -33.53
CA HIS E 417 41.51 23.12 -34.35
C HIS E 417 41.79 24.61 -34.18
N ILE E 418 42.68 24.94 -33.24
CA ILE E 418 42.95 26.33 -32.89
C ILE E 418 43.74 26.98 -34.00
N SER E 419 43.05 27.79 -34.82
CA SER E 419 43.68 28.45 -35.95
C SER E 419 44.46 29.69 -35.49
N GLU E 423 49.58 25.98 -33.58
CA GLU E 423 49.80 24.54 -33.51
C GLU E 423 50.33 24.13 -32.13
N PRO E 424 49.45 23.57 -31.30
CA PRO E 424 49.89 23.10 -29.99
C PRO E 424 50.91 21.98 -30.11
N ILE E 425 51.86 21.96 -29.17
CA ILE E 425 52.93 20.97 -29.22
C ILE E 425 52.39 19.59 -28.81
N GLU E 426 51.68 19.52 -27.68
CA GLU E 426 51.16 18.25 -27.16
C GLU E 426 49.72 18.49 -26.71
N LEU E 427 48.77 18.26 -27.62
CA LEU E 427 47.36 18.51 -27.36
C LEU E 427 46.79 17.33 -26.58
N LYS E 428 47.22 17.22 -25.33
CA LYS E 428 46.78 16.14 -24.44
C LYS E 428 45.66 16.66 -23.56
N CYS E 429 44.43 16.22 -23.83
CA CYS E 429 43.29 16.63 -23.03
C CYS E 429 43.44 16.08 -21.61
N VAL E 430 43.23 16.95 -20.61
CA VAL E 430 43.51 16.57 -19.22
C VAL E 430 42.53 15.51 -18.74
N SER E 431 41.24 15.72 -18.98
CA SER E 431 40.22 14.75 -18.61
C SER E 431 38.95 15.07 -19.38
N VAL E 432 38.13 14.04 -19.58
CA VAL E 432 36.85 14.17 -20.29
C VAL E 432 35.76 13.57 -19.41
N THR E 433 34.72 14.35 -19.16
CA THR E 433 33.56 13.92 -18.38
C THR E 433 32.40 13.66 -19.32
N GLY E 434 31.24 13.36 -18.72
CA GLY E 434 30.07 13.05 -19.52
C GLY E 434 29.61 14.21 -20.37
N PHE E 435 29.71 15.44 -19.84
CA PHE E 435 29.20 16.61 -20.53
C PHE E 435 30.24 17.72 -20.70
N THR E 436 31.51 17.45 -20.38
CA THR E 436 32.55 18.45 -20.51
C THR E 436 33.84 17.76 -20.93
N ALA E 437 34.76 18.56 -21.47
CA ALA E 437 36.08 18.07 -21.89
C ALA E 437 37.10 19.19 -21.74
N LEU E 438 38.17 18.92 -20.99
CA LEU E 438 39.21 19.91 -20.71
C LEU E 438 40.54 19.46 -21.31
N PHE E 439 41.19 20.37 -22.01
CA PHE E 439 42.41 20.06 -22.75
C PHE E 439 43.52 21.03 -22.38
N THR E 440 44.76 20.62 -22.66
CA THR E 440 45.94 21.42 -22.38
C THR E 440 46.71 21.69 -23.66
N TRP E 441 47.14 22.94 -23.83
CA TRP E 441 47.96 23.34 -24.97
C TRP E 441 48.95 24.40 -24.52
N GLU E 442 50.22 24.19 -24.81
CA GLU E 442 51.29 25.08 -24.39
C GLU E 442 52.12 25.51 -25.60
N VAL E 443 52.40 26.80 -25.70
CA VAL E 443 53.17 27.36 -26.80
C VAL E 443 54.16 28.39 -26.25
N GLU E 444 55.38 28.39 -26.79
CA GLU E 444 56.39 29.31 -26.30
C GLU E 444 56.16 30.74 -26.76
N ARG E 445 55.57 30.92 -27.95
CA ARG E 445 55.42 32.26 -28.51
C ARG E 445 54.48 33.12 -27.68
N MET E 446 53.35 32.57 -27.25
CA MET E 446 52.33 33.34 -26.55
C MET E 446 52.04 32.87 -25.13
N GLY E 447 52.32 31.60 -24.80
CA GLY E 447 52.02 31.06 -23.50
C GLY E 447 51.19 29.80 -23.59
N TYR E 448 50.39 29.55 -22.57
CA TYR E 448 49.57 28.35 -22.48
C TYR E 448 48.12 28.68 -22.80
N THR E 449 47.53 27.91 -23.70
CA THR E 449 46.12 28.04 -24.06
C THR E 449 45.36 26.84 -23.53
N ILE E 450 44.52 27.07 -22.53
CA ILE E 450 43.72 26.01 -21.90
C ILE E 450 42.33 26.01 -22.53
N THR E 451 41.85 24.83 -22.90
CA THR E 451 40.59 24.69 -23.60
C THR E 451 39.62 23.86 -22.78
N LEU E 452 38.34 24.20 -22.87
CA LEU E 452 37.27 23.44 -22.23
C LEU E 452 36.15 23.24 -23.25
N TRP E 453 35.75 21.99 -23.43
CA TRP E 453 34.69 21.62 -24.36
C TRP E 453 33.55 20.97 -23.62
N ASP E 454 32.33 21.41 -23.91
CA ASP E 454 31.12 20.85 -23.33
C ASP E 454 30.59 19.76 -24.26
N LEU E 455 30.53 18.53 -23.77
CA LEU E 455 30.14 17.42 -24.62
C LEU E 455 28.69 17.56 -25.09
N GLU E 456 27.80 17.97 -24.19
CA GLU E 456 26.39 18.08 -24.54
C GLU E 456 26.07 19.41 -25.22
N THR E 457 26.69 20.51 -24.78
CA THR E 457 26.35 21.84 -25.28
C THR E 457 27.22 22.28 -26.45
N GLN E 458 28.27 21.53 -26.78
CA GLN E 458 29.14 21.81 -27.93
C GLN E 458 29.77 23.18 -27.88
N GLY E 459 30.03 23.71 -26.68
CA GLY E 459 30.68 25.00 -26.53
C GLY E 459 32.12 24.85 -26.10
N MET E 460 32.95 25.84 -26.47
CA MET E 460 34.37 25.81 -26.16
C MET E 460 34.78 27.13 -25.52
N GLN E 461 35.65 27.05 -24.51
CA GLN E 461 36.20 28.22 -23.85
C GLN E 461 37.72 28.10 -23.83
N CYS E 462 38.40 28.93 -24.61
CA CYS E 462 39.85 28.89 -24.74
C CYS E 462 40.43 30.20 -24.21
N PHE E 463 41.32 30.08 -23.22
CA PHE E 463 41.94 31.23 -22.57
C PHE E 463 43.45 31.19 -22.78
N SER E 464 44.03 32.36 -23.05
CA SER E 464 45.47 32.49 -23.25
C SER E 464 46.11 32.98 -21.95
N LEU E 465 47.24 32.37 -21.61
CA LEU E 465 47.96 32.69 -20.37
C LEU E 465 49.37 33.15 -20.69
N GLY E 466 50.14 33.42 -19.63
CA GLY E 466 51.50 33.89 -19.77
C GLY E 466 52.46 32.83 -20.27
N THR E 467 53.67 33.24 -20.62
CA THR E 467 54.66 32.35 -21.22
C THR E 467 55.46 31.57 -20.19
N LYS E 468 55.24 31.78 -18.90
CA LYS E 468 55.90 31.01 -17.84
C LYS E 468 54.80 30.30 -17.04
N CYS E 469 54.35 29.16 -17.57
CA CYS E 469 53.28 28.39 -16.96
C CYS E 469 53.18 27.04 -17.67
N ILE E 470 53.03 25.98 -16.87
CA ILE E 470 52.91 24.63 -17.43
C ILE E 470 51.79 23.90 -16.71
N PRO E 471 51.19 22.92 -17.38
CA PRO E 471 50.11 22.17 -16.75
C PRO E 471 50.63 21.22 -15.68
N VAL E 472 49.72 20.80 -14.81
CA VAL E 472 50.02 19.84 -13.76
C VAL E 472 48.85 18.87 -13.74
N ASP E 473 49.03 17.70 -14.36
CA ASP E 473 47.95 16.75 -14.53
C ASP E 473 47.48 16.23 -13.18
N SER E 474 46.30 16.67 -12.75
CA SER E 474 45.73 16.25 -11.48
C SER E 474 45.25 14.83 -11.64
N SER E 475 46.13 13.87 -11.33
CA SER E 475 45.81 12.46 -11.50
C SER E 475 44.79 12.02 -10.46
N GLY E 476 43.57 12.56 -10.55
CA GLY E 476 42.55 12.31 -9.56
C GLY E 476 41.13 12.67 -10.01
N ASP E 477 40.37 13.30 -9.12
CA ASP E 477 38.97 13.61 -9.37
C ASP E 477 38.70 15.06 -9.74
N GLN E 478 39.54 15.99 -9.32
CA GLN E 478 39.32 17.41 -9.56
C GLN E 478 39.88 17.77 -10.93
N GLN E 479 39.02 17.74 -11.94
CA GLN E 479 39.42 18.01 -13.32
C GLN E 479 39.22 19.47 -13.69
N LEU E 480 39.79 20.37 -12.89
CA LEU E 480 39.87 21.79 -13.22
C LEU E 480 41.32 22.14 -13.48
N CYS E 481 41.58 22.85 -14.57
CA CYS E 481 42.97 22.99 -15.01
C CYS E 481 43.79 23.70 -13.96
N PHE E 482 44.61 22.95 -13.24
CA PHE E 482 45.47 23.48 -12.19
C PHE E 482 46.81 23.85 -12.79
N VAL E 483 46.91 25.05 -13.34
CA VAL E 483 48.10 25.49 -14.08
C VAL E 483 49.05 26.12 -13.09
N LEU E 484 50.32 25.70 -13.15
CA LEU E 484 51.38 26.30 -12.33
C LEU E 484 51.80 27.60 -13.02
N THR E 485 51.42 28.72 -12.42
CA THR E 485 51.74 30.04 -12.94
C THR E 485 52.98 30.59 -12.23
N GLU E 486 53.29 31.86 -12.50
CA GLU E 486 54.48 32.46 -11.91
C GLU E 486 54.39 32.49 -10.40
N ASN E 487 53.22 32.88 -9.86
CA ASN E 487 53.04 32.87 -8.42
C ASN E 487 52.84 31.46 -7.88
N GLY E 488 52.46 30.51 -8.73
CA GLY E 488 52.31 29.14 -8.29
C GLY E 488 51.03 28.47 -8.71
N LEU E 489 50.39 27.79 -7.76
CA LEU E 489 49.17 27.03 -8.04
C LEU E 489 48.05 27.95 -8.50
N SER E 490 47.34 27.53 -9.55
CA SER E 490 46.27 28.33 -10.13
C SER E 490 45.23 27.41 -10.76
N LEU E 491 44.04 27.38 -10.19
CA LEU E 491 42.94 26.55 -10.66
C LEU E 491 42.02 27.39 -11.53
N ILE E 492 42.02 27.11 -12.83
CA ILE E 492 41.30 27.93 -13.79
C ILE E 492 39.89 27.37 -13.94
N LEU E 493 38.88 28.23 -13.73
CA LEU E 493 37.47 27.88 -13.87
C LEU E 493 36.81 28.80 -14.86
N PHE E 494 35.54 28.54 -15.15
CA PHE E 494 34.78 29.31 -16.13
C PHE E 494 33.43 29.73 -15.56
N GLY E 495 33.12 31.01 -15.71
CA GLY E 495 31.79 31.53 -15.40
C GLY E 495 31.56 31.94 -13.96
N LEU E 496 32.50 31.69 -13.07
CA LEU E 496 32.33 31.98 -11.65
C LEU E 496 32.91 33.34 -11.33
N THR E 497 32.06 34.28 -10.94
CA THR E 497 32.51 35.59 -10.51
C THR E 497 33.12 35.52 -9.13
N GLN E 498 34.01 36.47 -8.82
CA GLN E 498 34.64 36.49 -7.50
C GLN E 498 33.61 36.67 -6.41
N GLU E 499 32.65 37.56 -6.63
CA GLU E 499 31.56 37.70 -5.67
C GLU E 499 30.75 36.42 -5.56
N GLU E 500 30.42 35.79 -6.70
CA GLU E 500 29.63 34.57 -6.67
C GLU E 500 30.39 33.45 -5.97
N PHE E 501 31.68 33.30 -6.25
CA PHE E 501 32.48 32.26 -5.64
C PHE E 501 32.60 32.47 -4.12
N LEU E 502 32.95 33.68 -3.70
CA LEU E 502 33.10 33.94 -2.27
C LEU E 502 31.75 33.83 -1.56
N ASN E 503 30.67 34.26 -2.22
CA ASN E 503 29.34 34.12 -1.65
C ASN E 503 28.98 32.65 -1.47
N ARG E 504 29.34 31.80 -2.43
CA ARG E 504 29.06 30.38 -2.29
C ARG E 504 29.90 29.76 -1.19
N LEU E 505 31.14 30.22 -1.01
CA LEU E 505 31.93 29.76 0.12
C LEU E 505 31.27 30.16 1.44
N MET E 506 30.80 31.40 1.53
CA MET E 506 30.15 31.88 2.75
C MET E 506 28.85 31.14 3.01
N ILE E 507 28.06 30.89 1.96
CA ILE E 507 26.87 30.08 2.07
C ILE E 507 27.21 28.62 2.34
N HIS E 508 28.47 28.24 2.18
CA HIS E 508 28.99 26.92 2.53
C HIS E 508 29.68 26.90 3.88
N GLY E 509 30.41 27.95 4.24
CA GLY E 509 31.15 27.97 5.49
C GLY E 509 31.24 29.31 6.17
N SER E 510 32.31 29.55 6.92
CA SER E 510 32.51 30.80 7.63
C SER E 510 33.09 31.86 6.71
N ALA E 511 33.18 33.09 7.24
CA ALA E 511 33.74 34.20 6.46
C ALA E 511 35.26 34.17 6.39
N SER E 512 35.91 33.33 7.21
CA SER E 512 37.37 33.26 7.18
C SER E 512 37.88 32.80 5.82
N THR E 513 37.24 31.78 5.25
CA THR E 513 37.66 31.29 3.94
C THR E 513 37.47 32.36 2.88
N VAL E 514 36.38 33.11 2.95
CA VAL E 514 36.15 34.18 1.99
C VAL E 514 37.25 35.23 2.12
N ASP E 515 37.60 35.57 3.36
CA ASP E 515 38.67 36.54 3.57
C ASP E 515 39.99 36.04 2.98
N THR E 516 40.30 34.76 3.19
CA THR E 516 41.55 34.22 2.68
C THR E 516 41.59 34.27 1.16
N LEU E 517 40.52 33.78 0.51
CA LEU E 517 40.50 33.72 -0.95
C LEU E 517 40.44 35.11 -1.58
N CYS E 518 39.90 36.09 -0.88
CA CYS E 518 39.92 37.46 -1.39
C CYS E 518 41.27 38.13 -1.17
N HIS E 519 41.96 37.80 -0.08
CA HIS E 519 43.23 38.44 0.22
C HIS E 519 44.38 37.87 -0.61
N LEU E 520 44.35 36.57 -0.91
CA LEU E 520 45.49 35.93 -1.57
C LEU E 520 45.75 36.50 -2.96
N ASN E 521 44.81 37.23 -3.54
CA ASN E 521 45.04 37.92 -4.80
C ASN E 521 44.60 39.38 -4.71
#